data_6SLA
#
_entry.id   6SLA
#
_cell.length_a   76.156
_cell.length_b   73.050
_cell.length_c   130.304
_cell.angle_alpha   90.000
_cell.angle_beta   92.482
_cell.angle_gamma   90.000
#
_symmetry.space_group_name_H-M   'P 1 21 1'
#
loop_
_entity.id
_entity.type
_entity.pdbx_description
1 polymer 'Enoyl-CoA hydratase/carnithine racemase'
2 non-polymer '~{S}-[2-[3-[[(2~{R})-4-[[[(2~{R},3~{S},4~{R},5~{R})-5-(6-aminopurin-9-yl)-4-oxidanyl-3-phosphonooxy-oxolan-2-yl]methoxy-oxidanyl-phosphoryl]oxy-oxidanyl-phosphoryl]oxy-3,3-dimethyl-2-oxidanyl-butanoyl]amino]propanoylamino]ethyl] 2-(2,5-dihydrooxepin-7-yl)ethanethioate'
3 water water
#
_entity_poly.entity_id   1
_entity_poly.type   'polypeptide(L)'
_entity_poly.pdbx_seq_one_letter_code
;MILKERQDGVLVLTLNRPEKLNAITGELLDALYAALKEGEEDREVRALLLTGAGRAFSAGQDLTEFGDRKPDYEAHLRRY
NRVVEALSGLEKPLVVAVNGVAAGAGMSLALWGDLRLAAVGASFTTAFVRIGLVPNSGLSFLLPRLVGLAKAQELLLLSP
RLSAEEALALGLVHRVVPAEKLMEEALSLAKELAQGPTRAYALTKKLLLETYRLSLTEALALEAVLQGQAGQTQDHEEGV
RAFREKRPPRFQGR
;
_entity_poly.pdbx_strand_id   AAA,BBB,CCC,DDD,EEE,FFF
#
# COMPACT_ATOMS: atom_id res chain seq x y z
N MET A 1 21.98 59.53 14.13
CA MET A 1 22.41 58.07 14.38
C MET A 1 21.70 57.08 13.46
N ILE A 2 20.39 57.29 13.19
CA ILE A 2 19.73 56.68 12.07
C ILE A 2 19.12 57.79 11.19
N LEU A 3 19.68 57.99 9.99
CA LEU A 3 19.14 58.97 9.07
C LEU A 3 17.94 58.37 8.36
N LYS A 4 16.91 59.20 8.16
CA LYS A 4 15.71 58.82 7.44
C LYS A 4 15.58 59.70 6.22
N GLU A 5 14.82 59.24 5.23
CA GLU A 5 14.58 59.99 4.01
C GLU A 5 13.63 59.18 3.13
N ARG A 6 12.57 59.83 2.64
CA ARG A 6 11.59 59.19 1.78
C ARG A 6 11.84 59.56 0.33
N GLN A 7 11.38 58.70 -0.59
CA GLN A 7 11.53 58.92 -2.01
C GLN A 7 10.68 57.92 -2.76
N ASP A 8 9.55 58.38 -3.32
CA ASP A 8 8.73 57.57 -4.22
C ASP A 8 8.33 56.25 -3.56
N GLY A 9 7.93 56.36 -2.28
CA GLY A 9 7.39 55.21 -1.57
C GLY A 9 8.43 54.35 -0.88
N VAL A 10 9.70 54.78 -0.92
CA VAL A 10 10.82 54.06 -0.31
C VAL A 10 11.31 54.85 0.90
N LEU A 11 11.40 54.20 2.06
CA LEU A 11 12.06 54.77 3.22
C LEU A 11 13.50 54.26 3.34
N VAL A 12 14.45 55.20 3.23
CA VAL A 12 15.88 54.90 3.23
C VAL A 12 16.41 55.17 4.63
N LEU A 13 16.97 54.13 5.26
CA LEU A 13 17.50 54.24 6.61
C LEU A 13 19.00 54.04 6.54
N THR A 14 19.76 54.99 7.13
CA THR A 14 21.21 54.95 7.12
C THR A 14 21.75 54.85 8.54
N LEU A 15 22.54 53.81 8.81
CA LEU A 15 23.30 53.74 10.06
C LEU A 15 24.38 54.82 9.99
N ASN A 16 24.43 55.66 11.02
CA ASN A 16 25.23 56.88 10.97
C ASN A 16 26.06 57.04 12.24
N ARG A 17 27.09 56.18 12.39
CA ARG A 17 28.20 56.46 13.27
C ARG A 17 29.49 56.20 12.51
N PRO A 18 29.66 56.86 11.32
CA PRO A 18 30.62 56.42 10.31
C PRO A 18 32.06 56.35 10.78
N GLU A 19 32.41 57.20 11.76
CA GLU A 19 33.79 57.27 12.20
C GLU A 19 34.13 56.05 13.04
N LYS A 20 33.10 55.40 13.62
CA LYS A 20 33.28 54.17 14.37
C LYS A 20 32.73 52.98 13.58
N LEU A 21 32.65 53.16 12.25
CA LEU A 21 32.29 52.13 11.29
C LEU A 21 30.85 51.68 11.54
N ASN A 22 29.99 52.62 11.99
CA ASN A 22 28.60 52.36 12.29
C ASN A 22 28.49 51.23 13.31
N ALA A 23 29.45 51.13 14.25
CA ALA A 23 29.37 50.15 15.32
C ALA A 23 28.11 50.39 16.13
N ILE A 24 27.51 49.30 16.63
CA ILE A 24 26.16 49.33 17.15
C ILE A 24 26.18 49.59 18.65
N THR A 25 25.33 50.55 19.08
CA THR A 25 25.11 50.84 20.49
C THR A 25 23.62 50.75 20.78
N GLY A 26 23.28 50.65 22.09
CA GLY A 26 21.90 50.64 22.55
C GLY A 26 21.08 51.78 21.93
N GLU A 27 21.68 52.97 21.89
CA GLU A 27 20.99 54.15 21.37
C GLU A 27 20.66 53.94 19.90
N LEU A 28 21.64 53.42 19.13
CA LEU A 28 21.44 53.24 17.70
C LEU A 28 20.33 52.22 17.48
N LEU A 29 20.33 51.13 18.27
CA LEU A 29 19.29 50.11 18.22
C LEU A 29 17.93 50.75 18.50
N ASP A 30 17.86 51.65 19.51
CA ASP A 30 16.61 52.31 19.88
C ASP A 30 16.13 53.19 18.73
N ALA A 31 17.05 53.92 18.10
CA ALA A 31 16.69 54.76 16.98
C ALA A 31 16.27 53.90 15.78
N LEU A 32 16.98 52.76 15.57
CA LEU A 32 16.64 51.87 14.45
C LEU A 32 15.25 51.27 14.64
N TYR A 33 14.96 50.79 15.86
CA TYR A 33 13.64 50.29 16.18
C TYR A 33 12.55 51.31 15.83
N ALA A 34 12.76 52.58 16.19
CA ALA A 34 11.75 53.61 16.01
C ALA A 34 11.49 53.84 14.52
N ALA A 35 12.58 53.98 13.75
CA ALA A 35 12.47 54.19 12.31
C ALA A 35 11.71 53.02 11.67
N LEU A 36 11.95 51.80 12.15
CA LEU A 36 11.36 50.62 11.54
C LEU A 36 9.88 50.54 11.89
N LYS A 37 9.53 50.91 13.13
CA LYS A 37 8.13 50.96 13.52
C LYS A 37 7.40 52.01 12.67
N GLU A 38 8.02 53.17 12.50
CA GLU A 38 7.43 54.21 11.68
C GLU A 38 7.24 53.71 10.25
N GLY A 39 8.29 53.11 9.67
CA GLY A 39 8.25 52.61 8.31
C GLY A 39 7.16 51.56 8.10
N GLU A 40 6.98 50.70 9.12
CA GLU A 40 5.96 49.67 9.07
C GLU A 40 4.56 50.31 9.00
N GLU A 41 4.33 51.35 9.82
CA GLU A 41 3.00 51.92 10.02
C GLU A 41 2.62 52.90 8.91
N ASP A 42 3.63 53.48 8.24
CA ASP A 42 3.37 54.43 7.16
C ASP A 42 2.93 53.68 5.90
N ARG A 43 1.68 53.92 5.48
CA ARG A 43 1.09 53.21 4.36
C ARG A 43 1.67 53.70 3.04
N GLU A 44 2.24 54.91 3.06
CA GLU A 44 2.83 55.47 1.85
C GLU A 44 4.19 54.86 1.58
N VAL A 45 4.73 54.13 2.58
CA VAL A 45 6.00 53.43 2.47
C VAL A 45 5.72 51.98 2.04
N ARG A 46 6.28 51.62 0.87
CA ARG A 46 6.00 50.33 0.27
C ARG A 46 7.30 49.53 0.11
N ALA A 47 8.43 50.11 0.55
CA ALA A 47 9.72 49.48 0.54
C ALA A 47 10.67 50.24 1.47
N LEU A 48 11.61 49.51 2.08
CA LEU A 48 12.68 50.09 2.87
C LEU A 48 14.03 49.74 2.23
N LEU A 49 15.03 50.60 2.47
CA LEU A 49 16.39 50.43 2.01
C LEU A 49 17.31 50.78 3.18
N LEU A 50 18.08 49.80 3.66
CA LEU A 50 18.99 49.98 4.79
C LEU A 50 20.43 49.99 4.30
N THR A 51 21.20 50.98 4.78
CA THR A 51 22.59 51.11 4.37
C THR A 51 23.41 51.72 5.50
N GLY A 52 24.73 51.81 5.26
CA GLY A 52 25.61 52.47 6.20
C GLY A 52 26.20 53.76 5.65
N ALA A 53 26.52 54.69 6.54
CA ALA A 53 27.27 55.88 6.20
C ALA A 53 28.77 55.57 6.22
N GLY A 54 29.52 56.17 5.29
CA GLY A 54 30.97 56.08 5.26
C GLY A 54 31.48 54.82 4.61
N ARG A 55 32.57 54.26 5.16
CA ARG A 55 33.39 53.21 4.56
C ARG A 55 32.74 51.84 4.80
N ALA A 56 31.93 51.75 5.85
CA ALA A 56 31.46 50.47 6.36
C ALA A 56 29.94 50.42 6.37
N PHE A 57 29.40 49.18 6.29
CA PHE A 57 28.00 48.95 6.59
C PHE A 57 27.80 49.01 8.10
N SER A 58 28.41 48.05 8.82
CA SER A 58 28.53 48.12 10.26
C SER A 58 29.50 47.06 10.76
N ALA A 59 30.38 47.48 11.67
CA ALA A 59 31.39 46.65 12.31
C ALA A 59 30.79 45.89 13.50
N GLY A 60 29.47 45.95 13.68
CA GLY A 60 28.84 45.18 14.75
C GLY A 60 28.88 45.93 16.08
N GLN A 61 28.58 45.21 17.16
CA GLN A 61 28.52 45.76 18.51
C GLN A 61 29.77 46.60 18.77
N ASP A 62 29.56 47.83 19.26
CA ASP A 62 30.62 48.71 19.71
C ASP A 62 31.22 48.18 21.00
N LEU A 63 32.50 47.81 20.96
CA LEU A 63 33.12 47.13 22.08
C LEU A 63 33.65 48.13 23.10
N THR A 64 33.18 49.39 23.02
CA THR A 64 33.55 50.46 23.94
C THR A 64 32.31 51.02 24.64
N GLU A 65 31.20 50.27 24.61
CA GLU A 65 29.93 50.76 25.13
C GLU A 65 29.84 50.63 26.66
N ALA A 75 19.31 41.20 28.69
CA ALA A 75 19.08 42.61 29.06
C ALA A 75 19.25 43.47 27.81
N HIS A 76 20.51 43.57 27.37
CA HIS A 76 20.89 44.23 26.14
C HIS A 76 20.57 43.32 24.96
N LEU A 77 20.52 42.01 25.22
CA LEU A 77 20.17 41.09 24.14
C LEU A 77 18.72 41.30 23.71
N ARG A 78 17.87 41.62 24.68
CA ARG A 78 16.46 41.86 24.41
C ARG A 78 16.32 43.07 23.46
N ARG A 79 17.26 44.01 23.52
CA ARG A 79 17.24 45.18 22.65
C ARG A 79 17.49 44.79 21.19
N TYR A 80 18.53 43.98 20.94
CA TYR A 80 18.79 43.47 19.59
C TYR A 80 17.57 42.74 19.04
N ASN A 81 16.98 41.86 19.87
CA ASN A 81 15.88 40.99 19.49
C ASN A 81 14.67 41.82 19.05
N ARG A 82 14.41 42.93 19.74
CA ARG A 82 13.29 43.77 19.38
C ARG A 82 13.48 44.32 17.97
N VAL A 83 14.69 44.79 17.68
CA VAL A 83 15.03 45.29 16.35
C VAL A 83 14.88 44.18 15.31
N VAL A 84 15.30 42.95 15.66
CA VAL A 84 15.23 41.90 14.66
C VAL A 84 13.77 41.54 14.39
N GLU A 85 12.92 41.47 15.43
CA GLU A 85 11.49 41.20 15.24
C GLU A 85 10.90 42.27 14.34
N ALA A 86 11.34 43.52 14.52
CA ALA A 86 10.83 44.58 13.68
C ALA A 86 11.37 44.50 12.24
N LEU A 87 12.68 44.21 12.06
CA LEU A 87 13.27 44.04 10.74
C LEU A 87 12.59 42.91 9.98
N SER A 88 12.48 41.75 10.63
CA SER A 88 12.04 40.50 10.01
C SER A 88 10.55 40.54 9.71
N GLY A 89 9.78 41.30 10.51
CA GLY A 89 8.32 41.29 10.45
C GLY A 89 7.74 42.41 9.61
N LEU A 90 8.63 43.17 8.96
CA LEU A 90 8.29 44.25 8.05
C LEU A 90 7.31 43.69 7.02
N GLU A 91 6.18 44.38 6.84
CA GLU A 91 5.18 43.90 5.90
C GLU A 91 5.35 44.61 4.56
N LYS A 92 6.59 44.58 4.06
CA LYS A 92 7.12 45.47 3.03
C LYS A 92 8.51 44.95 2.65
N PRO A 93 8.87 44.90 1.36
CA PRO A 93 10.20 44.41 0.98
C PRO A 93 11.26 45.33 1.61
N LEU A 94 12.36 44.72 2.09
CA LEU A 94 13.50 45.41 2.60
C LEU A 94 14.68 45.17 1.66
N VAL A 95 15.26 46.25 1.14
CA VAL A 95 16.48 46.13 0.37
C VAL A 95 17.61 46.54 1.26
N VAL A 96 18.74 45.84 1.14
CA VAL A 96 19.93 46.19 1.92
C VAL A 96 21.07 46.47 0.94
N ALA A 97 21.75 47.59 1.16
CA ALA A 97 22.89 47.98 0.35
C ALA A 97 24.12 48.01 1.23
N VAL A 98 24.97 46.99 1.11
CA VAL A 98 26.14 46.81 1.97
C VAL A 98 27.33 47.52 1.32
N ASN A 99 27.66 48.70 1.87
CA ASN A 99 28.51 49.68 1.21
C ASN A 99 29.95 49.48 1.65
N GLY A 100 30.13 48.61 2.66
CA GLY A 100 31.45 48.32 3.19
C GLY A 100 31.37 47.11 4.11
N VAL A 101 32.28 47.03 5.08
CA VAL A 101 32.38 45.83 5.88
C VAL A 101 31.10 45.67 6.74
N ALA A 102 30.63 44.42 6.80
CA ALA A 102 29.61 43.96 7.73
C ALA A 102 30.19 42.85 8.60
N ALA A 103 30.34 43.15 9.90
CA ALA A 103 30.91 42.22 10.88
C ALA A 103 29.93 42.02 12.05
N GLY A 104 29.94 40.81 12.63
CA GLY A 104 29.11 40.56 13.81
C GLY A 104 27.63 40.87 13.56
N ALA A 105 26.99 41.61 14.46
CA ALA A 105 25.56 41.90 14.32
C ALA A 105 25.35 42.81 13.11
N GLY A 106 26.44 43.42 12.66
CA GLY A 106 26.43 44.17 11.42
C GLY A 106 26.11 43.26 10.24
N MET A 107 26.76 42.11 10.20
CA MET A 107 26.45 41.06 9.24
C MET A 107 25.02 40.53 9.48
N SER A 108 24.64 40.31 10.73
CA SER A 108 23.27 39.90 11.04
C SER A 108 22.28 40.86 10.42
N LEU A 109 22.45 42.16 10.63
CA LEU A 109 21.49 43.12 10.11
C LEU A 109 21.48 43.08 8.59
N ALA A 110 22.67 43.02 7.97
CA ALA A 110 22.75 43.03 6.51
C ALA A 110 21.92 41.89 5.94
N LEU A 111 21.99 40.72 6.60
CA LEU A 111 21.44 39.50 6.03
C LEU A 111 19.92 39.45 6.12
N TRP A 112 19.31 40.40 6.84
CA TRP A 112 17.86 40.45 7.00
C TRP A 112 17.20 41.11 5.79
N GLY A 113 18.00 41.69 4.89
CA GLY A 113 17.46 42.17 3.64
C GLY A 113 16.77 41.03 2.92
N ASP A 114 15.63 41.34 2.26
CA ASP A 114 15.01 40.36 1.37
C ASP A 114 15.79 40.35 0.07
N LEU A 115 16.24 41.54 -0.36
CA LEU A 115 17.13 41.62 -1.50
C LEU A 115 18.37 42.36 -1.05
N ARG A 116 19.55 41.81 -1.38
CA ARG A 116 20.78 42.34 -0.81
C ARG A 116 21.76 42.64 -1.94
N LEU A 117 22.29 43.86 -1.92
CA LEU A 117 23.34 44.30 -2.84
C LEU A 117 24.58 44.68 -2.04
N ALA A 118 25.75 44.34 -2.56
CA ALA A 118 27.01 44.76 -1.94
C ALA A 118 27.83 45.55 -2.97
N ALA A 119 28.64 46.48 -2.47
CA ALA A 119 29.66 47.17 -3.24
C ALA A 119 30.81 46.18 -3.51
N VAL A 120 31.42 46.32 -4.69
CA VAL A 120 32.64 45.57 -4.97
C VAL A 120 33.58 45.42 -3.77
N GLY A 121 33.93 46.47 -3.01
CA GLY A 121 34.94 46.28 -1.97
C GLY A 121 34.34 46.02 -0.59
N ALA A 122 33.03 45.77 -0.52
CA ALA A 122 32.40 45.37 0.74
C ALA A 122 32.88 43.97 1.12
N SER A 123 32.62 43.58 2.38
CA SER A 123 33.13 42.32 2.91
C SER A 123 32.30 41.89 4.12
N PHE A 124 32.43 40.62 4.51
CA PHE A 124 31.56 40.02 5.52
C PHE A 124 32.39 39.13 6.43
N THR A 125 32.24 39.33 7.74
CA THR A 125 32.87 38.44 8.72
C THR A 125 31.93 38.27 9.91
N THR A 126 31.74 37.03 10.32
CA THR A 126 30.85 36.70 11.42
C THR A 126 31.37 37.33 12.71
N ALA A 127 32.69 37.23 12.95
CA ALA A 127 33.38 37.97 13.99
C ALA A 127 33.12 37.38 15.38
N PHE A 128 31.87 37.01 15.68
CA PHE A 128 31.49 36.62 17.03
C PHE A 128 32.54 35.78 17.78
N VAL A 129 33.03 34.70 17.20
CA VAL A 129 33.85 33.74 17.93
C VAL A 129 35.21 34.34 18.32
N ARG A 130 35.67 35.33 17.54
CA ARG A 130 36.93 36.00 17.78
C ARG A 130 36.89 36.78 19.09
N ILE A 131 35.69 37.09 19.59
CA ILE A 131 35.47 37.84 20.82
C ILE A 131 34.97 36.86 21.90
N GLY A 132 35.04 35.55 21.61
CA GLY A 132 34.53 34.50 22.49
C GLY A 132 33.01 34.48 22.66
N LEU A 133 32.27 34.94 21.64
CA LEU A 133 30.81 35.02 21.68
C LEU A 133 30.18 34.07 20.66
N VAL A 134 28.89 33.84 20.83
CA VAL A 134 28.07 33.08 19.89
C VAL A 134 27.38 34.06 18.95
N PRO A 135 26.82 33.62 17.79
CA PRO A 135 26.12 34.55 16.89
C PRO A 135 24.83 35.05 17.55
N ASN A 136 24.46 36.27 17.21
CA ASN A 136 23.38 37.03 17.78
C ASN A 136 22.51 37.63 16.68
N SER A 137 21.41 38.30 17.07
CA SER A 137 20.66 39.13 16.14
C SER A 137 20.17 38.31 14.97
N GLY A 138 19.96 37.01 15.19
CA GLY A 138 19.31 36.16 14.20
C GLY A 138 20.30 35.40 13.32
N LEU A 139 21.61 35.56 13.52
CA LEU A 139 22.55 35.00 12.56
C LEU A 139 22.55 33.47 12.61
N SER A 140 22.36 32.90 13.79
CA SER A 140 22.33 31.45 13.93
C SER A 140 21.08 30.89 13.24
N PHE A 141 20.04 31.73 13.13
CA PHE A 141 18.83 31.43 12.39
C PHE A 141 19.08 31.57 10.88
N LEU A 142 19.51 32.78 10.46
CA LEU A 142 19.55 33.14 9.04
C LEU A 142 20.63 32.35 8.29
N LEU A 143 21.83 32.26 8.87
CA LEU A 143 23.00 31.85 8.11
C LEU A 143 22.83 30.43 7.58
N PRO A 144 22.51 29.41 8.42
CA PRO A 144 22.37 28.03 7.93
C PRO A 144 21.27 27.95 6.88
N ARG A 145 20.18 28.72 7.05
CA ARG A 145 19.12 28.78 6.06
C ARG A 145 19.63 29.35 4.73
N LEU A 146 20.46 30.40 4.78
CA LEU A 146 20.88 31.12 3.58
C LEU A 146 21.93 30.32 2.79
N VAL A 147 22.92 29.71 3.49
CA VAL A 147 24.06 29.19 2.78
C VAL A 147 24.26 27.70 3.05
N GLY A 148 23.40 27.14 3.92
CA GLY A 148 23.42 25.73 4.27
C GLY A 148 24.32 25.52 5.47
N LEU A 149 24.12 24.38 6.16
CA LEU A 149 24.88 24.11 7.38
C LEU A 149 26.39 24.06 7.15
N ALA A 150 26.85 23.47 6.04
CA ALA A 150 28.28 23.25 5.85
C ALA A 150 29.05 24.58 5.81
N LYS A 151 28.55 25.56 5.07
CA LYS A 151 29.18 26.87 4.98
C LYS A 151 28.98 27.66 6.27
N ALA A 152 27.82 27.45 6.92
CA ALA A 152 27.55 28.12 8.19
C ALA A 152 28.59 27.76 9.23
N GLN A 153 28.87 26.46 9.37
CA GLN A 153 29.87 25.93 10.31
C GLN A 153 31.20 26.62 10.10
N GLU A 154 31.68 26.66 8.85
CA GLU A 154 32.97 27.22 8.52
C GLU A 154 32.93 28.74 8.78
N LEU A 155 31.91 29.43 8.30
CA LEU A 155 31.87 30.88 8.41
C LEU A 155 31.84 31.29 9.87
N LEU A 156 31.06 30.54 10.69
CA LEU A 156 30.89 30.88 12.10
C LEU A 156 32.11 30.47 12.94
N LEU A 157 32.63 29.26 12.72
CA LEU A 157 33.63 28.75 13.67
C LEU A 157 35.01 29.33 13.35
N LEU A 158 35.29 29.67 12.07
CA LEU A 158 36.62 30.12 11.68
C LEU A 158 36.63 31.62 11.44
N SER A 159 35.43 32.21 11.26
CA SER A 159 35.28 33.63 11.04
C SER A 159 36.23 34.15 9.94
N PRO A 160 36.28 33.56 8.74
CA PRO A 160 37.04 34.20 7.65
C PRO A 160 36.35 35.51 7.19
N ARG A 161 37.11 36.32 6.48
CA ARG A 161 36.56 37.51 5.85
C ARG A 161 36.20 37.18 4.40
N LEU A 162 34.92 37.26 4.05
CA LEU A 162 34.45 37.03 2.69
C LEU A 162 34.41 38.34 1.92
N SER A 163 34.79 38.28 0.65
CA SER A 163 34.71 39.42 -0.25
C SER A 163 33.29 39.49 -0.80
N ALA A 164 33.00 40.57 -1.53
CA ALA A 164 31.71 40.73 -2.17
C ALA A 164 31.43 39.60 -3.16
N GLU A 165 32.46 39.24 -3.95
CA GLU A 165 32.30 38.24 -5.01
C GLU A 165 32.01 36.86 -4.39
N GLU A 166 32.67 36.54 -3.26
CA GLU A 166 32.41 35.26 -2.61
C GLU A 166 31.02 35.27 -1.98
N ALA A 167 30.63 36.42 -1.40
CA ALA A 167 29.31 36.55 -0.80
C ALA A 167 28.23 36.34 -1.85
N LEU A 168 28.46 36.86 -3.07
CA LEU A 168 27.54 36.68 -4.19
C LEU A 168 27.40 35.20 -4.54
N ALA A 169 28.53 34.48 -4.57
CA ALA A 169 28.54 33.08 -4.94
C ALA A 169 27.72 32.26 -3.94
N LEU A 170 27.81 32.59 -2.65
CA LEU A 170 27.14 31.82 -1.62
C LEU A 170 25.66 32.21 -1.48
N GLY A 171 25.24 33.31 -2.11
CA GLY A 171 23.89 33.82 -1.91
C GLY A 171 23.76 34.83 -0.76
N LEU A 172 24.86 35.16 -0.08
CA LEU A 172 24.84 36.17 0.97
C LEU A 172 24.38 37.52 0.40
N VAL A 173 24.71 37.81 -0.86
CA VAL A 173 24.17 38.99 -1.54
C VAL A 173 23.69 38.55 -2.91
N HIS A 174 22.76 39.31 -3.48
CA HIS A 174 22.10 38.93 -4.71
C HIS A 174 22.72 39.64 -5.90
N ARG A 175 23.45 40.73 -5.64
CA ARG A 175 24.05 41.54 -6.69
C ARG A 175 25.26 42.30 -6.13
N VAL A 176 26.32 42.38 -6.95
CA VAL A 176 27.51 43.14 -6.61
C VAL A 176 27.63 44.31 -7.59
N VAL A 177 27.94 45.51 -7.06
CA VAL A 177 27.96 46.73 -7.85
C VAL A 177 29.11 47.60 -7.40
N PRO A 178 29.75 48.39 -8.30
CA PRO A 178 30.80 49.34 -7.87
C PRO A 178 30.24 50.30 -6.82
N ALA A 179 31.08 50.65 -5.85
CA ALA A 179 30.74 51.48 -4.69
C ALA A 179 29.90 52.70 -5.06
N GLU A 180 30.33 53.41 -6.12
CA GLU A 180 29.77 54.72 -6.46
C GLU A 180 28.40 54.54 -7.10
N LYS A 181 28.05 53.29 -7.47
CA LYS A 181 26.76 53.04 -8.11
C LYS A 181 25.81 52.30 -7.18
N LEU A 182 26.27 51.88 -6.00
CA LEU A 182 25.53 50.96 -5.16
C LEU A 182 24.18 51.58 -4.78
N MET A 183 24.19 52.80 -4.27
CA MET A 183 22.95 53.42 -3.81
C MET A 183 22.00 53.66 -4.97
N GLU A 184 22.54 54.00 -6.14
CA GLU A 184 21.70 54.25 -7.29
C GLU A 184 20.97 52.96 -7.68
N GLU A 185 21.67 51.81 -7.69
CA GLU A 185 21.06 50.53 -8.03
C GLU A 185 20.12 50.04 -6.92
N ALA A 186 20.56 50.18 -5.67
CA ALA A 186 19.74 49.71 -4.54
C ALA A 186 18.42 50.48 -4.49
N LEU A 187 18.51 51.82 -4.60
CA LEU A 187 17.34 52.68 -4.53
C LEU A 187 16.43 52.42 -5.74
N SER A 188 17.04 52.14 -6.89
CA SER A 188 16.30 51.87 -8.10
C SER A 188 15.51 50.58 -7.95
N LEU A 189 16.13 49.56 -7.35
CA LEU A 189 15.44 48.32 -7.04
C LEU A 189 14.31 48.57 -6.02
N ALA A 190 14.62 49.32 -4.96
CA ALA A 190 13.65 49.63 -3.92
C ALA A 190 12.44 50.36 -4.50
N LYS A 191 12.68 51.28 -5.45
CA LYS A 191 11.59 52.05 -6.06
C LYS A 191 10.69 51.14 -6.86
N GLU A 192 11.29 50.19 -7.61
CA GLU A 192 10.54 49.21 -8.38
C GLU A 192 9.71 48.32 -7.47
N LEU A 193 10.31 47.84 -6.39
CA LEU A 193 9.57 47.04 -5.42
C LEU A 193 8.44 47.87 -4.80
N ALA A 194 8.66 49.16 -4.65
CA ALA A 194 7.70 50.05 -4.04
C ALA A 194 6.46 50.23 -4.94
N GLN A 195 6.58 49.86 -6.23
CA GLN A 195 5.47 49.87 -7.18
C GLN A 195 4.76 48.52 -7.24
N GLY A 196 5.35 47.50 -6.62
CA GLY A 196 4.89 46.12 -6.77
C GLY A 196 3.85 45.74 -5.70
N PRO A 197 3.38 44.49 -5.67
CA PRO A 197 2.27 44.08 -4.80
C PRO A 197 2.71 43.86 -3.34
N THR A 198 2.68 44.97 -2.58
CA THR A 198 3.20 45.00 -1.23
C THR A 198 2.66 43.86 -0.35
N ARG A 199 1.36 43.58 -0.47
CA ARG A 199 0.76 42.52 0.33
C ARG A 199 1.34 41.16 -0.04
N ALA A 200 1.49 40.91 -1.35
CA ALA A 200 2.08 39.65 -1.78
C ALA A 200 3.50 39.52 -1.20
N TYR A 201 4.27 40.61 -1.24
CA TYR A 201 5.60 40.61 -0.67
C TYR A 201 5.55 40.24 0.83
N ALA A 202 4.70 40.95 1.59
CA ALA A 202 4.63 40.77 3.03
C ALA A 202 4.28 39.33 3.39
N LEU A 203 3.30 38.75 2.67
CA LEU A 203 2.82 37.41 3.02
C LEU A 203 3.78 36.31 2.60
N THR A 204 4.48 36.51 1.46
CA THR A 204 5.56 35.63 1.05
C THR A 204 6.63 35.58 2.15
N LYS A 205 6.93 36.74 2.78
CA LYS A 205 7.95 36.76 3.80
C LYS A 205 7.50 36.00 5.04
N LYS A 206 6.21 36.06 5.37
CA LYS A 206 5.69 35.35 6.52
C LYS A 206 5.86 33.84 6.28
N LEU A 207 5.63 33.39 5.05
CA LEU A 207 5.80 31.98 4.73
C LEU A 207 7.27 31.57 4.82
N LEU A 208 8.18 32.43 4.34
CA LEU A 208 9.60 32.08 4.34
C LEU A 208 10.11 32.00 5.79
N LEU A 209 9.63 32.90 6.64
CA LEU A 209 10.07 32.94 8.03
C LEU A 209 9.71 31.63 8.74
N GLU A 210 8.65 30.95 8.34
CA GLU A 210 8.14 29.81 9.09
C GLU A 210 8.55 28.47 8.47
N THR A 211 9.06 28.49 7.25
CA THR A 211 8.99 27.30 6.41
C THR A 211 9.70 26.09 7.04
N TYR A 212 10.87 26.30 7.65
CA TYR A 212 11.75 25.21 8.05
C TYR A 212 11.22 24.41 9.21
N ARG A 213 10.40 25.03 10.08
CA ARG A 213 9.94 24.30 11.25
C ARG A 213 8.61 23.60 11.03
N LEU A 214 8.02 23.77 9.82
CA LEU A 214 6.69 23.28 9.54
C LEU A 214 6.73 21.95 8.81
N SER A 215 5.76 21.07 9.15
CA SER A 215 5.51 19.89 8.37
C SER A 215 4.87 20.35 7.05
N LEU A 216 4.93 19.49 6.02
CA LEU A 216 4.29 19.82 4.77
C LEU A 216 2.82 20.16 5.06
N THR A 217 2.13 19.32 5.84
CA THR A 217 0.70 19.51 6.08
C THR A 217 0.44 20.93 6.59
N GLU A 218 1.18 21.34 7.63
CA GLU A 218 0.97 22.66 8.17
C GLU A 218 1.38 23.75 7.18
N ALA A 219 2.43 23.48 6.40
CA ALA A 219 2.86 24.46 5.42
C ALA A 219 1.74 24.72 4.41
N LEU A 220 1.11 23.63 3.93
CA LEU A 220 0.01 23.74 2.99
C LEU A 220 -1.15 24.49 3.63
N ALA A 221 -1.43 24.26 4.92
CA ALA A 221 -2.53 24.97 5.57
C ALA A 221 -2.25 26.49 5.65
N LEU A 222 -1.01 26.86 6.03
CA LEU A 222 -0.67 28.27 6.15
C LEU A 222 -0.71 28.94 4.76
N GLU A 223 -0.21 28.24 3.73
CA GLU A 223 -0.24 28.76 2.37
C GLU A 223 -1.69 29.07 2.00
N ALA A 224 -2.62 28.13 2.32
CA ALA A 224 -4.03 28.32 2.02
C ALA A 224 -4.54 29.56 2.73
N VAL A 225 -4.27 29.70 4.03
CA VAL A 225 -4.81 30.84 4.75
C VAL A 225 -4.31 32.14 4.13
N LEU A 226 -2.99 32.22 3.90
CA LEU A 226 -2.41 33.47 3.45
C LEU A 226 -2.73 33.72 1.97
N GLN A 227 -2.87 32.66 1.19
CA GLN A 227 -3.28 32.79 -0.20
C GLN A 227 -4.70 33.32 -0.25
N GLY A 228 -5.54 32.85 0.69
CA GLY A 228 -6.90 33.32 0.90
C GLY A 228 -6.92 34.84 1.02
N GLN A 229 -6.02 35.38 1.84
CA GLN A 229 -5.96 36.82 2.07
C GLN A 229 -5.39 37.54 0.85
N ALA A 230 -4.33 37.00 0.24
CA ALA A 230 -3.77 37.63 -0.94
C ALA A 230 -4.84 37.72 -2.02
N GLY A 231 -5.67 36.66 -2.10
CA GLY A 231 -6.72 36.49 -3.08
C GLY A 231 -7.79 37.59 -3.02
N GLN A 232 -7.93 38.26 -1.87
CA GLN A 232 -8.96 39.26 -1.67
C GLN A 232 -8.40 40.68 -1.70
N THR A 233 -7.17 40.82 -2.18
CA THR A 233 -6.57 42.14 -2.31
C THR A 233 -6.95 42.73 -3.67
N GLN A 234 -6.95 44.07 -3.78
CA GLN A 234 -7.20 44.73 -5.06
C GLN A 234 -6.07 44.36 -6.02
N ASP A 235 -4.84 44.23 -5.49
CA ASP A 235 -3.68 43.96 -6.30
C ASP A 235 -3.81 42.63 -7.05
N HIS A 236 -4.49 41.65 -6.44
CA HIS A 236 -4.66 40.37 -7.12
C HIS A 236 -5.64 40.51 -8.28
N GLU A 237 -6.76 41.20 -8.02
CA GLU A 237 -7.75 41.51 -9.04
C GLU A 237 -7.01 42.19 -10.21
N GLU A 238 -6.27 43.25 -9.88
CA GLU A 238 -5.45 43.99 -10.84
C GLU A 238 -4.50 43.05 -11.57
N GLY A 239 -3.87 42.13 -10.83
CA GLY A 239 -2.90 41.22 -11.41
C GLY A 239 -3.51 40.36 -12.52
N VAL A 240 -4.68 39.78 -12.21
CA VAL A 240 -5.36 38.89 -13.12
C VAL A 240 -5.88 39.69 -14.32
N ARG A 241 -6.41 40.88 -14.04
CA ARG A 241 -6.95 41.74 -15.09
C ARG A 241 -5.82 42.11 -16.04
N ALA A 242 -4.66 42.48 -15.49
CA ALA A 242 -3.50 42.88 -16.26
C ALA A 242 -3.11 41.77 -17.24
N PHE A 243 -3.09 40.52 -16.75
CA PHE A 243 -2.67 39.42 -17.61
C PHE A 243 -3.65 39.24 -18.77
N ARG A 244 -4.95 39.31 -18.47
CA ARG A 244 -6.00 39.17 -19.48
C ARG A 244 -5.82 40.23 -20.58
N GLU A 245 -5.69 41.50 -20.19
CA GLU A 245 -5.56 42.61 -21.12
C GLU A 245 -4.07 42.91 -21.36
N LYS A 246 -3.39 42.05 -22.13
CA LYS A 246 -1.94 41.94 -22.20
C LYS A 246 -1.20 43.26 -21.95
N ARG A 247 -1.27 43.76 -20.70
CA ARG A 247 -0.61 45.00 -20.29
C ARG A 247 0.07 44.77 -18.94
N PRO A 248 1.09 45.59 -18.57
CA PRO A 248 1.67 45.53 -17.23
C PRO A 248 0.65 45.93 -16.15
N PRO A 249 0.66 45.24 -14.97
CA PRO A 249 -0.21 45.62 -13.86
C PRO A 249 0.23 46.92 -13.19
N ARG A 250 -0.72 47.60 -12.53
CA ARG A 250 -0.38 48.75 -11.72
C ARG A 250 -0.90 48.47 -10.31
N PHE A 251 0.03 48.19 -9.40
CA PHE A 251 -0.30 47.69 -8.07
C PHE A 251 -0.32 48.86 -7.10
N GLN A 252 -1.11 48.73 -6.02
CA GLN A 252 -1.24 49.81 -5.04
C GLN A 252 -0.78 49.33 -3.66
N GLY A 253 -0.70 48.01 -3.48
CA GLY A 253 -0.30 47.42 -2.21
C GLY A 253 -1.45 47.18 -1.24
N ARG A 254 -2.66 46.86 -1.78
CA ARG A 254 -3.82 46.59 -0.94
C ARG A 254 -4.86 45.73 -1.68
N MET B 1 -6.77 14.88 -20.56
CA MET B 1 -6.28 15.99 -19.66
C MET B 1 -5.08 15.57 -18.80
N ILE B 2 -5.11 14.33 -18.28
CA ILE B 2 -3.92 13.65 -17.82
C ILE B 2 -3.81 12.32 -18.58
N LEU B 3 -2.77 12.21 -19.42
CA LEU B 3 -2.55 10.96 -20.15
C LEU B 3 -1.80 10.02 -19.22
N LYS B 4 -2.20 8.74 -19.28
CA LYS B 4 -1.59 7.68 -18.48
C LYS B 4 -1.00 6.66 -19.46
N GLU B 5 -0.04 5.86 -18.96
CA GLU B 5 0.62 4.86 -19.77
C GLU B 5 1.63 4.15 -18.88
N ARG B 6 1.57 2.81 -18.86
CA ARG B 6 2.45 1.99 -18.04
C ARG B 6 3.53 1.38 -18.93
N GLN B 7 4.66 1.00 -18.33
CA GLN B 7 5.81 0.53 -19.10
C GLN B 7 6.90 0.08 -18.12
N ASP B 8 7.06 -1.24 -18.00
CA ASP B 8 8.13 -1.84 -17.20
C ASP B 8 8.12 -1.31 -15.77
N GLY B 9 6.91 -1.20 -15.20
CA GLY B 9 6.74 -0.85 -13.80
C GLY B 9 6.68 0.67 -13.56
N VAL B 10 6.69 1.47 -14.64
CA VAL B 10 6.68 2.93 -14.56
C VAL B 10 5.34 3.43 -15.07
N LEU B 11 4.69 4.29 -14.26
CA LEU B 11 3.49 5.00 -14.70
C LEU B 11 3.88 6.40 -15.15
N VAL B 12 3.64 6.68 -16.44
CA VAL B 12 3.99 7.94 -17.07
C VAL B 12 2.73 8.79 -17.13
N LEU B 13 2.79 9.96 -16.49
CA LEU B 13 1.67 10.88 -16.46
C LEU B 13 2.05 12.12 -17.25
N THR B 14 1.17 12.53 -18.17
CA THR B 14 1.40 13.69 -19.00
C THR B 14 0.29 14.72 -18.79
N LEU B 15 0.67 15.94 -18.40
CA LEU B 15 -0.26 17.05 -18.38
C LEU B 15 -0.60 17.41 -19.82
N ASN B 16 -1.90 17.47 -20.12
CA ASN B 16 -2.35 17.52 -21.50
C ASN B 16 -3.40 18.61 -21.72
N ARG B 17 -2.97 19.87 -21.66
CA ARG B 17 -3.71 20.97 -22.26
C ARG B 17 -2.70 21.80 -23.06
N PRO B 18 -1.98 21.17 -24.02
CA PRO B 18 -0.75 21.74 -24.60
C PRO B 18 -0.92 23.10 -25.27
N GLU B 19 -2.12 23.34 -25.78
CA GLU B 19 -2.42 24.58 -26.49
C GLU B 19 -2.50 25.76 -25.52
N LYS B 20 -2.78 25.47 -24.25
CA LYS B 20 -2.80 26.48 -23.20
C LYS B 20 -1.60 26.29 -22.26
N LEU B 21 -0.55 25.61 -22.76
CA LEU B 21 0.71 25.40 -22.07
C LEU B 21 0.49 24.60 -20.80
N ASN B 22 -0.46 23.66 -20.86
CA ASN B 22 -0.82 22.79 -19.75
C ASN B 22 -1.19 23.62 -18.53
N ALA B 23 -1.79 24.81 -18.73
CA ALA B 23 -2.26 25.63 -17.62
C ALA B 23 -3.28 24.85 -16.80
N ILE B 24 -3.30 25.09 -15.50
CA ILE B 24 -3.96 24.19 -14.56
C ILE B 24 -5.37 24.70 -14.29
N THR B 25 -6.35 23.78 -14.37
CA THR B 25 -7.74 24.04 -14.01
C THR B 25 -8.18 23.03 -12.94
N GLY B 26 -9.32 23.32 -12.29
CA GLY B 26 -9.91 22.42 -11.32
C GLY B 26 -10.02 20.98 -11.83
N GLU B 27 -10.47 20.86 -13.08
CA GLU B 27 -10.67 19.55 -13.70
C GLU B 27 -9.33 18.81 -13.78
N LEU B 28 -8.29 19.54 -14.23
CA LEU B 28 -6.99 18.93 -14.41
C LEU B 28 -6.45 18.46 -13.06
N LEU B 29 -6.62 19.30 -12.02
CA LEU B 29 -6.25 18.95 -10.66
C LEU B 29 -6.97 17.68 -10.19
N ASP B 30 -8.28 17.58 -10.49
CA ASP B 30 -9.05 16.41 -10.11
C ASP B 30 -8.52 15.16 -10.81
N ALA B 31 -8.24 15.31 -12.11
CA ALA B 31 -7.69 14.19 -12.88
C ALA B 31 -6.28 13.84 -12.39
N LEU B 32 -5.48 14.86 -12.03
CA LEU B 32 -4.11 14.62 -11.59
C LEU B 32 -4.12 13.88 -10.25
N TYR B 33 -4.98 14.34 -9.32
CA TYR B 33 -5.14 13.67 -8.05
C TYR B 33 -5.44 12.18 -8.27
N ALA B 34 -6.37 11.89 -9.19
CA ALA B 34 -6.83 10.53 -9.41
C ALA B 34 -5.69 9.66 -9.92
N ALA B 35 -4.97 10.15 -10.94
CA ALA B 35 -3.86 9.41 -11.51
C ALA B 35 -2.81 9.10 -10.45
N LEU B 36 -2.57 10.05 -9.53
CA LEU B 36 -1.54 9.89 -8.53
C LEU B 36 -1.98 8.86 -7.49
N LYS B 37 -3.25 8.93 -7.10
CA LYS B 37 -3.79 7.97 -6.15
C LYS B 37 -3.78 6.58 -6.80
N GLU B 38 -4.13 6.47 -8.06
CA GLU B 38 -4.09 5.20 -8.78
C GLU B 38 -2.67 4.66 -8.78
N GLY B 39 -1.69 5.51 -9.15
CA GLY B 39 -0.30 5.09 -9.20
C GLY B 39 0.20 4.61 -7.84
N GLU B 40 -0.23 5.29 -6.77
CA GLU B 40 0.12 4.93 -5.41
C GLU B 40 -0.38 3.51 -5.08
N GLU B 41 -1.64 3.21 -5.44
CA GLU B 41 -2.33 2.01 -5.03
C GLU B 41 -1.95 0.80 -5.90
N ASP B 42 -1.53 1.05 -7.14
CA ASP B 42 -1.18 -0.03 -8.05
C ASP B 42 0.19 -0.60 -7.69
N ARG B 43 0.22 -1.87 -7.29
CA ARG B 43 1.44 -2.49 -6.80
C ARG B 43 2.40 -2.81 -7.94
N GLU B 44 1.87 -2.85 -9.18
CA GLU B 44 2.70 -3.12 -10.34
C GLU B 44 3.50 -1.87 -10.73
N VAL B 45 3.11 -0.72 -10.16
CA VAL B 45 3.76 0.57 -10.42
C VAL B 45 4.79 0.80 -9.33
N ARG B 46 6.06 0.95 -9.74
CA ARG B 46 7.16 1.08 -8.79
C ARG B 46 7.91 2.40 -8.98
N ALA B 47 7.44 3.19 -9.96
CA ALA B 47 8.00 4.50 -10.25
C ALA B 47 6.99 5.30 -11.07
N LEU B 48 7.02 6.63 -10.89
CA LEU B 48 6.22 7.53 -11.70
C LEU B 48 7.16 8.46 -12.47
N LEU B 49 6.67 8.92 -13.63
CA LEU B 49 7.34 9.92 -14.44
C LEU B 49 6.28 10.94 -14.86
N LEU B 50 6.46 12.20 -14.42
CA LEU B 50 5.53 13.27 -14.73
C LEU B 50 6.16 14.23 -15.75
N THR B 51 5.37 14.59 -16.77
CA THR B 51 5.86 15.48 -17.80
C THR B 51 4.68 16.26 -18.40
N GLY B 52 5.00 17.15 -19.34
CA GLY B 52 4.00 17.94 -20.04
C GLY B 52 3.95 17.60 -21.52
N ALA B 53 2.76 17.79 -22.10
CA ALA B 53 2.58 17.71 -23.54
C ALA B 53 2.92 19.05 -24.18
N GLY B 54 3.54 18.98 -25.36
CA GLY B 54 3.83 20.17 -26.16
C GLY B 54 5.13 20.85 -25.72
N ARG B 55 5.12 22.19 -25.80
CA ARG B 55 6.30 23.02 -25.65
C ARG B 55 6.56 23.28 -24.17
N ALA B 56 5.55 23.10 -23.31
CA ALA B 56 5.65 23.53 -21.93
C ALA B 56 5.46 22.36 -20.95
N PHE B 57 6.00 22.48 -19.74
CA PHE B 57 5.66 21.59 -18.65
C PHE B 57 4.29 21.97 -18.11
N SER B 58 4.21 23.17 -17.50
CA SER B 58 2.95 23.81 -17.16
C SER B 58 3.18 25.27 -16.81
N ALA B 59 2.34 26.15 -17.36
CA ALA B 59 2.34 27.58 -17.10
C ALA B 59 1.54 27.91 -15.85
N GLY B 60 1.15 26.90 -15.07
CA GLY B 60 0.50 27.18 -13.79
C GLY B 60 -0.98 27.48 -13.95
N GLN B 61 -1.61 28.06 -12.91
CA GLN B 61 -3.04 28.27 -12.87
C GLN B 61 -3.48 28.98 -14.15
N ASP B 62 -4.51 28.43 -14.80
CA ASP B 62 -5.17 29.04 -15.94
C ASP B 62 -5.95 30.27 -15.47
N LEU B 63 -5.56 31.45 -15.97
CA LEU B 63 -6.13 32.69 -15.47
C LEU B 63 -7.42 33.03 -16.22
N THR B 64 -8.07 31.97 -16.72
CA THR B 64 -9.41 31.91 -17.30
C THR B 64 -10.22 30.92 -16.44
N GLU B 65 -11.46 31.25 -16.03
CA GLU B 65 -12.11 30.59 -14.91
C GLU B 65 -12.58 29.16 -15.22
N ALA B 75 -11.38 25.90 -1.67
CA ALA B 75 -12.16 25.25 -2.76
C ALA B 75 -11.20 24.87 -3.90
N HIS B 76 -10.67 25.92 -4.54
CA HIS B 76 -9.58 25.73 -5.52
C HIS B 76 -8.28 25.44 -4.77
N LEU B 77 -8.18 26.02 -3.57
CA LEU B 77 -6.99 25.83 -2.75
C LEU B 77 -6.94 24.38 -2.28
N ARG B 78 -8.11 23.89 -1.89
CA ARG B 78 -8.27 22.55 -1.34
C ARG B 78 -7.82 21.54 -2.41
N ARG B 79 -8.07 21.89 -3.68
CA ARG B 79 -7.76 21.00 -4.79
C ARG B 79 -6.25 20.87 -4.97
N TYR B 80 -5.53 22.01 -4.96
CA TYR B 80 -4.09 22.00 -5.08
C TYR B 80 -3.47 21.16 -3.96
N ASN B 81 -3.96 21.40 -2.72
CA ASN B 81 -3.43 20.78 -1.51
C ASN B 81 -3.56 19.27 -1.58
N ARG B 82 -4.69 18.78 -2.12
CA ARG B 82 -4.91 17.35 -2.23
C ARG B 82 -3.84 16.77 -3.14
N VAL B 83 -3.60 17.40 -4.30
CA VAL B 83 -2.56 16.98 -5.23
C VAL B 83 -1.20 16.95 -4.54
N VAL B 84 -0.91 17.96 -3.73
CA VAL B 84 0.42 18.00 -3.12
C VAL B 84 0.59 16.89 -2.08
N GLU B 85 -0.46 16.65 -1.27
CA GLU B 85 -0.42 15.56 -0.29
C GLU B 85 -0.20 14.24 -1.05
N ALA B 86 -0.82 14.11 -2.21
CA ALA B 86 -0.68 12.89 -3.00
C ALA B 86 0.72 12.80 -3.63
N LEU B 87 1.24 13.91 -4.17
CA LEU B 87 2.58 13.94 -4.78
C LEU B 87 3.62 13.57 -3.74
N SER B 88 3.55 14.25 -2.58
CA SER B 88 4.57 14.19 -1.53
C SER B 88 4.54 12.84 -0.83
N GLY B 89 3.37 12.20 -0.77
CA GLY B 89 3.18 10.98 0.01
C GLY B 89 3.32 9.71 -0.81
N LEU B 90 3.69 9.85 -2.09
CA LEU B 90 3.92 8.74 -3.00
C LEU B 90 4.96 7.81 -2.38
N GLU B 91 4.63 6.52 -2.27
CA GLU B 91 5.55 5.59 -1.63
C GLU B 91 6.36 4.86 -2.69
N LYS B 92 6.92 5.65 -3.61
CA LYS B 92 7.45 5.25 -4.90
C LYS B 92 8.23 6.43 -5.49
N PRO B 93 9.45 6.21 -6.03
CA PRO B 93 10.23 7.32 -6.57
C PRO B 93 9.45 7.98 -7.71
N LEU B 94 9.52 9.31 -7.77
CA LEU B 94 8.88 10.10 -8.81
C LEU B 94 9.97 10.81 -9.60
N VAL B 95 9.98 10.60 -10.91
CA VAL B 95 10.88 11.36 -11.76
C VAL B 95 10.03 12.42 -12.44
N VAL B 96 10.61 13.62 -12.58
CA VAL B 96 9.95 14.70 -13.30
C VAL B 96 10.83 15.12 -14.47
N ALA B 97 10.20 15.20 -15.66
CA ALA B 97 10.88 15.63 -16.87
C ALA B 97 10.26 16.93 -17.35
N VAL B 98 10.99 18.04 -17.14
CA VAL B 98 10.49 19.38 -17.42
C VAL B 98 10.88 19.72 -18.85
N ASN B 99 9.88 19.66 -19.75
CA ASN B 99 10.11 19.64 -21.19
C ASN B 99 10.01 21.05 -21.73
N GLY B 100 9.56 21.98 -20.88
CA GLY B 100 9.43 23.36 -21.26
C GLY B 100 9.16 24.22 -20.03
N VAL B 101 8.43 25.34 -20.22
CA VAL B 101 8.27 26.29 -19.13
C VAL B 101 7.49 25.65 -17.98
N ALA B 102 7.97 25.91 -16.76
CA ALA B 102 7.26 25.64 -15.52
C ALA B 102 7.10 26.95 -14.74
N ALA B 103 5.86 27.44 -14.65
CA ALA B 103 5.52 28.69 -13.98
C ALA B 103 4.45 28.47 -12.91
N GLY B 104 4.46 29.31 -11.85
CA GLY B 104 3.53 29.19 -10.74
C GLY B 104 3.41 27.78 -10.19
N ALA B 105 2.17 27.27 -10.07
CA ALA B 105 1.98 25.95 -9.48
C ALA B 105 2.53 24.89 -10.42
N GLY B 106 2.78 25.28 -11.68
CA GLY B 106 3.49 24.44 -12.62
C GLY B 106 4.91 24.12 -12.13
N MET B 107 5.59 25.18 -11.67
CA MET B 107 6.88 25.04 -11.02
C MET B 107 6.74 24.24 -9.72
N SER B 108 5.70 24.55 -8.91
CA SER B 108 5.46 23.79 -7.69
C SER B 108 5.39 22.29 -7.98
N LEU B 109 4.60 21.91 -8.99
CA LEU B 109 4.43 20.49 -9.27
C LEU B 109 5.76 19.90 -9.71
N ALA B 110 6.48 20.61 -10.59
CA ALA B 110 7.75 20.12 -11.11
C ALA B 110 8.69 19.75 -9.96
N LEU B 111 8.69 20.60 -8.91
CA LEU B 111 9.71 20.51 -7.88
C LEU B 111 9.48 19.34 -6.92
N TRP B 112 8.34 18.69 -7.03
CA TRP B 112 8.00 17.54 -6.19
C TRP B 112 8.67 16.26 -6.68
N GLY B 113 9.26 16.30 -7.88
CA GLY B 113 10.05 15.17 -8.34
C GLY B 113 11.16 14.85 -7.34
N ASP B 114 11.42 13.57 -7.11
CA ASP B 114 12.56 13.16 -6.30
C ASP B 114 13.81 13.30 -7.16
N LEU B 115 13.69 12.93 -8.44
CA LEU B 115 14.75 13.21 -9.40
C LEU B 115 14.15 14.07 -10.50
N ARG B 116 14.87 15.13 -10.87
CA ARG B 116 14.32 16.11 -11.78
C ARG B 116 15.28 16.35 -12.94
N LEU B 117 14.74 16.26 -14.16
CA LEU B 117 15.47 16.51 -15.38
C LEU B 117 14.75 17.61 -16.15
N ALA B 118 15.53 18.49 -16.79
CA ALA B 118 14.96 19.51 -17.67
C ALA B 118 15.58 19.37 -19.06
N ALA B 119 14.79 19.77 -20.07
CA ALA B 119 15.28 19.91 -21.43
C ALA B 119 16.08 21.19 -21.51
N VAL B 120 17.15 21.18 -22.33
CA VAL B 120 17.71 22.41 -22.82
C VAL B 120 16.51 23.21 -23.35
N GLY B 121 16.40 24.45 -22.92
CA GLY B 121 15.28 25.26 -23.41
C GLY B 121 14.08 25.29 -22.46
N ALA B 122 14.07 24.41 -21.44
CA ALA B 122 13.09 24.57 -20.37
C ALA B 122 13.37 25.84 -19.56
N SER B 123 12.43 26.27 -18.73
CA SER B 123 12.59 27.48 -17.94
C SER B 123 11.68 27.42 -16.72
N PHE B 124 11.98 28.25 -15.71
CA PHE B 124 11.28 28.22 -14.43
C PHE B 124 11.03 29.64 -13.97
N THR B 125 9.77 29.92 -13.60
CA THR B 125 9.43 31.20 -13.01
C THR B 125 8.37 31.00 -11.94
N THR B 126 8.58 31.62 -10.79
CA THR B 126 7.67 31.48 -9.66
C THR B 126 6.30 32.07 -10.02
N ALA B 127 6.31 33.27 -10.63
CA ALA B 127 5.13 33.85 -11.28
C ALA B 127 4.07 34.36 -10.31
N PHE B 128 3.85 33.66 -9.19
CA PHE B 128 2.86 34.07 -8.20
C PHE B 128 2.80 35.58 -7.97
N VAL B 129 3.94 36.20 -7.71
CA VAL B 129 3.97 37.58 -7.23
C VAL B 129 3.51 38.56 -8.31
N ARG B 130 3.69 38.16 -9.58
CA ARG B 130 3.29 38.97 -10.73
C ARG B 130 1.78 39.16 -10.76
N ILE B 131 1.03 38.28 -10.11
CA ILE B 131 -0.43 38.29 -10.08
C ILE B 131 -0.88 38.76 -8.69
N GLY B 132 0.08 39.24 -7.87
CA GLY B 132 -0.18 39.65 -6.50
C GLY B 132 -0.58 38.52 -5.55
N LEU B 133 -0.05 37.30 -5.81
CA LEU B 133 -0.29 36.13 -4.97
C LEU B 133 0.99 35.67 -4.28
N VAL B 134 0.81 34.79 -3.27
CA VAL B 134 1.92 34.16 -2.57
C VAL B 134 2.16 32.78 -3.17
N PRO B 135 3.31 32.11 -2.93
CA PRO B 135 3.54 30.78 -3.49
C PRO B 135 2.62 29.75 -2.83
N ASN B 136 2.18 28.76 -3.61
CA ASN B 136 1.24 27.75 -3.12
C ASN B 136 1.67 26.38 -3.67
N SER B 137 0.86 25.35 -3.42
CA SER B 137 1.17 24.02 -3.89
C SER B 137 2.54 23.58 -3.38
N GLY B 138 2.94 24.09 -2.21
CA GLY B 138 4.09 23.60 -1.48
C GLY B 138 5.38 24.36 -1.79
N LEU B 139 5.30 25.42 -2.62
CA LEU B 139 6.53 26.01 -3.12
C LEU B 139 7.29 26.72 -2.01
N SER B 140 6.54 27.32 -1.04
CA SER B 140 7.18 28.00 0.08
C SER B 140 7.93 26.99 0.94
N PHE B 141 7.46 25.73 0.92
CA PHE B 141 8.08 24.62 1.64
C PHE B 141 9.31 24.14 0.86
N LEU B 142 9.10 23.77 -0.41
CA LEU B 142 10.12 23.05 -1.15
C LEU B 142 11.28 23.97 -1.53
N LEU B 143 10.99 25.18 -1.99
CA LEU B 143 11.99 26.00 -2.67
C LEU B 143 13.16 26.31 -1.75
N PRO B 144 12.96 26.84 -0.51
CA PRO B 144 14.07 27.17 0.38
C PRO B 144 14.88 25.91 0.72
N ARG B 145 14.21 24.76 0.85
CA ARG B 145 14.90 23.49 1.08
C ARG B 145 15.76 23.12 -0.15
N LEU B 146 15.25 23.34 -1.34
CA LEU B 146 15.92 22.87 -2.56
C LEU B 146 17.11 23.77 -2.93
N VAL B 147 16.99 25.09 -2.80
CA VAL B 147 18.00 25.97 -3.37
C VAL B 147 18.60 26.87 -2.30
N GLY B 148 18.05 26.79 -1.08
CA GLY B 148 18.50 27.63 0.02
C GLY B 148 17.68 28.90 0.08
N LEU B 149 17.65 29.52 1.27
CA LEU B 149 16.78 30.65 1.51
C LEU B 149 17.17 31.85 0.65
N ALA B 150 18.48 32.06 0.42
CA ALA B 150 18.96 33.21 -0.32
C ALA B 150 18.36 33.27 -1.72
N LYS B 151 18.43 32.15 -2.44
CA LYS B 151 17.91 32.06 -3.81
C LYS B 151 16.39 32.03 -3.81
N ALA B 152 15.80 31.44 -2.76
CA ALA B 152 14.35 31.38 -2.66
C ALA B 152 13.77 32.79 -2.62
N GLN B 153 14.33 33.65 -1.74
CA GLN B 153 13.94 35.05 -1.58
C GLN B 153 13.93 35.73 -2.94
N GLU B 154 15.03 35.61 -3.68
CA GLU B 154 15.19 36.30 -4.95
C GLU B 154 14.20 35.73 -5.96
N LEU B 155 14.15 34.39 -6.08
CA LEU B 155 13.28 33.76 -7.08
C LEU B 155 11.82 34.12 -6.84
N LEU B 156 11.42 34.16 -5.56
CA LEU B 156 10.03 34.41 -5.20
C LEU B 156 9.67 35.89 -5.33
N LEU B 157 10.54 36.78 -4.83
CA LEU B 157 10.13 38.17 -4.72
C LEU B 157 10.26 38.90 -6.07
N LEU B 158 11.22 38.47 -6.90
CA LEU B 158 11.50 39.17 -8.15
C LEU B 158 10.95 38.40 -9.35
N SER B 159 10.64 37.11 -9.13
CA SER B 159 10.10 36.24 -10.16
C SER B 159 10.88 36.35 -11.47
N PRO B 160 12.23 36.20 -11.49
CA PRO B 160 12.93 36.10 -12.77
C PRO B 160 12.58 34.80 -13.50
N ARG B 161 12.83 34.78 -14.81
CA ARG B 161 12.67 33.56 -15.58
C ARG B 161 14.05 32.91 -15.66
N LEU B 162 14.18 31.73 -15.07
CA LEU B 162 15.48 31.06 -15.01
C LEU B 162 15.54 30.04 -16.14
N SER B 163 16.73 29.91 -16.74
CA SER B 163 16.93 28.94 -17.80
C SER B 163 17.19 27.57 -17.17
N ALA B 164 17.21 26.53 -17.97
CA ALA B 164 17.49 25.17 -17.53
C ALA B 164 18.88 25.11 -16.88
N GLU B 165 19.89 25.77 -17.46
CA GLU B 165 21.25 25.67 -16.98
C GLU B 165 21.37 26.37 -15.62
N GLU B 166 20.66 27.49 -15.44
CA GLU B 166 20.66 28.16 -14.13
C GLU B 166 19.92 27.30 -13.10
N ALA B 167 18.82 26.67 -13.52
CA ALA B 167 18.05 25.78 -12.67
C ALA B 167 18.91 24.61 -12.18
N LEU B 168 19.76 24.08 -13.08
CA LEU B 168 20.71 23.03 -12.73
C LEU B 168 21.69 23.51 -11.65
N ALA B 169 22.21 24.73 -11.82
CA ALA B 169 23.20 25.28 -10.91
C ALA B 169 22.59 25.46 -9.51
N LEU B 170 21.30 25.84 -9.44
CA LEU B 170 20.65 26.10 -8.16
C LEU B 170 20.17 24.81 -7.49
N GLY B 171 20.13 23.69 -8.22
CA GLY B 171 19.55 22.47 -7.68
C GLY B 171 18.06 22.32 -7.98
N LEU B 172 17.45 23.25 -8.73
CA LEU B 172 16.07 23.07 -9.18
C LEU B 172 15.92 21.77 -9.98
N VAL B 173 16.95 21.41 -10.75
CA VAL B 173 16.93 20.15 -11.47
C VAL B 173 18.27 19.47 -11.24
N HIS B 174 18.32 18.14 -11.47
CA HIS B 174 19.51 17.36 -11.20
C HIS B 174 20.31 17.15 -12.50
N ARG B 175 19.65 17.32 -13.65
CA ARG B 175 20.28 17.07 -14.94
C ARG B 175 19.55 17.85 -16.04
N VAL B 176 20.34 18.40 -16.98
CA VAL B 176 19.81 19.03 -18.18
C VAL B 176 20.20 18.18 -19.40
N VAL B 177 19.25 18.02 -20.33
CA VAL B 177 19.41 17.11 -21.46
C VAL B 177 18.78 17.76 -22.69
N PRO B 178 19.34 17.54 -23.90
CA PRO B 178 18.73 18.06 -25.13
C PRO B 178 17.27 17.60 -25.24
N ALA B 179 16.41 18.49 -25.77
CA ALA B 179 14.96 18.32 -25.79
C ALA B 179 14.54 16.93 -26.28
N GLU B 180 15.17 16.50 -27.37
CA GLU B 180 14.78 15.29 -28.11
C GLU B 180 15.20 14.05 -27.34
N LYS B 181 16.04 14.22 -26.31
CA LYS B 181 16.51 13.09 -25.54
C LYS B 181 15.90 13.05 -24.14
N LEU B 182 15.13 14.08 -23.76
CA LEU B 182 14.69 14.24 -22.38
C LEU B 182 13.86 13.02 -21.96
N MET B 183 12.85 12.67 -22.77
CA MET B 183 11.98 11.56 -22.39
C MET B 183 12.74 10.24 -22.34
N GLU B 184 13.70 10.08 -23.24
CA GLU B 184 14.47 8.85 -23.29
C GLU B 184 15.27 8.69 -22.00
N GLU B 185 15.91 9.77 -21.52
CA GLU B 185 16.70 9.72 -20.31
C GLU B 185 15.80 9.63 -19.07
N ALA B 186 14.72 10.41 -19.06
CA ALA B 186 13.81 10.42 -17.91
C ALA B 186 13.22 9.03 -17.71
N LEU B 187 12.71 8.45 -18.80
CA LEU B 187 12.05 7.14 -18.74
C LEU B 187 13.07 6.07 -18.37
N SER B 188 14.30 6.23 -18.87
CA SER B 188 15.36 5.27 -18.59
C SER B 188 15.70 5.28 -17.11
N LEU B 189 15.77 6.50 -16.52
CA LEU B 189 15.97 6.62 -15.09
C LEU B 189 14.78 6.02 -14.31
N ALA B 190 13.56 6.34 -14.74
CA ALA B 190 12.35 5.84 -14.09
C ALA B 190 12.32 4.31 -14.10
N LYS B 191 12.75 3.71 -15.23
CA LYS B 191 12.74 2.25 -15.35
C LYS B 191 13.73 1.62 -14.37
N GLU B 192 14.90 2.25 -14.24
CA GLU B 192 15.92 1.78 -13.32
C GLU B 192 15.43 1.89 -11.87
N LEU B 193 14.81 3.02 -11.52
CA LEU B 193 14.24 3.18 -10.20
C LEU B 193 13.12 2.16 -9.97
N ALA B 194 12.41 1.79 -11.04
CA ALA B 194 11.30 0.86 -10.94
C ALA B 194 11.78 -0.55 -10.62
N GLN B 195 13.08 -0.81 -10.81
CA GLN B 195 13.70 -2.10 -10.50
C GLN B 195 14.29 -2.07 -9.08
N GLY B 196 14.39 -0.88 -8.48
CA GLY B 196 15.11 -0.71 -7.23
C GLY B 196 14.22 -0.95 -6.00
N PRO B 197 14.76 -0.78 -4.77
CA PRO B 197 14.05 -1.17 -3.56
C PRO B 197 12.97 -0.17 -3.14
N THR B 198 11.77 -0.34 -3.70
CA THR B 198 10.70 0.62 -3.56
C THR B 198 10.43 1.00 -2.10
N ARG B 199 10.48 0.03 -1.18
CA ARG B 199 10.23 0.35 0.22
C ARG B 199 11.33 1.24 0.78
N ALA B 200 12.59 0.94 0.45
CA ALA B 200 13.69 1.77 0.91
C ALA B 200 13.50 3.19 0.38
N TYR B 201 13.11 3.31 -0.91
CA TYR B 201 12.84 4.60 -1.51
C TYR B 201 11.75 5.34 -0.73
N ALA B 202 10.62 4.67 -0.49
CA ALA B 202 9.47 5.29 0.16
C ALA B 202 9.85 5.81 1.54
N LEU B 203 10.60 5.01 2.30
CA LEU B 203 10.87 5.37 3.70
C LEU B 203 11.96 6.44 3.80
N THR B 204 12.95 6.40 2.88
CA THR B 204 13.91 7.46 2.76
C THR B 204 13.20 8.79 2.48
N LYS B 205 12.17 8.78 1.62
CA LYS B 205 11.43 9.98 1.30
C LYS B 205 10.68 10.51 2.52
N LYS B 206 10.15 9.60 3.35
CA LYS B 206 9.44 10.01 4.55
C LYS B 206 10.42 10.72 5.49
N LEU B 207 11.66 10.22 5.59
CA LEU B 207 12.66 10.87 6.42
C LEU B 207 13.01 12.26 5.88
N LEU B 208 13.17 12.39 4.55
CA LEU B 208 13.56 13.67 3.97
C LEU B 208 12.44 14.70 4.16
N LEU B 209 11.20 14.25 4.03
CA LEU B 209 10.06 15.15 4.15
C LEU B 209 9.99 15.76 5.56
N GLU B 210 10.50 15.02 6.57
CA GLU B 210 10.30 15.43 7.96
C GLU B 210 11.53 16.10 8.56
N THR B 211 12.67 16.01 7.88
CA THR B 211 13.95 16.16 8.53
C THR B 211 14.10 17.52 9.23
N TYR B 212 13.63 18.60 8.58
CA TYR B 212 13.96 19.95 9.00
C TYR B 212 13.22 20.33 10.28
N ARG B 213 12.06 19.75 10.55
CA ARG B 213 11.29 20.17 11.71
C ARG B 213 11.56 19.28 12.93
N LEU B 214 12.44 18.27 12.78
CA LEU B 214 12.72 17.34 13.86
C LEU B 214 14.00 17.74 14.59
N SER B 215 13.99 17.54 15.93
CA SER B 215 15.21 17.58 16.71
C SER B 215 16.06 16.38 16.34
N LEU B 216 17.36 16.45 16.64
CA LEU B 216 18.20 15.28 16.41
C LEU B 216 17.59 14.06 17.11
N THR B 217 17.19 14.21 18.38
CA THR B 217 16.63 13.08 19.13
C THR B 217 15.49 12.42 18.35
N GLU B 218 14.51 13.23 17.90
CA GLU B 218 13.38 12.66 17.19
C GLU B 218 13.83 12.08 15.85
N ALA B 219 14.81 12.73 15.20
CA ALA B 219 15.28 12.23 13.91
C ALA B 219 15.86 10.82 14.08
N LEU B 220 16.68 10.65 15.12
CA LEU B 220 17.28 9.35 15.41
C LEU B 220 16.20 8.32 15.73
N ALA B 221 15.14 8.73 16.43
CA ALA B 221 14.09 7.78 16.77
C ALA B 221 13.35 7.34 15.50
N LEU B 222 13.04 8.28 14.60
CA LEU B 222 12.31 7.93 13.39
C LEU B 222 13.17 7.05 12.48
N GLU B 223 14.47 7.35 12.38
CA GLU B 223 15.39 6.53 11.62
C GLU B 223 15.34 5.08 12.14
N ALA B 224 15.35 4.94 13.49
CA ALA B 224 15.26 3.62 14.10
C ALA B 224 13.97 2.91 13.68
N VAL B 225 12.85 3.60 13.82
CA VAL B 225 11.58 2.95 13.53
C VAL B 225 11.55 2.53 12.06
N LEU B 226 11.93 3.43 11.15
CA LEU B 226 11.79 3.14 9.73
C LEU B 226 12.87 2.15 9.27
N GLN B 227 14.06 2.20 9.89
CA GLN B 227 15.08 1.21 9.60
C GLN B 227 14.58 -0.18 10.01
N GLY B 228 13.88 -0.23 11.16
CA GLY B 228 13.22 -1.42 11.66
C GLY B 228 12.35 -2.07 10.58
N GLN B 229 11.54 -1.22 9.92
CA GLN B 229 10.62 -1.68 8.89
C GLN B 229 11.38 -2.07 7.62
N ALA B 230 12.37 -1.27 7.20
CA ALA B 230 13.13 -1.59 6.01
C ALA B 230 13.80 -2.95 6.21
N GLY B 231 14.25 -3.18 7.47
CA GLY B 231 15.01 -4.37 7.85
C GLY B 231 14.21 -5.66 7.67
N GLN B 232 12.87 -5.57 7.64
CA GLN B 232 12.00 -6.75 7.61
C GLN B 232 11.40 -6.94 6.22
N THR B 233 11.93 -6.24 5.22
CA THR B 233 11.46 -6.39 3.85
C THR B 233 12.22 -7.54 3.18
N GLN B 234 11.62 -8.14 2.15
CA GLN B 234 12.31 -9.16 1.37
C GLN B 234 13.52 -8.52 0.69
N ASP B 235 13.34 -7.27 0.23
CA ASP B 235 14.35 -6.56 -0.52
C ASP B 235 15.63 -6.41 0.28
N HIS B 236 15.52 -6.26 1.61
CA HIS B 236 16.74 -6.12 2.42
C HIS B 236 17.48 -7.44 2.49
N GLU B 237 16.74 -8.54 2.71
CA GLU B 237 17.31 -9.87 2.67
C GLU B 237 18.05 -10.06 1.34
N GLU B 238 17.34 -9.78 0.24
CA GLU B 238 17.88 -9.83 -1.11
C GLU B 238 19.12 -8.95 -1.22
N GLY B 239 19.05 -7.74 -0.63
CA GLY B 239 20.13 -6.77 -0.72
C GLY B 239 21.41 -7.29 -0.12
N VAL B 240 21.29 -7.87 1.08
CA VAL B 240 22.43 -8.39 1.82
C VAL B 240 22.98 -9.61 1.08
N ARG B 241 22.07 -10.47 0.61
CA ARG B 241 22.48 -11.67 -0.10
C ARG B 241 23.27 -11.26 -1.35
N ALA B 242 22.74 -10.29 -2.08
CA ALA B 242 23.35 -9.82 -3.32
C ALA B 242 24.78 -9.36 -3.05
N PHE B 243 24.98 -8.60 -1.98
CA PHE B 243 26.31 -8.05 -1.71
C PHE B 243 27.29 -9.18 -1.41
N ARG B 244 26.85 -10.17 -0.61
CA ARG B 244 27.68 -11.30 -0.24
C ARG B 244 28.13 -12.06 -1.48
N GLU B 245 27.17 -12.41 -2.35
CA GLU B 245 27.47 -13.17 -3.56
C GLU B 245 27.68 -12.21 -4.73
N LYS B 246 28.85 -11.55 -4.76
CA LYS B 246 29.12 -10.36 -5.56
C LYS B 246 28.33 -10.32 -6.89
N ARG B 247 27.01 -10.15 -6.79
CA ARG B 247 26.13 -10.04 -7.94
C ARG B 247 25.16 -8.89 -7.73
N PRO B 248 24.55 -8.32 -8.80
CA PRO B 248 23.50 -7.32 -8.65
C PRO B 248 22.27 -7.89 -7.96
N PRO B 249 21.60 -7.11 -7.07
CA PRO B 249 20.34 -7.55 -6.46
C PRO B 249 19.20 -7.53 -7.47
N ARG B 250 18.16 -8.35 -7.20
CA ARG B 250 16.90 -8.18 -7.91
C ARG B 250 15.84 -7.89 -6.87
N PHE B 251 15.42 -6.63 -6.85
CA PHE B 251 14.52 -6.13 -5.84
C PHE B 251 13.09 -6.24 -6.37
N GLN B 252 12.13 -6.39 -5.46
CA GLN B 252 10.74 -6.54 -5.86
C GLN B 252 9.91 -5.39 -5.30
N GLY B 253 10.43 -4.68 -4.29
CA GLY B 253 9.70 -3.59 -3.66
C GLY B 253 8.81 -4.04 -2.49
N ARG B 254 9.25 -5.07 -1.74
CA ARG B 254 8.46 -5.61 -0.63
C ARG B 254 9.37 -6.27 0.42
N MET C 1 41.00 -1.24 18.60
CA MET C 1 39.73 -0.98 17.81
C MET C 1 39.40 0.51 17.70
N ILE C 2 39.62 1.26 18.78
CA ILE C 2 39.69 2.71 18.72
C ILE C 2 41.01 3.16 19.33
N LEU C 3 41.94 3.65 18.50
CA LEU C 3 43.19 4.16 19.03
C LEU C 3 42.97 5.58 19.55
N LYS C 4 43.60 5.87 20.69
CA LYS C 4 43.53 7.18 21.34
C LYS C 4 44.94 7.76 21.40
N GLU C 5 45.05 9.08 21.56
CA GLU C 5 46.34 9.76 21.60
C GLU C 5 46.07 11.25 21.76
N ARG C 6 46.72 11.88 22.75
CA ARG C 6 46.58 13.30 23.01
C ARG C 6 47.79 14.06 22.48
N GLN C 7 47.61 15.36 22.23
CA GLN C 7 48.65 16.18 21.61
C GLN C 7 48.20 17.64 21.60
N ASP C 8 48.77 18.44 22.50
CA ASP C 8 48.52 19.88 22.60
C ASP C 8 47.03 20.15 22.71
N GLY C 9 46.32 19.35 23.53
CA GLY C 9 44.93 19.60 23.82
C GLY C 9 43.95 19.00 22.81
N VAL C 10 44.46 18.20 21.86
CA VAL C 10 43.67 17.52 20.85
C VAL C 10 43.66 16.02 21.17
N LEU C 11 42.48 15.43 21.22
CA LEU C 11 42.32 13.98 21.31
C LEU C 11 42.06 13.39 19.93
N VAL C 12 43.00 12.56 19.46
CA VAL C 12 42.96 11.94 18.15
C VAL C 12 42.40 10.53 18.31
N LEU C 13 41.27 10.25 17.65
CA LEU C 13 40.63 8.95 17.69
C LEU C 13 40.71 8.33 16.30
N THR C 14 41.20 7.07 16.25
CA THR C 14 41.35 6.36 14.99
C THR C 14 40.51 5.08 15.01
N LEU C 15 39.62 4.95 14.03
CA LEU C 15 38.91 3.70 13.81
C LEU C 15 39.93 2.69 13.30
N ASN C 16 39.99 1.53 13.95
CA ASN C 16 41.08 0.58 13.74
C ASN C 16 40.54 -0.83 13.55
N ARG C 17 39.90 -1.07 12.40
CA ARG C 17 39.72 -2.42 11.88
C ARG C 17 40.15 -2.40 10.41
N PRO C 18 41.39 -1.94 10.11
CA PRO C 18 41.76 -1.54 8.75
C PRO C 18 41.63 -2.62 7.70
N GLU C 19 41.76 -3.88 8.12
CA GLU C 19 41.70 -5.03 7.22
C GLU C 19 40.28 -5.24 6.72
N LYS C 20 39.29 -4.77 7.51
CA LYS C 20 37.89 -4.83 7.12
C LYS C 20 37.36 -3.43 6.82
N LEU C 21 38.29 -2.52 6.47
CA LEU C 21 37.99 -1.16 6.04
C LEU C 21 37.26 -0.39 7.14
N ASN C 22 37.63 -0.69 8.41
CA ASN C 22 37.07 -0.06 9.58
C ASN C 22 35.55 -0.22 9.59
N ALA C 23 35.03 -1.33 9.07
CA ALA C 23 33.59 -1.61 9.09
C ALA C 23 33.11 -1.64 10.54
N ILE C 24 31.88 -1.19 10.76
CA ILE C 24 31.40 -0.88 12.10
C ILE C 24 30.69 -2.09 12.69
N THR C 25 31.06 -2.41 13.94
CA THR C 25 30.46 -3.45 14.74
C THR C 25 30.02 -2.85 16.07
N GLY C 26 29.14 -3.59 16.77
CA GLY C 26 28.69 -3.22 18.10
C GLY C 26 29.85 -2.84 19.01
N GLU C 27 30.91 -3.65 18.98
CA GLU C 27 32.06 -3.46 19.83
C GLU C 27 32.70 -2.10 19.51
N LEU C 28 32.88 -1.83 18.21
CA LEU C 28 33.53 -0.60 17.79
C LEU C 28 32.70 0.60 18.24
N LEU C 29 31.38 0.52 18.06
CA LEU C 29 30.46 1.55 18.53
C LEU C 29 30.63 1.78 20.03
N ASP C 30 30.70 0.69 20.81
CA ASP C 30 30.84 0.77 22.26
C ASP C 30 32.17 1.43 22.62
N ALA C 31 33.23 1.06 21.92
CA ALA C 31 34.54 1.66 22.16
C ALA C 31 34.54 3.13 21.75
N LEU C 32 33.85 3.44 20.63
CA LEU C 32 33.79 4.82 20.14
C LEU C 32 33.03 5.69 21.15
N TYR C 33 31.88 5.20 21.62
CA TYR C 33 31.12 5.89 22.65
C TYR C 33 32.01 6.24 23.84
N ALA C 34 32.81 5.26 24.31
CA ALA C 34 33.63 5.44 25.50
C ALA C 34 34.67 6.53 25.28
N ALA C 35 35.38 6.45 24.16
CA ALA C 35 36.40 7.44 23.84
C ALA C 35 35.79 8.83 23.78
N LEU C 36 34.56 8.95 23.24
CA LEU C 36 33.93 10.24 23.06
C LEU C 36 33.50 10.80 24.41
N LYS C 37 32.96 9.93 25.28
CA LYS C 37 32.59 10.35 26.62
C LYS C 37 33.84 10.79 27.39
N GLU C 38 34.93 10.05 27.26
CA GLU C 38 36.17 10.42 27.91
C GLU C 38 36.64 11.79 27.41
N GLY C 39 36.65 11.97 26.08
CA GLY C 39 37.10 13.21 25.49
C GLY C 39 36.26 14.41 25.93
N GLU C 40 34.94 14.17 26.07
CA GLU C 40 34.02 15.20 26.52
C GLU C 40 34.37 15.65 27.93
N GLU C 41 34.65 14.68 28.83
CA GLU C 41 34.82 14.94 30.26
C GLU C 41 36.21 15.47 30.59
N ASP C 42 37.21 15.16 29.76
CA ASP C 42 38.56 15.61 29.99
C ASP C 42 38.69 17.10 29.63
N ARG C 43 38.97 17.94 30.63
CA ARG C 43 39.01 19.37 30.44
C ARG C 43 40.30 19.80 29.73
N GLU C 44 41.30 18.92 29.72
CA GLU C 44 42.55 19.20 29.02
C GLU C 44 42.37 19.02 27.50
N VAL C 45 41.25 18.39 27.10
CA VAL C 45 40.92 18.16 25.70
C VAL C 45 40.01 19.29 25.23
N ARG C 46 40.47 20.02 24.21
CA ARG C 46 39.75 21.19 23.72
C ARG C 46 39.36 21.02 22.24
N ALA C 47 39.72 19.86 21.67
CA ALA C 47 39.37 19.50 20.32
C ALA C 47 39.52 18.00 20.12
N LEU C 48 38.70 17.42 19.23
CA LEU C 48 38.87 16.04 18.80
C LEU C 48 39.16 15.98 17.31
N LEU C 49 39.87 14.93 16.90
CA LEU C 49 40.16 14.64 15.50
C LEU C 49 39.88 13.15 15.29
N LEU C 50 38.89 12.85 14.42
CA LEU C 50 38.50 11.48 14.12
C LEU C 50 38.99 11.09 12.72
N THR C 51 39.56 9.89 12.62
CA THR C 51 40.06 9.40 11.35
C THR C 51 39.98 7.87 11.30
N GLY C 52 40.37 7.30 10.15
CA GLY C 52 40.42 5.86 9.97
C GLY C 52 41.85 5.37 9.77
N ALA C 53 42.11 4.13 10.19
CA ALA C 53 43.36 3.44 9.91
C ALA C 53 43.28 2.78 8.52
N GLY C 54 44.40 2.81 7.80
CA GLY C 54 44.52 2.12 6.53
C GLY C 54 43.97 2.93 5.35
N ARG C 55 43.35 2.22 4.40
CA ARG C 55 42.96 2.73 3.10
C ARG C 55 41.63 3.48 3.21
N ALA C 56 40.84 3.16 4.23
CA ALA C 56 39.46 3.62 4.30
C ALA C 56 39.22 4.42 5.58
N PHE C 57 38.21 5.31 5.53
CA PHE C 57 37.69 5.92 6.75
C PHE C 57 36.82 4.90 7.47
N SER C 58 35.70 4.52 6.85
CA SER C 58 34.89 3.40 7.27
C SER C 58 33.87 3.04 6.19
N ALA C 59 33.79 1.74 5.90
CA ALA C 59 32.87 1.18 4.91
C ALA C 59 31.49 0.94 5.53
N GLY C 60 31.24 1.46 6.74
CA GLY C 60 29.92 1.37 7.33
C GLY C 60 29.71 0.05 8.06
N GLN C 61 28.46 -0.25 8.38
CA GLN C 61 28.09 -1.45 9.14
C GLN C 61 28.76 -2.67 8.51
N ASP C 62 29.42 -3.47 9.34
CA ASP C 62 29.98 -4.76 8.96
C ASP C 62 28.85 -5.75 8.72
N LEU C 63 28.73 -6.21 7.47
CA LEU C 63 27.59 -7.04 7.09
C LEU C 63 27.88 -8.51 7.36
N THR C 64 28.79 -8.76 8.31
CA THR C 64 29.20 -10.09 8.74
C THR C 64 28.83 -10.33 10.21
N GLU C 65 28.22 -9.32 10.86
CA GLU C 65 28.21 -9.28 12.33
C GLU C 65 27.21 -10.28 12.94
N ALA C 75 16.52 -1.53 17.43
CA ALA C 75 17.10 -2.65 18.21
C ALA C 75 18.59 -2.37 18.40
N HIS C 76 19.36 -2.63 17.33
CA HIS C 76 20.78 -2.31 17.22
C HIS C 76 20.95 -0.80 16.94
N LEU C 77 19.88 -0.21 16.41
CA LEU C 77 19.81 1.21 16.16
C LEU C 77 20.04 2.01 17.42
N ARG C 78 19.59 1.54 18.59
CA ARG C 78 19.78 2.33 19.80
C ARG C 78 21.27 2.51 20.11
N ARG C 79 22.10 1.56 19.66
CA ARG C 79 23.54 1.65 19.86
C ARG C 79 24.16 2.78 19.02
N TYR C 80 23.81 2.83 17.72
CA TYR C 80 24.25 3.90 16.84
C TYR C 80 23.84 5.27 17.42
N ASN C 81 22.58 5.35 17.86
CA ASN C 81 21.97 6.58 18.36
C ASN C 81 22.72 7.13 19.56
N ARG C 82 23.18 6.24 20.46
CA ARG C 82 23.93 6.65 21.62
C ARG C 82 25.21 7.37 21.17
N VAL C 83 25.93 6.75 20.22
CA VAL C 83 27.13 7.34 19.67
C VAL C 83 26.84 8.70 19.02
N VAL C 84 25.71 8.80 18.31
CA VAL C 84 25.42 10.04 17.61
C VAL C 84 25.09 11.15 18.61
N GLU C 85 24.34 10.82 19.67
CA GLU C 85 24.03 11.80 20.73
C GLU C 85 25.35 12.29 21.33
N ALA C 86 26.30 11.37 21.50
CA ALA C 86 27.59 11.75 22.04
C ALA C 86 28.41 12.60 21.05
N LEU C 87 28.44 12.21 19.77
CA LEU C 87 29.14 12.97 18.72
C LEU C 87 28.60 14.39 18.62
N SER C 88 27.27 14.49 18.52
CA SER C 88 26.58 15.74 18.23
C SER C 88 26.63 16.69 19.42
N GLY C 89 26.68 16.14 20.64
CA GLY C 89 26.60 16.93 21.86
C GLY C 89 27.97 17.31 22.45
N LEU C 90 29.03 16.98 21.73
CA LEU C 90 30.41 17.28 22.09
C LEU C 90 30.53 18.78 22.32
N GLU C 91 31.04 19.19 23.48
CA GLU C 91 31.12 20.60 23.80
C GLU C 91 32.53 21.11 23.49
N LYS C 92 32.99 20.77 22.27
CA LYS C 92 34.35 20.87 21.82
C LYS C 92 34.34 20.68 20.30
N PRO C 93 35.11 21.48 19.52
CA PRO C 93 35.14 21.30 18.07
C PRO C 93 35.64 19.90 17.75
N LEU C 94 35.04 19.29 16.73
CA LEU C 94 35.44 17.99 16.22
C LEU C 94 35.93 18.17 14.79
N VAL C 95 37.18 17.77 14.53
CA VAL C 95 37.67 17.74 13.18
C VAL C 95 37.60 16.30 12.69
N VAL C 96 37.23 16.12 11.42
CA VAL C 96 37.21 14.79 10.83
C VAL C 96 38.11 14.78 9.61
N ALA C 97 39.01 13.78 9.54
CA ALA C 97 39.90 13.60 8.42
C ALA C 97 39.57 12.29 7.72
N VAL C 98 38.95 12.40 6.55
CA VAL C 98 38.45 11.26 5.79
C VAL C 98 39.55 10.80 4.85
N ASN C 99 40.21 9.69 5.22
CA ASN C 99 41.47 9.28 4.64
C ASN C 99 41.22 8.31 3.49
N GLY C 100 39.97 7.86 3.39
CA GLY C 100 39.58 6.91 2.36
C GLY C 100 38.07 6.82 2.27
N VAL C 101 37.55 5.68 1.82
CA VAL C 101 36.12 5.59 1.58
C VAL C 101 35.35 5.73 2.88
N ALA C 102 34.25 6.50 2.80
CA ALA C 102 33.23 6.60 3.84
C ALA C 102 31.90 6.21 3.22
N ALA C 103 31.36 5.06 3.67
CA ALA C 103 30.13 4.49 3.14
C ALA C 103 29.15 4.22 4.29
N GLY C 104 27.84 4.31 3.99
CA GLY C 104 26.81 4.08 5.00
C GLY C 104 27.04 4.88 6.29
N ALA C 105 27.00 4.20 7.45
CA ALA C 105 27.13 4.90 8.71
C ALA C 105 28.55 5.46 8.85
N GLY C 106 29.46 4.93 8.01
CA GLY C 106 30.80 5.48 7.91
C GLY C 106 30.75 6.92 7.42
N MET C 107 29.93 7.16 6.38
CA MET C 107 29.66 8.50 5.90
C MET C 107 28.92 9.31 6.99
N SER C 108 27.92 8.69 7.65
CA SER C 108 27.23 9.37 8.75
C SER C 108 28.25 9.89 9.77
N LEU C 109 29.17 9.03 10.21
CA LEU C 109 30.10 9.44 11.26
C LEU C 109 30.99 10.58 10.74
N ALA C 110 31.49 10.43 9.50
CA ALA C 110 32.34 11.46 8.93
C ALA C 110 31.67 12.84 8.97
N LEU C 111 30.36 12.87 8.70
CA LEU C 111 29.65 14.12 8.47
C LEU C 111 29.37 14.87 9.78
N TRP C 112 29.62 14.22 10.92
CA TRP C 112 29.41 14.84 12.23
C TRP C 112 30.56 15.77 12.60
N GLY C 113 31.66 15.72 11.83
CA GLY C 113 32.72 16.69 12.01
C GLY C 113 32.16 18.11 11.88
N ASP C 114 32.63 19.03 12.72
CA ASP C 114 32.30 20.43 12.56
C ASP C 114 33.16 20.99 11.42
N LEU C 115 34.42 20.55 11.36
CA LEU C 115 35.23 20.83 10.20
C LEU C 115 35.67 19.50 9.60
N ARG C 116 35.57 19.40 8.26
CA ARG C 116 35.80 18.13 7.61
C ARG C 116 36.80 18.26 6.48
N LEU C 117 37.80 17.39 6.49
CA LEU C 117 38.83 17.32 5.47
C LEU C 117 38.79 15.93 4.85
N ALA C 118 39.01 15.86 3.53
CA ALA C 118 39.20 14.58 2.86
C ALA C 118 40.55 14.55 2.14
N ALA C 119 41.12 13.35 2.04
CA ALA C 119 42.29 13.10 1.21
C ALA C 119 41.85 13.06 -0.24
N VAL C 120 42.71 13.57 -1.13
CA VAL C 120 42.64 13.16 -2.52
C VAL C 120 42.55 11.63 -2.50
N GLY C 121 41.59 11.08 -3.18
CA GLY C 121 41.47 9.63 -3.22
C GLY C 121 40.40 9.10 -2.27
N ALA C 122 39.99 9.89 -1.27
CA ALA C 122 38.83 9.53 -0.47
C ALA C 122 37.56 9.60 -1.32
N SER C 123 36.47 9.03 -0.78
CA SER C 123 35.23 8.96 -1.51
C SER C 123 34.07 8.77 -0.54
N PHE C 124 32.84 9.02 -1.03
CA PHE C 124 31.66 9.00 -0.20
C PHE C 124 30.54 8.30 -0.94
N THR C 125 29.87 7.40 -0.23
CA THR C 125 28.73 6.70 -0.78
C THR C 125 27.72 6.50 0.36
N THR C 126 26.47 6.88 0.12
CA THR C 126 25.43 6.71 1.13
C THR C 126 25.22 5.22 1.42
N ALA C 127 25.12 4.42 0.35
CA ALA C 127 25.21 2.97 0.41
C ALA C 127 23.93 2.32 0.93
N PHE C 128 23.29 2.93 1.93
CA PHE C 128 22.10 2.34 2.54
C PHE C 128 21.14 1.69 1.52
N VAL C 129 20.78 2.44 0.46
CA VAL C 129 19.69 2.03 -0.40
C VAL C 129 20.07 0.79 -1.21
N ARG C 130 21.38 0.60 -1.44
CA ARG C 130 21.91 -0.52 -2.20
C ARG C 130 21.59 -1.83 -1.51
N ILE C 131 21.37 -1.80 -0.17
CA ILE C 131 21.03 -3.02 0.55
C ILE C 131 19.60 -2.95 1.05
N GLY C 132 18.82 -2.08 0.40
CA GLY C 132 17.40 -1.89 0.70
C GLY C 132 17.09 -1.29 2.08
N LEU C 133 17.99 -0.44 2.59
CA LEU C 133 17.81 0.23 3.88
C LEU C 133 17.67 1.74 3.72
N VAL C 134 17.22 2.40 4.78
CA VAL C 134 17.13 3.85 4.85
C VAL C 134 18.38 4.39 5.57
N PRO C 135 18.68 5.71 5.49
CA PRO C 135 19.85 6.26 6.16
C PRO C 135 19.68 6.23 7.67
N ASN C 136 20.78 6.02 8.39
CA ASN C 136 20.78 5.97 9.85
C ASN C 136 21.96 6.77 10.41
N SER C 137 22.13 6.73 11.74
CA SER C 137 23.23 7.43 12.39
C SER C 137 23.18 8.92 12.06
N GLY C 138 21.96 9.43 11.78
CA GLY C 138 21.71 10.86 11.66
C GLY C 138 21.86 11.39 10.24
N LEU C 139 22.06 10.51 9.26
CA LEU C 139 22.38 10.99 7.92
C LEU C 139 21.18 11.71 7.30
N SER C 140 19.96 11.25 7.60
CA SER C 140 18.76 11.87 7.08
C SER C 140 18.62 13.28 7.66
N PHE C 141 19.18 13.48 8.85
CA PHE C 141 19.22 14.77 9.53
C PHE C 141 20.31 15.64 8.90
N LEU C 142 21.55 15.15 8.89
CA LEU C 142 22.69 15.98 8.56
C LEU C 142 22.73 16.32 7.07
N LEU C 143 22.48 15.33 6.21
CA LEU C 143 22.78 15.49 4.79
C LEU C 143 21.99 16.63 4.16
N PRO C 144 20.65 16.72 4.31
CA PRO C 144 19.87 17.82 3.69
C PRO C 144 20.34 19.17 4.24
N ARG C 145 20.70 19.21 5.54
CA ARG C 145 21.23 20.43 6.13
C ARG C 145 22.56 20.82 5.49
N LEU C 146 23.43 19.84 5.24
CA LEU C 146 24.78 20.11 4.80
C LEU C 146 24.82 20.50 3.31
N VAL C 147 24.05 19.81 2.45
CA VAL C 147 24.26 19.98 1.02
C VAL C 147 22.98 20.45 0.34
N GLY C 148 21.89 20.56 1.13
CA GLY C 148 20.60 20.97 0.61
C GLY C 148 19.79 19.76 0.17
N LEU C 149 18.46 19.94 0.09
CA LEU C 149 17.57 18.81 -0.13
C LEU C 149 17.80 18.23 -1.51
N ALA C 150 18.07 19.07 -2.52
CA ALA C 150 18.22 18.62 -3.90
C ALA C 150 19.31 17.55 -4.02
N LYS C 151 20.49 17.84 -3.46
CA LYS C 151 21.62 16.93 -3.54
C LYS C 151 21.40 15.73 -2.62
N ALA C 152 20.72 15.96 -1.49
CA ALA C 152 20.44 14.89 -0.54
C ALA C 152 19.62 13.80 -1.22
N GLN C 153 18.53 14.20 -1.93
CA GLN C 153 17.65 13.31 -2.66
C GLN C 153 18.48 12.41 -3.58
N GLU C 154 19.33 13.04 -4.39
CA GLU C 154 20.12 12.32 -5.38
C GLU C 154 21.12 11.40 -4.68
N LEU C 155 21.85 11.94 -3.70
CA LEU C 155 22.89 11.15 -3.03
C LEU C 155 22.29 9.92 -2.36
N LEU C 156 21.11 10.12 -1.72
CA LEU C 156 20.49 9.05 -0.95
C LEU C 156 19.80 8.04 -1.86
N LEU C 157 19.05 8.51 -2.88
CA LEU C 157 18.21 7.57 -3.61
C LEU C 157 19.04 6.80 -4.65
N LEU C 158 20.10 7.41 -5.18
CA LEU C 158 20.84 6.80 -6.28
C LEU C 158 22.17 6.24 -5.78
N SER C 159 22.57 6.66 -4.57
CA SER C 159 23.79 6.20 -3.94
C SER C 159 24.98 6.21 -4.90
N PRO C 160 25.30 7.34 -5.59
CA PRO C 160 26.54 7.39 -6.37
C PRO C 160 27.76 7.35 -5.47
N ARG C 161 28.92 7.00 -6.03
CA ARG C 161 30.17 7.16 -5.30
C ARG C 161 30.74 8.52 -5.70
N LEU C 162 30.84 9.43 -4.72
CA LEU C 162 31.39 10.75 -4.97
C LEU C 162 32.88 10.74 -4.66
N SER C 163 33.62 11.51 -5.47
CA SER C 163 35.04 11.70 -5.21
C SER C 163 35.21 12.81 -4.18
N ALA C 164 36.44 12.99 -3.71
CA ALA C 164 36.78 14.03 -2.77
C ALA C 164 36.41 15.41 -3.33
N GLU C 165 36.74 15.66 -4.61
CA GLU C 165 36.58 16.99 -5.18
C GLU C 165 35.10 17.30 -5.35
N GLU C 166 34.27 16.30 -5.68
CA GLU C 166 32.83 16.53 -5.76
C GLU C 166 32.26 16.77 -4.36
N ALA C 167 32.76 16.03 -3.36
CA ALA C 167 32.33 16.19 -1.98
C ALA C 167 32.62 17.61 -1.50
N LEU C 168 33.79 18.16 -1.91
CA LEU C 168 34.17 19.53 -1.60
C LEU C 168 33.18 20.52 -2.21
N ALA C 169 32.80 20.28 -3.46
CA ALA C 169 31.91 21.19 -4.17
C ALA C 169 30.53 21.20 -3.50
N LEU C 170 30.07 20.06 -2.98
CA LEU C 170 28.76 19.97 -2.35
C LEU C 170 28.77 20.49 -0.91
N GLY C 171 29.94 20.67 -0.31
CA GLY C 171 30.02 21.01 1.10
C GLY C 171 30.12 19.80 2.05
N LEU C 172 30.18 18.58 1.50
CA LEU C 172 30.41 17.40 2.34
C LEU C 172 31.72 17.52 3.11
N VAL C 173 32.73 18.14 2.49
CA VAL C 173 33.98 18.41 3.19
C VAL C 173 34.33 19.87 2.93
N HIS C 174 35.16 20.42 3.81
CA HIS C 174 35.51 21.84 3.76
C HIS C 174 36.85 22.02 3.05
N ARG C 175 37.66 20.95 2.98
CA ARG C 175 38.98 21.01 2.37
C ARG C 175 39.39 19.64 1.90
N VAL C 176 40.06 19.62 0.73
CA VAL C 176 40.68 18.44 0.18
C VAL C 176 42.20 18.62 0.21
N VAL C 177 42.89 17.56 0.63
CA VAL C 177 44.34 17.59 0.83
C VAL C 177 44.94 16.30 0.26
N PRO C 178 46.17 16.39 -0.31
CA PRO C 178 46.90 15.19 -0.74
C PRO C 178 47.01 14.18 0.41
N ALA C 179 46.90 12.88 0.08
CA ALA C 179 46.78 11.80 1.06
C ALA C 179 47.85 11.90 2.17
N GLU C 180 49.11 12.16 1.71
CA GLU C 180 50.28 12.11 2.57
C GLU C 180 50.30 13.31 3.51
N LYS C 181 49.47 14.32 3.24
CA LYS C 181 49.46 15.52 4.06
C LYS C 181 48.19 15.62 4.91
N LEU C 182 47.24 14.69 4.75
CA LEU C 182 45.92 14.84 5.35
C LEU C 182 46.02 14.99 6.86
N MET C 183 46.74 14.06 7.51
CA MET C 183 46.82 14.07 8.96
C MET C 183 47.55 15.31 9.46
N GLU C 184 48.56 15.76 8.70
CA GLU C 184 49.34 16.91 9.12
C GLU C 184 48.43 18.14 9.13
N GLU C 185 47.60 18.31 8.06
CA GLU C 185 46.69 19.44 7.98
C GLU C 185 45.53 19.32 8.97
N ALA C 186 44.96 18.12 9.09
CA ALA C 186 43.85 17.90 10.01
C ALA C 186 44.27 18.20 11.45
N LEU C 187 45.41 17.65 11.85
CA LEU C 187 45.92 17.81 13.20
C LEU C 187 46.27 19.28 13.45
N SER C 188 46.80 19.94 12.42
CA SER C 188 47.18 21.33 12.52
C SER C 188 45.93 22.20 12.75
N LEU C 189 44.85 21.88 12.03
CA LEU C 189 43.57 22.56 12.24
C LEU C 189 43.04 22.28 13.65
N ALA C 190 43.08 21.00 14.06
CA ALA C 190 42.60 20.60 15.37
C ALA C 190 43.36 21.32 16.47
N LYS C 191 44.68 21.49 16.30
CA LYS C 191 45.52 22.15 17.29
C LYS C 191 45.13 23.62 17.43
N GLU C 192 44.88 24.27 16.29
CA GLU C 192 44.46 25.67 16.27
C GLU C 192 43.11 25.83 16.97
N LEU C 193 42.16 24.95 16.66
CA LEU C 193 40.87 24.98 17.32
C LEU C 193 41.05 24.73 18.82
N ALA C 194 42.03 23.91 19.19
CA ALA C 194 42.27 23.56 20.58
C ALA C 194 42.78 24.76 21.38
N GLN C 195 43.27 25.80 20.69
CA GLN C 195 43.74 27.04 21.31
C GLN C 195 42.62 28.08 21.36
N GLY C 196 41.50 27.83 20.66
CA GLY C 196 40.45 28.82 20.49
C GLY C 196 39.40 28.75 21.59
N PRO C 197 38.31 29.56 21.51
CA PRO C 197 37.36 29.69 22.60
C PRO C 197 36.37 28.53 22.69
N THR C 198 36.79 27.46 23.39
CA THR C 198 36.06 26.20 23.41
C THR C 198 34.58 26.40 23.76
N ARG C 199 34.28 27.27 24.74
CA ARG C 199 32.89 27.48 25.12
C ARG C 199 32.11 28.12 23.96
N ALA C 200 32.70 29.12 23.29
CA ALA C 200 32.03 29.74 22.15
C ALA C 200 31.75 28.70 21.08
N TYR C 201 32.73 27.82 20.82
CA TYR C 201 32.55 26.73 19.87
C TYR C 201 31.36 25.86 20.30
N ALA C 202 31.37 25.40 21.56
CA ALA C 202 30.34 24.48 22.05
C ALA C 202 28.94 25.07 21.88
N LEU C 203 28.80 26.35 22.25
CA LEU C 203 27.48 26.95 22.29
C LEU C 203 26.98 27.31 20.88
N THR C 204 27.90 27.72 20.00
CA THR C 204 27.59 27.90 18.59
C THR C 204 27.05 26.60 18.00
N LYS C 205 27.64 25.46 18.37
CA LYS C 205 27.20 24.18 17.85
C LYS C 205 25.80 23.85 18.35
N LYS C 206 25.48 24.22 19.60
CA LYS C 206 24.16 23.96 20.15
C LYS C 206 23.13 24.76 19.36
N LEU C 207 23.47 26.01 18.98
CA LEU C 207 22.58 26.82 18.15
C LEU C 207 22.36 26.20 16.78
N LEU C 208 23.44 25.70 16.16
CA LEU C 208 23.34 25.14 14.81
C LEU C 208 22.50 23.86 14.83
N LEU C 209 22.66 23.07 15.87
CA LEU C 209 21.95 21.80 15.98
C LEU C 209 20.44 22.05 16.06
N GLU C 210 20.01 23.19 16.61
CA GLU C 210 18.60 23.40 16.92
C GLU C 210 17.90 24.28 15.87
N THR C 211 18.69 24.95 15.02
CA THR C 211 18.21 26.15 14.37
C THR C 211 16.97 25.90 13.51
N TYR C 212 16.94 24.77 12.78
CA TYR C 212 15.97 24.52 11.74
C TYR C 212 14.56 24.31 12.27
N ARG C 213 14.42 23.81 13.50
CA ARG C 213 13.08 23.54 13.99
C ARG C 213 12.52 24.69 14.82
N LEU C 214 13.29 25.76 15.00
CA LEU C 214 12.90 26.88 15.85
C LEU C 214 12.29 28.02 15.02
N SER C 215 11.30 28.69 15.59
CA SER C 215 10.82 29.95 15.08
C SER C 215 11.90 31.01 15.29
N LEU C 216 11.84 32.10 14.54
CA LEU C 216 12.74 33.20 14.79
C LEU C 216 12.67 33.60 16.26
N THR C 217 11.45 33.79 16.80
CA THR C 217 11.30 34.19 18.21
C THR C 217 12.11 33.29 19.13
N GLU C 218 11.94 31.97 19.02
CA GLU C 218 12.65 31.05 19.89
C GLU C 218 14.15 31.09 19.61
N ALA C 219 14.52 31.26 18.32
CA ALA C 219 15.94 31.32 17.99
C ALA C 219 16.59 32.52 18.70
N LEU C 220 15.91 33.69 18.64
CA LEU C 220 16.40 34.89 19.31
C LEU C 220 16.50 34.67 20.82
N ALA C 221 15.53 33.96 21.40
CA ALA C 221 15.56 33.74 22.85
C ALA C 221 16.75 32.85 23.21
N LEU C 222 17.00 31.78 22.44
CA LEU C 222 18.09 30.89 22.75
C LEU C 222 19.43 31.59 22.57
N GLU C 223 19.56 32.41 21.52
CA GLU C 223 20.77 33.18 21.30
C GLU C 223 21.03 34.05 22.54
N ALA C 224 19.97 34.71 23.06
CA ALA C 224 20.11 35.52 24.26
C ALA C 224 20.61 34.68 25.43
N VAL C 225 19.99 33.53 25.68
CA VAL C 225 20.37 32.74 26.83
C VAL C 225 21.82 32.32 26.69
N LEU C 226 22.20 31.79 25.53
CA LEU C 226 23.53 31.23 25.36
C LEU C 226 24.56 32.35 25.24
N GLN C 227 24.20 33.49 24.68
CA GLN C 227 25.08 34.65 24.65
C GLN C 227 25.34 35.13 26.06
N GLY C 228 24.30 35.09 26.90
CA GLY C 228 24.39 35.37 28.33
C GLY C 228 25.51 34.56 28.98
N GLN C 229 25.54 33.25 28.67
CA GLN C 229 26.53 32.34 29.23
C GLN C 229 27.91 32.61 28.64
N ALA C 230 27.98 32.80 27.31
CA ALA C 230 29.26 33.06 26.67
C ALA C 230 29.86 34.33 27.26
N GLY C 231 28.97 35.30 27.56
CA GLY C 231 29.32 36.61 28.08
C GLY C 231 30.02 36.56 29.43
N GLN C 232 29.85 35.45 30.17
CA GLN C 232 30.37 35.35 31.52
C GLN C 232 31.61 34.45 31.58
N THR C 233 32.15 34.10 30.41
CA THR C 233 33.37 33.30 30.34
C THR C 233 34.60 34.22 30.42
N GLN C 234 35.73 33.68 30.88
CA GLN C 234 36.98 34.42 30.85
C GLN C 234 37.36 34.74 29.40
N ASP C 235 37.08 33.78 28.51
CA ASP C 235 37.46 33.89 27.11
C ASP C 235 36.81 35.12 26.46
N HIS C 236 35.59 35.48 26.89
CA HIS C 236 34.95 36.65 26.30
C HIS C 236 35.65 37.92 26.77
N GLU C 237 35.95 37.99 28.06
CA GLU C 237 36.71 39.09 28.63
C GLU C 237 38.01 39.24 27.83
N GLU C 238 38.74 38.12 27.71
CA GLU C 238 39.96 38.05 26.92
C GLU C 238 39.72 38.50 25.49
N GLY C 239 38.60 38.08 24.89
CA GLY C 239 38.28 38.39 23.51
C GLY C 239 38.17 39.90 23.28
N VAL C 240 37.42 40.56 24.18
CA VAL C 240 37.17 41.99 24.10
C VAL C 240 38.48 42.73 24.36
N ARG C 241 39.23 42.25 25.35
CA ARG C 241 40.49 42.89 25.71
C ARG C 241 41.44 42.82 24.53
N ALA C 242 41.50 41.65 23.89
CA ALA C 242 42.38 41.42 22.76
C ALA C 242 42.08 42.43 21.65
N PHE C 243 40.79 42.62 21.35
CA PHE C 243 40.43 43.53 20.27
C PHE C 243 40.87 44.95 20.60
N ARG C 244 40.65 45.40 21.84
CA ARG C 244 40.99 46.74 22.28
C ARG C 244 42.50 46.97 22.12
N GLU C 245 43.31 46.04 22.64
CA GLU C 245 44.75 46.15 22.58
C GLU C 245 45.27 45.41 21.36
N LYS C 246 45.10 45.99 20.16
CA LYS C 246 45.22 45.32 18.87
C LYS C 246 46.24 44.17 18.86
N ARG C 247 45.92 43.07 19.57
CA ARG C 247 46.77 41.90 19.64
C ARG C 247 45.90 40.64 19.51
N PRO C 248 46.48 39.48 19.13
CA PRO C 248 45.72 38.22 19.13
C PRO C 248 45.30 37.81 20.54
N PRO C 249 44.08 37.25 20.72
CA PRO C 249 43.64 36.72 22.02
C PRO C 249 44.37 35.43 22.40
N ARG C 250 44.43 35.15 23.71
CA ARG C 250 44.86 33.84 24.17
C ARG C 250 43.74 33.25 25.02
N PHE C 251 43.07 32.25 24.44
CA PHE C 251 41.85 31.69 25.00
C PHE C 251 42.19 30.46 25.84
N GLN C 252 41.37 30.15 26.84
CA GLN C 252 41.61 29.01 27.71
C GLN C 252 40.47 27.99 27.62
N GLY C 253 39.31 28.44 27.09
CA GLY C 253 38.14 27.59 26.99
C GLY C 253 37.26 27.60 28.24
N ARG C 254 37.20 28.75 28.95
CA ARG C 254 36.38 28.86 30.16
C ARG C 254 36.05 30.32 30.45
N MET D 1 -11.85 7.28 13.39
CA MET D 1 -12.42 6.60 12.13
C MET D 1 -12.31 5.07 12.21
N ILE D 2 -11.17 4.58 12.70
CA ILE D 2 -11.06 3.21 13.17
C ILE D 2 -10.55 3.23 14.61
N LEU D 3 -11.42 2.88 15.57
CA LEU D 3 -11.01 2.79 16.95
C LEU D 3 -10.26 1.48 17.19
N LYS D 4 -9.18 1.54 17.97
CA LYS D 4 -8.38 0.38 18.31
C LYS D 4 -8.41 0.20 19.82
N GLU D 5 -8.17 -1.02 20.30
CA GLU D 5 -8.16 -1.33 21.72
C GLU D 5 -7.83 -2.80 21.90
N ARG D 6 -6.88 -3.07 22.80
CA ARG D 6 -6.31 -4.40 23.03
C ARG D 6 -6.92 -4.99 24.30
N GLN D 7 -6.89 -6.33 24.40
CA GLN D 7 -7.48 -7.03 25.54
C GLN D 7 -7.17 -8.52 25.44
N ASP D 8 -6.23 -8.99 26.28
CA ASP D 8 -5.88 -10.39 26.39
C ASP D 8 -5.51 -10.98 25.02
N GLY D 9 -4.72 -10.21 24.25
CA GLY D 9 -4.20 -10.71 23.00
C GLY D 9 -5.11 -10.47 21.79
N VAL D 10 -6.23 -9.76 22.01
CA VAL D 10 -7.21 -9.47 20.96
C VAL D 10 -7.15 -7.99 20.63
N LEU D 11 -7.01 -7.66 19.34
CA LEU D 11 -7.13 -6.30 18.86
C LEU D 11 -8.54 -6.10 18.30
N VAL D 12 -9.29 -5.19 18.96
CA VAL D 12 -10.67 -4.88 18.60
C VAL D 12 -10.65 -3.61 17.74
N LEU D 13 -11.16 -3.72 16.51
CA LEU D 13 -11.23 -2.60 15.59
C LEU D 13 -12.70 -2.25 15.38
N THR D 14 -13.01 -0.95 15.54
CA THR D 14 -14.37 -0.47 15.38
C THR D 14 -14.43 0.54 14.24
N LEU D 15 -15.29 0.27 13.25
CA LEU D 15 -15.60 1.26 12.23
C LEU D 15 -16.39 2.37 12.91
N ASN D 16 -15.92 3.61 12.73
CA ASN D 16 -16.42 4.73 13.51
C ASN D 16 -16.73 5.93 12.60
N ARG D 17 -17.80 5.79 11.81
CA ARG D 17 -18.46 6.95 11.23
C ARG D 17 -19.95 6.79 11.49
N PRO D 18 -20.38 6.64 12.76
CA PRO D 18 -21.74 6.18 13.07
C PRO D 18 -22.85 7.10 12.56
N GLU D 19 -22.54 8.38 12.34
CA GLU D 19 -23.49 9.36 11.80
C GLU D 19 -23.84 9.03 10.35
N LYS D 20 -22.92 8.36 9.64
CA LYS D 20 -23.16 7.92 8.29
C LYS D 20 -23.34 6.40 8.23
N LEU D 21 -23.64 5.77 9.38
CA LEU D 21 -23.82 4.32 9.48
C LEU D 21 -22.54 3.58 9.05
N ASN D 22 -21.41 4.16 9.42
CA ASN D 22 -20.08 3.65 9.15
C ASN D 22 -19.88 3.47 7.63
N ALA D 23 -20.50 4.33 6.82
CA ALA D 23 -20.29 4.28 5.39
C ALA D 23 -18.82 4.50 5.07
N ILE D 24 -18.35 3.84 4.00
CA ILE D 24 -16.92 3.72 3.74
C ILE D 24 -16.45 4.83 2.80
N THR D 25 -15.35 5.47 3.18
CA THR D 25 -14.65 6.48 2.38
C THR D 25 -13.19 6.07 2.24
N GLY D 26 -12.49 6.72 1.28
CA GLY D 26 -11.06 6.54 1.08
C GLY D 26 -10.27 6.61 2.39
N GLU D 27 -10.59 7.62 3.20
CA GLU D 27 -9.91 7.85 4.46
C GLU D 27 -10.10 6.65 5.38
N LEU D 28 -11.34 6.17 5.47
CA LEU D 28 -11.65 5.06 6.37
C LEU D 28 -10.88 3.82 5.93
N LEU D 29 -10.87 3.57 4.61
CA LEU D 29 -10.08 2.48 4.04
C LEU D 29 -8.61 2.61 4.42
N ASP D 30 -8.05 3.83 4.32
CA ASP D 30 -6.64 4.08 4.64
C ASP D 30 -6.38 3.82 6.12
N ALA D 31 -7.30 4.25 6.97
CA ALA D 31 -7.17 4.00 8.41
C ALA D 31 -7.31 2.50 8.70
N LEU D 32 -8.24 1.83 8.00
CA LEU D 32 -8.45 0.42 8.23
C LEU D 32 -7.22 -0.39 7.81
N TYR D 33 -6.66 -0.06 6.63
CA TYR D 33 -5.42 -0.67 6.21
C TYR D 33 -4.32 -0.57 7.28
N ALA D 34 -4.17 0.62 7.87
CA ALA D 34 -3.11 0.87 8.84
C ALA D 34 -3.31 0.02 10.09
N ALA D 35 -4.54 0.02 10.62
CA ALA D 35 -4.84 -0.77 11.81
C ALA D 35 -4.57 -2.25 11.56
N LEU D 36 -4.85 -2.72 10.34
CA LEU D 36 -4.70 -4.13 10.02
C LEU D 36 -3.22 -4.47 9.92
N LYS D 37 -2.44 -3.57 9.30
CA LYS D 37 -1.01 -3.77 9.21
C LYS D 37 -0.38 -3.78 10.61
N GLU D 38 -0.83 -2.86 11.46
CA GLU D 38 -0.34 -2.82 12.83
C GLU D 38 -0.67 -4.14 13.53
N GLY D 39 -1.93 -4.58 13.43
CA GLY D 39 -2.38 -5.78 14.10
C GLY D 39 -1.63 -7.02 13.61
N GLU D 40 -1.31 -7.04 12.32
CA GLU D 40 -0.56 -8.13 11.72
C GLU D 40 0.83 -8.23 12.35
N GLU D 41 1.50 -7.07 12.51
CA GLU D 41 2.90 -6.99 12.90
C GLU D 41 3.08 -7.14 14.41
N ASP D 42 2.05 -6.79 15.19
CA ASP D 42 2.13 -6.85 16.64
C ASP D 42 2.02 -8.31 17.10
N ARG D 43 3.10 -8.80 17.72
CA ARG D 43 3.20 -10.20 18.10
C ARG D 43 2.35 -10.47 19.34
N GLU D 44 1.98 -9.42 20.09
CA GLU D 44 1.14 -9.57 21.26
C GLU D 44 -0.32 -9.83 20.84
N VAL D 45 -0.63 -9.55 19.57
CA VAL D 45 -1.96 -9.69 19.01
C VAL D 45 -2.08 -11.06 18.35
N ARG D 46 -3.03 -11.87 18.82
CA ARG D 46 -3.20 -13.23 18.33
C ARG D 46 -4.60 -13.44 17.75
N ALA D 47 -5.40 -12.38 17.73
CA ALA D 47 -6.74 -12.39 17.17
C ALA D 47 -7.22 -10.96 16.96
N LEU D 48 -8.06 -10.77 15.93
CA LEU D 48 -8.73 -9.51 15.69
C LEU D 48 -10.24 -9.70 15.79
N LEU D 49 -10.92 -8.61 16.16
CA LEU D 49 -12.37 -8.55 16.23
C LEU D 49 -12.77 -7.24 15.57
N LEU D 50 -13.53 -7.34 14.47
CA LEU D 50 -13.99 -6.17 13.72
C LEU D 50 -15.48 -5.95 13.96
N THR D 51 -15.86 -4.70 14.25
CA THR D 51 -17.26 -4.37 14.50
C THR D 51 -17.54 -2.93 14.08
N GLY D 52 -18.81 -2.53 14.21
CA GLY D 52 -19.23 -1.18 13.88
C GLY D 52 -19.70 -0.40 15.11
N ALA D 53 -19.50 0.91 15.08
CA ALA D 53 -20.05 1.82 16.08
C ALA D 53 -21.49 2.21 15.70
N GLY D 54 -22.33 2.33 16.73
CA GLY D 54 -23.71 2.73 16.55
C GLY D 54 -24.62 1.57 16.13
N ARG D 55 -25.61 1.89 15.29
CA ARG D 55 -26.71 0.99 15.00
C ARG D 55 -26.35 0.05 13.86
N ALA D 56 -25.30 0.39 13.09
CA ALA D 56 -24.97 -0.34 11.88
C ALA D 56 -23.55 -0.91 11.95
N PHE D 57 -23.33 -1.99 11.18
CA PHE D 57 -21.97 -2.47 10.94
C PHE D 57 -21.32 -1.54 9.91
N SER D 58 -21.85 -1.52 8.68
CA SER D 58 -21.49 -0.54 7.68
C SER D 58 -22.47 -0.60 6.51
N ALA D 59 -22.92 0.59 6.10
CA ALA D 59 -23.84 0.76 4.98
C ALA D 59 -23.09 0.77 3.64
N GLY D 60 -21.81 0.43 3.66
CA GLY D 60 -21.05 0.32 2.42
C GLY D 60 -20.49 1.65 1.99
N GLN D 61 -20.05 1.72 0.73
CA GLN D 61 -19.49 2.93 0.14
C GLN D 61 -20.40 4.10 0.44
N ASP D 62 -19.79 5.18 0.96
CA ASP D 62 -20.48 6.46 1.15
C ASP D 62 -20.80 7.09 -0.20
N LEU D 63 -22.10 7.23 -0.50
CA LEU D 63 -22.52 7.63 -1.82
C LEU D 63 -22.50 9.15 -1.98
N THR D 64 -21.83 9.85 -1.03
CA THR D 64 -21.73 11.30 -1.02
C THR D 64 -20.26 11.73 -1.12
N GLU D 65 -19.36 10.78 -1.39
CA GLU D 65 -17.93 11.03 -1.51
C GLU D 65 -17.68 11.49 -2.94
N ALA D 75 -8.60 3.34 -10.01
CA ALA D 75 -9.20 4.42 -9.20
C ALA D 75 -9.28 4.08 -7.70
N HIS D 76 -10.47 4.22 -7.12
CA HIS D 76 -10.77 4.04 -5.71
C HIS D 76 -10.86 2.55 -5.40
N LEU D 77 -11.09 1.75 -6.45
CA LEU D 77 -11.20 0.32 -6.36
C LEU D 77 -9.86 -0.26 -5.89
N ARG D 78 -8.74 0.32 -6.31
CA ARG D 78 -7.45 -0.21 -5.90
C ARG D 78 -7.27 -0.08 -4.40
N ARG D 79 -7.92 0.93 -3.82
CA ARG D 79 -7.86 1.16 -2.38
C ARG D 79 -8.61 0.06 -1.63
N TYR D 80 -9.84 -0.28 -2.05
CA TYR D 80 -10.57 -1.40 -1.47
C TYR D 80 -9.74 -2.67 -1.51
N ASN D 81 -9.15 -2.96 -2.67
CA ASN D 81 -8.39 -4.18 -2.93
C ASN D 81 -7.21 -4.31 -1.96
N ARG D 82 -6.53 -3.20 -1.68
CA ARG D 82 -5.41 -3.22 -0.74
C ARG D 82 -5.90 -3.66 0.64
N VAL D 83 -7.02 -3.10 1.08
CA VAL D 83 -7.63 -3.48 2.35
C VAL D 83 -8.02 -4.95 2.35
N VAL D 84 -8.54 -5.43 1.22
CA VAL D 84 -8.99 -6.82 1.19
C VAL D 84 -7.78 -7.76 1.26
N GLU D 85 -6.69 -7.42 0.53
CA GLU D 85 -5.46 -8.21 0.59
C GLU D 85 -4.98 -8.27 2.04
N ALA D 86 -5.10 -7.14 2.74
CA ALA D 86 -4.67 -7.10 4.13
C ALA D 86 -5.61 -7.89 5.05
N LEU D 87 -6.94 -7.77 4.86
CA LEU D 87 -7.93 -8.51 5.64
C LEU D 87 -7.70 -10.01 5.46
N SER D 88 -7.62 -10.45 4.19
CA SER D 88 -7.60 -11.85 3.83
C SER D 88 -6.28 -12.50 4.22
N GLY D 89 -5.19 -11.72 4.24
CA GLY D 89 -3.83 -12.23 4.44
C GLY D 89 -3.38 -12.20 5.91
N LEU D 90 -4.28 -11.77 6.81
CA LEU D 90 -4.04 -11.69 8.23
C LEU D 90 -3.60 -13.07 8.73
N GLU D 91 -2.47 -13.12 9.45
CA GLU D 91 -1.92 -14.38 9.90
C GLU D 91 -2.36 -14.64 11.33
N LYS D 92 -3.67 -14.48 11.55
CA LYS D 92 -4.32 -14.42 12.84
C LYS D 92 -5.82 -14.58 12.58
N PRO D 93 -6.55 -15.33 13.42
CA PRO D 93 -8.00 -15.45 13.26
C PRO D 93 -8.64 -14.07 13.37
N LEU D 94 -9.65 -13.84 12.52
CA LEU D 94 -10.44 -12.63 12.53
C LEU D 94 -11.87 -13.00 12.91
N VAL D 95 -12.37 -12.39 13.99
CA VAL D 95 -13.78 -12.52 14.32
C VAL D 95 -14.46 -11.24 13.87
N VAL D 96 -15.68 -11.39 13.36
CA VAL D 96 -16.48 -10.25 12.94
C VAL D 96 -17.80 -10.27 13.71
N ALA D 97 -18.13 -9.13 14.33
CA ALA D 97 -19.38 -8.99 15.05
C ALA D 97 -20.25 -7.95 14.36
N VAL D 98 -21.28 -8.41 13.65
CA VAL D 98 -22.14 -7.57 12.82
C VAL D 98 -23.29 -7.08 13.68
N ASN D 99 -23.20 -5.80 14.10
CA ASN D 99 -24.03 -5.26 15.17
C ASN D 99 -25.26 -4.61 14.57
N GLY D 100 -25.27 -4.47 13.24
CA GLY D 100 -26.37 -3.83 12.56
C GLY D 100 -26.26 -4.09 11.06
N VAL D 101 -26.80 -3.18 10.25
CA VAL D 101 -26.88 -3.46 8.82
C VAL D 101 -25.47 -3.50 8.23
N ALA D 102 -25.28 -4.48 7.34
CA ALA D 102 -24.11 -4.60 6.47
C ALA D 102 -24.56 -4.63 5.02
N ALA D 103 -24.26 -3.54 4.30
CA ALA D 103 -24.69 -3.36 2.92
C ALA D 103 -23.46 -3.11 2.02
N GLY D 104 -23.55 -3.49 0.74
CA GLY D 104 -22.47 -3.28 -0.20
C GLY D 104 -21.12 -3.78 0.33
N ALA D 105 -20.08 -2.92 0.24
CA ALA D 105 -18.75 -3.31 0.67
C ALA D 105 -18.73 -3.52 2.18
N GLY D 106 -19.76 -3.02 2.85
CA GLY D 106 -19.96 -3.29 4.26
C GLY D 106 -20.20 -4.77 4.49
N MET D 107 -21.06 -5.36 3.66
CA MET D 107 -21.26 -6.80 3.64
C MET D 107 -19.96 -7.51 3.21
N SER D 108 -19.27 -6.98 2.19
CA SER D 108 -17.98 -7.56 1.78
C SER D 108 -17.06 -7.67 2.99
N LEU D 109 -16.90 -6.56 3.74
CA LEU D 109 -15.96 -6.56 4.84
C LEU D 109 -16.42 -7.56 5.91
N ALA D 110 -17.72 -7.58 6.21
CA ALA D 110 -18.24 -8.49 7.23
C ALA D 110 -17.88 -9.93 6.90
N LEU D 111 -17.95 -10.29 5.62
CA LEU D 111 -17.84 -11.68 5.20
C LEU D 111 -16.40 -12.19 5.25
N TRP D 112 -15.42 -11.29 5.47
CA TRP D 112 -14.03 -11.66 5.55
C TRP D 112 -13.67 -12.24 6.92
N GLY D 113 -14.61 -12.13 7.88
CA GLY D 113 -14.39 -12.80 9.15
C GLY D 113 -14.19 -14.29 8.93
N ASP D 114 -13.29 -14.90 9.70
CA ASP D 114 -13.13 -16.34 9.68
C ASP D 114 -14.26 -16.93 10.53
N LEU D 115 -14.60 -16.24 11.62
CA LEU D 115 -15.77 -16.56 12.40
C LEU D 115 -16.65 -15.32 12.44
N ARG D 116 -17.95 -15.49 12.19
CA ARG D 116 -18.83 -14.34 12.02
C ARG D 116 -20.06 -14.50 12.90
N LEU D 117 -20.35 -13.46 13.67
CA LEU D 117 -21.52 -13.39 14.54
C LEU D 117 -22.34 -12.16 14.13
N ALA D 118 -23.67 -12.30 14.18
CA ALA D 118 -24.55 -11.17 13.97
C ALA D 118 -25.48 -11.01 15.17
N ALA D 119 -25.86 -9.75 15.43
CA ALA D 119 -26.88 -9.42 16.41
C ALA D 119 -28.24 -9.77 15.82
N VAL D 120 -29.14 -10.26 16.69
CA VAL D 120 -30.57 -10.18 16.40
C VAL D 120 -30.81 -8.75 15.94
N GLY D 121 -31.44 -8.62 14.78
CA GLY D 121 -31.77 -7.28 14.30
C GLY D 121 -30.77 -6.76 13.27
N ALA D 122 -29.56 -7.36 13.19
CA ALA D 122 -28.65 -7.03 12.09
C ALA D 122 -29.24 -7.53 10.77
N SER D 123 -28.68 -7.10 9.65
CA SER D 123 -29.19 -7.48 8.34
C SER D 123 -28.11 -7.35 7.28
N PHE D 124 -28.35 -7.96 6.12
CA PHE D 124 -27.37 -8.04 5.05
C PHE D 124 -28.06 -7.79 3.73
N THR D 125 -27.48 -6.86 2.97
CA THR D 125 -27.95 -6.61 1.62
C THR D 125 -26.73 -6.36 0.74
N THR D 126 -26.69 -7.04 -0.41
CA THR D 126 -25.59 -6.86 -1.34
C THR D 126 -25.56 -5.42 -1.83
N ALA D 127 -26.74 -4.88 -2.21
CA ALA D 127 -26.94 -3.45 -2.45
C ALA D 127 -26.37 -3.02 -3.79
N PHE D 128 -25.19 -3.53 -4.17
CA PHE D 128 -24.51 -3.09 -5.37
C PHE D 128 -25.46 -2.82 -6.55
N VAL D 129 -26.32 -3.80 -6.89
CA VAL D 129 -27.06 -3.78 -8.13
C VAL D 129 -28.11 -2.67 -8.11
N ARG D 130 -28.57 -2.28 -6.92
CA ARG D 130 -29.56 -1.22 -6.75
C ARG D 130 -29.02 0.11 -7.25
N ILE D 131 -27.68 0.26 -7.30
CA ILE D 131 -27.00 1.47 -7.72
C ILE D 131 -26.38 1.24 -9.10
N GLY D 132 -26.75 0.13 -9.75
CA GLY D 132 -26.24 -0.26 -11.06
C GLY D 132 -24.76 -0.63 -11.07
N LEU D 133 -24.26 -1.17 -9.94
CA LEU D 133 -22.88 -1.60 -9.80
C LEU D 133 -22.78 -3.12 -9.65
N VAL D 134 -21.56 -3.62 -9.82
CA VAL D 134 -21.23 -5.03 -9.61
C VAL D 134 -20.65 -5.19 -8.20
N PRO D 135 -20.56 -6.42 -7.63
CA PRO D 135 -19.98 -6.59 -6.30
C PRO D 135 -18.48 -6.32 -6.32
N ASN D 136 -17.96 -5.77 -5.21
CA ASN D 136 -16.55 -5.44 -5.11
C ASN D 136 -16.02 -5.85 -3.74
N SER D 137 -14.76 -5.51 -3.44
CA SER D 137 -14.16 -5.78 -2.15
C SER D 137 -14.23 -7.28 -1.85
N GLY D 138 -14.20 -8.09 -2.91
CA GLY D 138 -14.04 -9.53 -2.79
C GLY D 138 -15.38 -10.28 -2.71
N LEU D 139 -16.51 -9.59 -2.85
CA LEU D 139 -17.79 -10.25 -2.63
C LEU D 139 -18.07 -11.29 -3.72
N SER D 140 -17.63 -11.02 -4.95
CA SER D 140 -17.78 -11.94 -6.06
C SER D 140 -16.98 -13.21 -5.80
N PHE D 141 -15.91 -13.07 -5.03
CA PHE D 141 -15.04 -14.16 -4.62
C PHE D 141 -15.69 -14.90 -3.46
N LEU D 142 -16.01 -14.19 -2.38
CA LEU D 142 -16.38 -14.81 -1.12
C LEU D 142 -17.78 -15.45 -1.19
N LEU D 143 -18.74 -14.70 -1.76
CA LEU D 143 -20.14 -15.07 -1.62
C LEU D 143 -20.43 -16.45 -2.20
N PRO D 144 -20.05 -16.76 -3.47
CA PRO D 144 -20.32 -18.06 -4.06
C PRO D 144 -19.64 -19.17 -3.25
N ARG D 145 -18.43 -18.90 -2.72
CA ARG D 145 -17.74 -19.87 -1.89
C ARG D 145 -18.52 -20.11 -0.59
N LEU D 146 -19.07 -19.05 0.02
CA LEU D 146 -19.68 -19.14 1.33
C LEU D 146 -21.06 -19.80 1.27
N VAL D 147 -21.89 -19.46 0.26
CA VAL D 147 -23.28 -19.90 0.32
C VAL D 147 -23.63 -20.72 -0.92
N GLY D 148 -22.68 -20.85 -1.85
CA GLY D 148 -22.88 -21.57 -3.09
C GLY D 148 -23.40 -20.64 -4.20
N LEU D 149 -23.24 -21.08 -5.45
CA LEU D 149 -23.51 -20.20 -6.58
C LEU D 149 -25.00 -19.87 -6.67
N ALA D 150 -25.88 -20.83 -6.37
CA ALA D 150 -27.32 -20.65 -6.49
C ALA D 150 -27.80 -19.47 -5.64
N LYS D 151 -27.39 -19.42 -4.36
CA LYS D 151 -27.78 -18.35 -3.47
C LYS D 151 -27.06 -17.05 -3.81
N ALA D 152 -25.82 -17.17 -4.31
CA ALA D 152 -25.06 -16.01 -4.73
C ALA D 152 -25.81 -15.24 -5.81
N GLN D 153 -26.25 -15.95 -6.86
CA GLN D 153 -27.02 -15.41 -7.97
C GLN D 153 -28.20 -14.61 -7.44
N GLU D 154 -29.00 -15.22 -6.57
CA GLU D 154 -30.21 -14.59 -6.05
C GLU D 154 -29.84 -13.37 -5.20
N LEU D 155 -28.89 -13.54 -4.26
CA LEU D 155 -28.55 -12.48 -3.34
C LEU D 155 -28.01 -11.26 -4.11
N LEU D 156 -27.19 -11.53 -5.14
CA LEU D 156 -26.53 -10.48 -5.88
C LEU D 156 -27.47 -9.82 -6.88
N LEU D 157 -28.27 -10.60 -7.61
CA LEU D 157 -29.01 -10.02 -8.73
C LEU D 157 -30.28 -9.34 -8.23
N LEU D 158 -30.86 -9.84 -7.13
CA LEU D 158 -32.15 -9.33 -6.66
C LEU D 158 -31.95 -8.43 -5.44
N SER D 159 -30.78 -8.54 -4.81
CA SER D 159 -30.43 -7.71 -3.66
C SER D 159 -31.56 -7.70 -2.62
N PRO D 160 -32.09 -8.84 -2.14
CA PRO D 160 -32.99 -8.80 -0.98
C PRO D 160 -32.25 -8.35 0.28
N ARG D 161 -33.01 -7.89 1.28
CA ARG D 161 -32.44 -7.64 2.60
C ARG D 161 -32.69 -8.89 3.42
N LEU D 162 -31.60 -9.55 3.83
CA LEU D 162 -31.69 -10.73 4.67
C LEU D 162 -31.58 -10.33 6.14
N SER D 163 -32.34 -11.03 6.96
CA SER D 163 -32.26 -10.86 8.41
C SER D 163 -31.09 -11.69 8.92
N ALA D 164 -30.76 -11.50 10.21
CA ALA D 164 -29.72 -12.25 10.88
C ALA D 164 -29.99 -13.77 10.80
N GLU D 165 -31.25 -14.17 11.04
CA GLU D 165 -31.59 -15.57 11.13
C GLU D 165 -31.46 -16.22 9.76
N GLU D 166 -31.84 -15.52 8.68
CA GLU D 166 -31.68 -16.06 7.34
C GLU D 166 -30.19 -16.15 6.98
N ALA D 167 -29.41 -15.14 7.39
CA ALA D 167 -27.97 -15.14 7.17
C ALA D 167 -27.32 -16.34 7.85
N LEU D 168 -27.79 -16.69 9.05
CA LEU D 168 -27.32 -17.86 9.78
C LEU D 168 -27.61 -19.13 9.01
N ALA D 169 -28.83 -19.22 8.45
CA ALA D 169 -29.24 -20.42 7.73
C ALA D 169 -28.38 -20.62 6.49
N LEU D 170 -27.98 -19.52 5.81
CA LEU D 170 -27.19 -19.62 4.58
C LEU D 170 -25.71 -19.83 4.86
N GLY D 171 -25.26 -19.64 6.09
CA GLY D 171 -23.84 -19.69 6.40
C GLY D 171 -23.13 -18.32 6.32
N LEU D 172 -23.87 -17.25 6.02
CA LEU D 172 -23.30 -15.90 6.03
C LEU D 172 -22.73 -15.57 7.41
N VAL D 173 -23.38 -16.07 8.48
CA VAL D 173 -22.84 -15.91 9.82
C VAL D 173 -22.88 -17.29 10.49
N HIS D 174 -22.07 -17.47 11.53
CA HIS D 174 -21.93 -18.74 12.21
C HIS D 174 -22.78 -18.76 13.48
N ARG D 175 -23.17 -17.57 13.97
CA ARG D 175 -23.90 -17.46 15.22
C ARG D 175 -24.69 -16.17 15.23
N VAL D 176 -25.91 -16.24 15.78
CA VAL D 176 -26.76 -15.08 16.01
C VAL D 176 -26.93 -14.92 17.52
N VAL D 177 -26.83 -13.67 18.00
CA VAL D 177 -26.85 -13.38 19.42
C VAL D 177 -27.65 -12.11 19.64
N PRO D 178 -28.42 -11.99 20.75
CA PRO D 178 -29.11 -10.73 21.10
C PRO D 178 -28.15 -9.56 21.11
N ALA D 179 -28.61 -8.40 20.63
CA ALA D 179 -27.80 -7.20 20.39
C ALA D 179 -26.88 -6.87 21.59
N GLU D 180 -27.47 -6.94 22.80
CA GLU D 180 -26.80 -6.47 24.00
C GLU D 180 -25.73 -7.46 24.43
N LYS D 181 -25.73 -8.66 23.84
CA LYS D 181 -24.76 -9.68 24.20
C LYS D 181 -23.72 -9.89 23.10
N LEU D 182 -23.87 -9.23 21.95
CA LEU D 182 -23.07 -9.55 20.78
C LEU D 182 -21.59 -9.37 21.07
N MET D 183 -21.22 -8.20 21.61
CA MET D 183 -19.82 -7.90 21.84
C MET D 183 -19.23 -8.83 22.90
N GLU D 184 -20.04 -9.20 23.89
CA GLU D 184 -19.57 -10.06 24.96
C GLU D 184 -19.23 -11.43 24.38
N GLU D 185 -20.08 -11.97 23.50
CA GLU D 185 -19.83 -13.27 22.89
C GLU D 185 -18.72 -13.19 21.85
N ALA D 186 -18.72 -12.13 21.03
CA ALA D 186 -17.69 -11.97 20.01
C ALA D 186 -16.31 -11.89 20.64
N LEU D 187 -16.18 -11.05 21.67
CA LEU D 187 -14.92 -10.83 22.36
C LEU D 187 -14.48 -12.12 23.06
N SER D 188 -15.45 -12.85 23.60
CA SER D 188 -15.19 -14.10 24.30
C SER D 188 -14.62 -15.12 23.32
N LEU D 189 -15.20 -15.19 22.12
CA LEU D 189 -14.70 -16.05 21.06
C LEU D 189 -13.29 -15.62 20.65
N ALA D 190 -13.11 -14.30 20.43
CA ALA D 190 -11.82 -13.76 20.02
C ALA D 190 -10.74 -14.09 21.05
N LYS D 191 -11.08 -14.01 22.35
CA LYS D 191 -10.13 -14.27 23.41
C LYS D 191 -9.70 -15.74 23.39
N GLU D 192 -10.65 -16.64 23.17
CA GLU D 192 -10.39 -18.07 23.08
C GLU D 192 -9.48 -18.36 21.89
N LEU D 193 -9.77 -17.76 20.73
CA LEU D 193 -8.93 -17.92 19.57
C LEU D 193 -7.54 -17.34 19.83
N ALA D 194 -7.47 -16.29 20.65
CA ALA D 194 -6.21 -15.63 20.95
C ALA D 194 -5.31 -16.53 21.80
N GLN D 195 -5.88 -17.57 22.42
CA GLN D 195 -5.14 -18.55 23.21
C GLN D 195 -4.74 -19.75 22.36
N GLY D 196 -5.30 -19.86 21.15
CA GLY D 196 -5.14 -21.06 20.34
C GLY D 196 -3.91 -20.98 19.43
N PRO D 197 -3.70 -22.01 18.58
CA PRO D 197 -2.46 -22.10 17.80
C PRO D 197 -2.44 -21.18 16.59
N THR D 198 -2.00 -19.93 16.82
CA THR D 198 -2.06 -18.87 15.83
C THR D 198 -1.46 -19.28 14.48
N ARG D 199 -0.33 -19.99 14.51
CA ARG D 199 0.29 -20.41 13.26
C ARG D 199 -0.60 -21.40 12.52
N ALA D 200 -1.19 -22.36 13.25
CA ALA D 200 -2.09 -23.32 12.61
C ALA D 200 -3.26 -22.56 11.95
N TYR D 201 -3.80 -21.57 12.67
CA TYR D 201 -4.87 -20.74 12.15
C TYR D 201 -4.43 -20.07 10.85
N ALA D 202 -3.28 -19.39 10.89
CA ALA D 202 -2.80 -18.61 9.76
C ALA D 202 -2.63 -19.48 8.53
N LEU D 203 -2.04 -20.67 8.73
CA LEU D 203 -1.70 -21.51 7.58
C LEU D 203 -2.93 -22.22 7.01
N THR D 204 -3.87 -22.59 7.89
CA THR D 204 -5.16 -23.11 7.46
C THR D 204 -5.88 -22.09 6.58
N LYS D 205 -5.78 -20.79 6.94
CA LYS D 205 -6.41 -19.75 6.15
C LYS D 205 -5.76 -19.63 4.77
N LYS D 206 -4.45 -19.83 4.70
CA LYS D 206 -3.73 -19.75 3.43
C LYS D 206 -4.23 -20.88 2.53
N LEU D 207 -4.46 -22.08 3.10
CA LEU D 207 -4.97 -23.19 2.32
C LEU D 207 -6.40 -22.88 1.82
N LEU D 208 -7.26 -22.30 2.67
CA LEU D 208 -8.63 -22.02 2.29
C LEU D 208 -8.68 -20.97 1.17
N LEU D 209 -7.81 -19.98 1.26
CA LEU D 209 -7.80 -18.90 0.28
C LEU D 209 -7.46 -19.44 -1.10
N GLU D 210 -6.69 -20.53 -1.18
CA GLU D 210 -6.13 -20.96 -2.46
C GLU D 210 -6.91 -22.14 -3.04
N THR D 211 -7.77 -22.78 -2.22
CA THR D 211 -8.15 -24.15 -2.48
C THR D 211 -8.83 -24.33 -3.83
N TYR D 212 -9.73 -23.39 -4.22
CA TYR D 212 -10.62 -23.62 -5.35
C TYR D 212 -9.90 -23.58 -6.68
N ARG D 213 -8.77 -22.87 -6.79
CA ARG D 213 -8.09 -22.77 -8.07
C ARG D 213 -6.97 -23.78 -8.21
N LEU D 214 -6.75 -24.62 -7.19
CA LEU D 214 -5.69 -25.61 -7.23
C LEU D 214 -6.23 -26.98 -7.66
N SER D 215 -5.41 -27.71 -8.44
CA SER D 215 -5.64 -29.12 -8.68
C SER D 215 -5.41 -29.89 -7.40
N LEU D 216 -5.94 -31.12 -7.32
CA LEU D 216 -5.63 -31.93 -6.16
C LEU D 216 -4.11 -32.01 -5.94
N THR D 217 -3.36 -32.31 -7.01
CA THR D 217 -1.91 -32.44 -6.92
C THR D 217 -1.30 -31.21 -6.24
N GLU D 218 -1.63 -30.01 -6.73
CA GLU D 218 -1.08 -28.80 -6.14
C GLU D 218 -1.55 -28.62 -4.70
N ALA D 219 -2.82 -28.98 -4.44
CA ALA D 219 -3.34 -28.83 -3.09
C ALA D 219 -2.54 -29.70 -2.12
N LEU D 220 -2.28 -30.95 -2.51
CA LEU D 220 -1.49 -31.88 -1.70
C LEU D 220 -0.07 -31.34 -1.50
N ALA D 221 0.51 -30.72 -2.54
CA ALA D 221 1.86 -30.18 -2.40
C ALA D 221 1.88 -29.03 -1.39
N LEU D 222 0.90 -28.13 -1.48
CA LEU D 222 0.88 -26.99 -0.58
C LEU D 222 0.61 -27.46 0.86
N GLU D 223 -0.28 -28.44 1.04
CA GLU D 223 -0.54 -29.00 2.35
C GLU D 223 0.78 -29.51 2.95
N ALA D 224 1.57 -30.23 2.14
CA ALA D 224 2.86 -30.74 2.59
C ALA D 224 3.77 -29.59 3.02
N VAL D 225 3.89 -28.56 2.18
CA VAL D 225 4.80 -27.48 2.51
C VAL D 225 4.36 -26.81 3.81
N LEU D 226 3.07 -26.49 3.93
CA LEU D 226 2.60 -25.72 5.09
C LEU D 226 2.55 -26.62 6.33
N GLN D 227 2.27 -27.91 6.14
CA GLN D 227 2.30 -28.84 7.27
C GLN D 227 3.73 -28.95 7.79
N GLY D 228 4.70 -28.94 6.86
CA GLY D 228 6.12 -28.88 7.17
C GLY D 228 6.43 -27.75 8.14
N GLN D 229 5.90 -26.56 7.85
CA GLN D 229 6.12 -25.38 8.67
C GLN D 229 5.38 -25.49 10.01
N ALA D 230 4.12 -25.95 9.97
CA ALA D 230 3.36 -26.06 11.20
C ALA D 230 4.08 -27.05 12.12
N GLY D 231 4.67 -28.09 11.50
CA GLY D 231 5.34 -29.18 12.19
C GLY D 231 6.55 -28.73 13.00
N GLN D 232 7.12 -27.55 12.67
CA GLN D 232 8.33 -27.08 13.31
C GLN D 232 8.04 -25.96 14.32
N THR D 233 6.77 -25.76 14.64
CA THR D 233 6.37 -24.76 15.62
C THR D 233 6.42 -25.37 17.03
N GLN D 234 6.60 -24.51 18.04
CA GLN D 234 6.52 -24.97 19.42
C GLN D 234 5.10 -25.49 19.71
N ASP D 235 4.11 -24.81 19.12
CA ASP D 235 2.71 -25.13 19.36
C ASP D 235 2.39 -26.57 18.95
N HIS D 236 3.05 -27.08 17.90
CA HIS D 236 2.77 -28.45 17.50
C HIS D 236 3.37 -29.43 18.51
N GLU D 237 4.60 -29.16 18.96
CA GLU D 237 5.24 -29.94 20.00
C GLU D 237 4.29 -29.98 21.21
N GLU D 238 3.87 -28.80 21.64
CA GLU D 238 2.92 -28.62 22.73
C GLU D 238 1.63 -29.40 22.46
N GLY D 239 1.15 -29.35 21.22
CA GLY D 239 -0.10 -29.99 20.84
C GLY D 239 -0.05 -31.49 21.04
N VAL D 240 1.05 -32.10 20.56
CA VAL D 240 1.24 -33.53 20.63
C VAL D 240 1.45 -33.93 22.09
N ARG D 241 2.22 -33.13 22.83
CA ARG D 241 2.48 -33.42 24.23
C ARG D 241 1.16 -33.41 24.99
N ALA D 242 0.36 -32.38 24.73
CA ALA D 242 -0.92 -32.20 25.39
C ALA D 242 -1.80 -33.43 25.19
N PHE D 243 -1.86 -33.94 23.95
CA PHE D 243 -2.72 -35.06 23.66
C PHE D 243 -2.27 -36.31 24.42
N ARG D 244 -0.94 -36.56 24.44
CA ARG D 244 -0.37 -37.71 25.11
C ARG D 244 -0.72 -37.67 26.61
N GLU D 245 -0.47 -36.53 27.26
CA GLU D 245 -0.71 -36.39 28.69
C GLU D 245 -2.07 -35.77 28.89
N LYS D 246 -3.14 -36.57 28.72
CA LYS D 246 -4.52 -36.14 28.56
C LYS D 246 -4.84 -34.83 29.32
N ARG D 247 -4.26 -33.72 28.85
CA ARG D 247 -4.48 -32.40 29.43
C ARG D 247 -4.70 -31.39 28.31
N PRO D 248 -5.35 -30.23 28.58
CA PRO D 248 -5.47 -29.17 27.58
C PRO D 248 -4.10 -28.59 27.20
N PRO D 249 -3.86 -28.26 25.91
CA PRO D 249 -2.62 -27.58 25.51
C PRO D 249 -2.58 -26.13 25.97
N ARG D 250 -1.38 -25.56 26.05
CA ARG D 250 -1.22 -24.12 26.20
C ARG D 250 -0.36 -23.64 25.04
N PHE D 251 -1.01 -22.94 24.11
CA PHE D 251 -0.40 -22.55 22.85
C PHE D 251 0.13 -21.13 22.98
N GLN D 252 1.17 -20.81 22.21
CA GLN D 252 1.79 -19.50 22.29
C GLN D 252 1.69 -18.79 20.94
N GLY D 253 1.44 -19.54 19.86
CA GLY D 253 1.39 -18.99 18.51
C GLY D 253 2.77 -18.92 17.84
N ARG D 254 3.63 -19.93 18.10
CA ARG D 254 5.05 -19.89 17.82
C ARG D 254 5.55 -21.33 17.54
N MET E 1 -39.69 -24.97 -33.85
CA MET E 1 -38.72 -25.76 -32.97
C MET E 1 -38.22 -24.92 -31.80
N ILE E 2 -37.93 -23.64 -32.04
CA ILE E 2 -37.76 -22.68 -30.96
C ILE E 2 -38.70 -21.52 -31.20
N LEU E 3 -39.75 -21.39 -30.37
CA LEU E 3 -40.69 -20.29 -30.51
C LEU E 3 -40.08 -19.06 -29.86
N LYS E 4 -40.28 -17.91 -30.52
CA LYS E 4 -39.79 -16.64 -30.05
C LYS E 4 -40.99 -15.73 -29.82
N GLU E 5 -40.80 -14.70 -29.00
CA GLU E 5 -41.85 -13.76 -28.68
C GLU E 5 -41.28 -12.69 -27.76
N ARG E 6 -41.47 -11.43 -28.12
CA ARG E 6 -41.00 -10.31 -27.32
C ARG E 6 -42.15 -9.70 -26.54
N GLN E 7 -41.82 -9.02 -25.42
CA GLN E 7 -42.85 -8.55 -24.50
C GLN E 7 -42.19 -7.69 -23.42
N ASP E 8 -42.32 -6.36 -23.55
CA ASP E 8 -41.82 -5.39 -22.58
C ASP E 8 -40.34 -5.62 -22.30
N GLY E 9 -39.57 -5.86 -23.37
CA GLY E 9 -38.12 -5.96 -23.26
C GLY E 9 -37.62 -7.36 -22.92
N VAL E 10 -38.52 -8.36 -22.88
CA VAL E 10 -38.20 -9.74 -22.56
C VAL E 10 -38.35 -10.57 -23.82
N LEU E 11 -37.31 -11.35 -24.16
CA LEU E 11 -37.40 -12.35 -25.20
C LEU E 11 -37.70 -13.71 -24.58
N VAL E 12 -38.87 -14.28 -24.90
CA VAL E 12 -39.33 -15.56 -24.40
C VAL E 12 -39.02 -16.61 -25.46
N LEU E 13 -38.21 -17.61 -25.09
CA LEU E 13 -37.85 -18.71 -25.97
C LEU E 13 -38.48 -19.98 -25.42
N THR E 14 -39.17 -20.72 -26.30
CA THR E 14 -39.80 -21.98 -25.93
C THR E 14 -39.21 -23.12 -26.76
N LEU E 15 -38.68 -24.14 -26.07
CA LEU E 15 -38.31 -25.38 -26.74
C LEU E 15 -39.60 -26.07 -27.17
N ASN E 16 -39.68 -26.42 -28.45
CA ASN E 16 -40.94 -26.84 -29.06
C ASN E 16 -40.75 -28.12 -29.87
N ARG E 17 -40.52 -29.22 -29.17
CA ARG E 17 -40.75 -30.55 -29.72
C ARG E 17 -41.57 -31.34 -28.71
N PRO E 18 -42.75 -30.81 -28.28
CA PRO E 18 -43.43 -31.29 -27.08
C PRO E 18 -43.84 -32.75 -27.12
N GLU E 19 -44.03 -33.30 -28.33
CA GLU E 19 -44.44 -34.68 -28.52
C GLU E 19 -43.29 -35.62 -28.16
N LYS E 20 -42.05 -35.11 -28.26
CA LYS E 20 -40.88 -35.89 -27.85
C LYS E 20 -40.28 -35.32 -26.55
N LEU E 21 -41.09 -34.58 -25.79
CA LEU E 21 -40.72 -33.99 -24.51
C LEU E 21 -39.56 -33.00 -24.70
N ASN E 22 -39.58 -32.30 -25.82
CA ASN E 22 -38.59 -31.30 -26.19
C ASN E 22 -37.20 -31.93 -26.20
N ALA E 23 -37.11 -33.22 -26.58
CA ALA E 23 -35.82 -33.85 -26.75
C ALA E 23 -34.98 -33.10 -27.78
N ILE E 24 -33.66 -33.06 -27.56
CA ILE E 24 -32.78 -32.16 -28.26
C ILE E 24 -32.19 -32.85 -29.49
N THR E 25 -32.25 -32.17 -30.64
CA THR E 25 -31.62 -32.60 -31.89
C THR E 25 -30.68 -31.52 -32.40
N GLY E 26 -29.80 -31.88 -33.34
CA GLY E 26 -28.89 -30.92 -33.99
C GLY E 26 -29.63 -29.67 -34.48
N GLU E 27 -30.79 -29.89 -35.11
CA GLU E 27 -31.57 -28.81 -35.67
C GLU E 27 -32.01 -27.87 -34.55
N LEU E 28 -32.50 -28.45 -33.44
CA LEU E 28 -33.00 -27.63 -32.34
C LEU E 28 -31.86 -26.80 -31.74
N LEU E 29 -30.70 -27.43 -31.58
CA LEU E 29 -29.49 -26.74 -31.14
C LEU E 29 -29.14 -25.58 -32.06
N ASP E 30 -29.23 -25.79 -33.39
CA ASP E 30 -28.95 -24.74 -34.37
C ASP E 30 -29.94 -23.60 -34.23
N ALA E 31 -31.22 -23.95 -34.06
CA ALA E 31 -32.25 -22.93 -33.87
C ALA E 31 -32.05 -22.20 -32.55
N LEU E 32 -31.65 -22.94 -31.49
CA LEU E 32 -31.47 -22.35 -30.17
C LEU E 32 -30.30 -21.37 -30.20
N TYR E 33 -29.18 -21.80 -30.82
CA TYR E 33 -28.04 -20.92 -31.00
C TYR E 33 -28.46 -19.60 -31.65
N ALA E 34 -29.27 -19.68 -32.73
CA ALA E 34 -29.63 -18.51 -33.50
C ALA E 34 -30.46 -17.55 -32.65
N ALA E 35 -31.48 -18.10 -31.97
CA ALA E 35 -32.34 -17.30 -31.13
C ALA E 35 -31.52 -16.55 -30.08
N LEU E 36 -30.51 -17.25 -29.51
CA LEU E 36 -29.75 -16.71 -28.41
C LEU E 36 -28.83 -15.62 -28.91
N LYS E 37 -28.22 -15.85 -30.09
CA LYS E 37 -27.35 -14.84 -30.68
C LYS E 37 -28.18 -13.59 -31.02
N GLU E 38 -29.38 -13.81 -31.58
CA GLU E 38 -30.26 -12.70 -31.89
C GLU E 38 -30.61 -11.94 -30.61
N GLY E 39 -31.03 -12.66 -29.57
CA GLY E 39 -31.42 -12.03 -28.32
C GLY E 39 -30.27 -11.25 -27.67
N GLU E 40 -29.07 -11.76 -27.81
CA GLU E 40 -27.88 -11.09 -27.28
C GLU E 40 -27.67 -9.74 -27.98
N GLU E 41 -27.83 -9.72 -29.32
CA GLU E 41 -27.49 -8.58 -30.15
C GLU E 41 -28.60 -7.52 -30.16
N ASP E 42 -29.84 -7.94 -29.90
CA ASP E 42 -30.98 -7.05 -29.91
C ASP E 42 -30.98 -6.19 -28.64
N ARG E 43 -30.82 -4.87 -28.83
CA ARG E 43 -30.68 -3.96 -27.70
C ARG E 43 -32.03 -3.69 -27.06
N GLU E 44 -33.12 -4.02 -27.75
CA GLU E 44 -34.46 -3.86 -27.19
C GLU E 44 -34.76 -4.97 -26.19
N VAL E 45 -33.93 -6.03 -26.20
CA VAL E 45 -34.06 -7.16 -25.30
C VAL E 45 -33.16 -6.95 -24.09
N ARG E 46 -33.76 -6.93 -22.90
CA ARG E 46 -33.05 -6.64 -21.67
C ARG E 46 -33.15 -7.83 -20.70
N ALA E 47 -33.84 -8.89 -21.13
CA ALA E 47 -34.01 -10.12 -20.36
C ALA E 47 -34.50 -11.24 -21.26
N LEU E 48 -34.13 -12.50 -20.94
CA LEU E 48 -34.63 -13.67 -21.63
C LEU E 48 -35.36 -14.57 -20.63
N LEU E 49 -36.32 -15.34 -21.15
CA LEU E 49 -37.06 -16.35 -20.40
C LEU E 49 -37.09 -17.60 -21.26
N LEU E 50 -36.48 -18.69 -20.77
CA LEU E 50 -36.44 -19.96 -21.48
C LEU E 50 -37.38 -20.97 -20.80
N THR E 51 -38.17 -21.66 -21.63
CA THR E 51 -39.10 -22.65 -21.11
C THR E 51 -39.32 -23.77 -22.12
N GLY E 52 -40.11 -24.76 -21.72
CA GLY E 52 -40.51 -25.84 -22.61
C GLY E 52 -42.00 -25.81 -22.95
N ALA E 53 -42.33 -26.31 -24.14
CA ALA E 53 -43.70 -26.56 -24.54
C ALA E 53 -44.16 -27.92 -24.01
N GLY E 54 -45.44 -27.98 -23.61
CA GLY E 54 -46.05 -29.23 -23.17
C GLY E 54 -45.73 -29.56 -21.71
N ARG E 55 -45.57 -30.87 -21.44
CA ARG E 55 -45.50 -31.45 -20.11
C ARG E 55 -44.08 -31.32 -19.57
N ALA E 56 -43.10 -31.17 -20.47
CA ALA E 56 -41.70 -31.27 -20.08
C ALA E 56 -40.92 -30.00 -20.39
N PHE E 57 -39.83 -29.76 -19.67
CA PHE E 57 -38.87 -28.74 -20.06
C PHE E 57 -38.03 -29.28 -21.22
N SER E 58 -37.22 -30.31 -20.95
CA SER E 58 -36.56 -31.09 -21.99
C SER E 58 -36.00 -32.37 -21.41
N ALA E 59 -36.26 -33.48 -22.13
CA ALA E 59 -35.78 -34.80 -21.80
C ALA E 59 -34.35 -35.03 -22.29
N GLY E 60 -33.68 -33.97 -22.75
CA GLY E 60 -32.28 -34.07 -23.15
C GLY E 60 -32.15 -34.60 -24.58
N GLN E 61 -30.94 -35.03 -24.93
CA GLN E 61 -30.61 -35.51 -26.26
C GLN E 61 -31.65 -36.54 -26.69
N ASP E 62 -32.19 -36.35 -27.90
CA ASP E 62 -33.08 -37.31 -28.55
C ASP E 62 -32.30 -38.56 -28.91
N LEU E 63 -32.66 -39.70 -28.30
CA LEU E 63 -31.86 -40.89 -28.46
C LEU E 63 -32.27 -41.66 -29.72
N THR E 64 -33.07 -41.01 -30.58
CA THR E 64 -33.58 -41.62 -31.81
C THR E 64 -33.13 -40.82 -33.04
N GLU E 65 -32.48 -39.67 -32.81
CA GLU E 65 -31.84 -38.89 -33.85
C GLU E 65 -30.72 -39.74 -34.48
N ALA E 75 -18.24 -32.93 -32.89
CA ALA E 75 -19.14 -32.85 -34.07
C ALA E 75 -20.50 -32.34 -33.59
N HIS E 76 -21.24 -33.24 -32.93
CA HIS E 76 -22.48 -32.89 -32.25
C HIS E 76 -22.16 -32.23 -30.90
N LEU E 77 -20.97 -32.55 -30.39
CA LEU E 77 -20.47 -31.97 -29.16
C LEU E 77 -20.24 -30.47 -29.38
N ARG E 78 -19.68 -30.15 -30.55
CA ARG E 78 -19.35 -28.75 -30.81
C ARG E 78 -20.63 -27.92 -30.90
N ARG E 79 -21.72 -28.57 -31.28
CA ARG E 79 -23.00 -27.90 -31.40
C ARG E 79 -23.56 -27.52 -30.02
N TYR E 80 -23.53 -28.47 -29.07
CA TYR E 80 -23.92 -28.20 -27.70
C TYR E 80 -23.12 -27.03 -27.12
N ASN E 81 -21.80 -27.09 -27.34
CA ASN E 81 -20.84 -26.13 -26.79
C ASN E 81 -21.15 -24.72 -27.28
N ARG E 82 -21.53 -24.60 -28.56
CA ARG E 82 -21.87 -23.29 -29.11
C ARG E 82 -23.05 -22.69 -28.34
N VAL E 83 -24.08 -23.50 -28.13
CA VAL E 83 -25.25 -23.08 -27.37
C VAL E 83 -24.86 -22.66 -25.95
N VAL E 84 -23.94 -23.44 -25.32
CA VAL E 84 -23.62 -23.13 -23.95
C VAL E 84 -22.83 -21.82 -23.87
N GLU E 85 -21.89 -21.60 -24.80
CA GLU E 85 -21.12 -20.37 -24.84
C GLU E 85 -22.10 -19.20 -25.00
N ALA E 86 -23.14 -19.40 -25.82
CA ALA E 86 -24.11 -18.35 -26.03
C ALA E 86 -25.00 -18.15 -24.79
N LEU E 87 -25.46 -19.24 -24.16
CA LEU E 87 -26.27 -19.15 -22.93
C LEU E 87 -25.51 -18.42 -21.83
N SER E 88 -24.27 -18.87 -21.59
CA SER E 88 -23.46 -18.43 -20.47
C SER E 88 -22.98 -17.00 -20.64
N GLY E 89 -22.80 -16.56 -21.90
CA GLY E 89 -22.20 -15.28 -22.22
C GLY E 89 -23.22 -14.16 -22.45
N LEU E 90 -24.51 -14.49 -22.25
CA LEU E 90 -25.62 -13.56 -22.40
C LEU E 90 -25.35 -12.35 -21.51
N GLU E 91 -25.41 -11.15 -22.10
CA GLU E 91 -25.12 -9.95 -21.35
C GLU E 91 -26.42 -9.31 -20.89
N LYS E 92 -27.27 -10.16 -20.28
CA LYS E 92 -28.67 -9.92 -20.00
C LYS E 92 -29.15 -11.01 -19.04
N PRO E 93 -29.95 -10.69 -18.01
CA PRO E 93 -30.46 -11.72 -17.10
C PRO E 93 -31.27 -12.74 -17.88
N LEU E 94 -31.10 -14.02 -17.53
CA LEU E 94 -31.85 -15.12 -18.11
C LEU E 94 -32.70 -15.75 -17.00
N VAL E 95 -34.01 -15.79 -17.23
CA VAL E 95 -34.87 -16.53 -16.31
C VAL E 95 -35.19 -17.85 -16.99
N VAL E 96 -35.24 -18.91 -16.18
CA VAL E 96 -35.64 -20.21 -16.69
C VAL E 96 -36.85 -20.70 -15.90
N ALA E 97 -37.88 -21.11 -16.65
CA ALA E 97 -39.10 -21.65 -16.07
C ALA E 97 -39.23 -23.12 -16.45
N VAL E 98 -38.96 -24.00 -15.48
CA VAL E 98 -38.89 -25.44 -15.70
C VAL E 98 -40.28 -26.00 -15.44
N ASN E 99 -40.98 -26.31 -16.53
CA ASN E 99 -42.42 -26.53 -16.51
C ASN E 99 -42.69 -28.02 -16.36
N GLY E 100 -41.63 -28.81 -16.49
CA GLY E 100 -41.74 -30.26 -16.38
C GLY E 100 -40.36 -30.88 -16.28
N VAL E 101 -40.22 -32.12 -16.74
CA VAL E 101 -38.97 -32.84 -16.54
C VAL E 101 -37.83 -32.16 -17.29
N ALA E 102 -36.68 -32.08 -16.60
CA ALA E 102 -35.40 -31.68 -17.17
C ALA E 102 -34.38 -32.79 -16.95
N ALA E 103 -33.97 -33.43 -18.04
CA ALA E 103 -33.08 -34.59 -18.01
C ALA E 103 -31.89 -34.36 -18.94
N GLY E 104 -30.73 -34.93 -18.61
CA GLY E 104 -29.52 -34.80 -19.42
C GLY E 104 -29.20 -33.34 -19.76
N ALA E 105 -28.96 -33.06 -21.06
CA ALA E 105 -28.59 -31.70 -21.44
C ALA E 105 -29.78 -30.76 -21.25
N GLY E 106 -30.96 -31.36 -21.09
CA GLY E 106 -32.14 -30.61 -20.70
C GLY E 106 -31.97 -29.97 -19.33
N MET E 107 -31.45 -30.76 -18.39
CA MET E 107 -31.07 -30.24 -17.07
C MET E 107 -29.92 -29.24 -17.22
N SER E 108 -28.91 -29.56 -18.04
CA SER E 108 -27.82 -28.62 -18.27
C SER E 108 -28.37 -27.26 -18.70
N LEU E 109 -29.27 -27.25 -19.70
CA LEU E 109 -29.76 -25.98 -20.21
C LEU E 109 -30.54 -25.27 -19.10
N ALA E 110 -31.39 -26.00 -18.38
CA ALA E 110 -32.20 -25.38 -17.32
C ALA E 110 -31.32 -24.64 -16.33
N LEU E 111 -30.16 -25.24 -16.00
CA LEU E 111 -29.35 -24.75 -14.90
C LEU E 111 -28.58 -23.48 -15.25
N TRP E 112 -28.59 -23.08 -16.53
CA TRP E 112 -27.92 -21.88 -16.97
C TRP E 112 -28.72 -20.63 -16.67
N GLY E 113 -29.99 -20.80 -16.26
CA GLY E 113 -30.76 -19.67 -15.79
C GLY E 113 -30.03 -18.96 -14.65
N ASP E 114 -30.08 -17.63 -14.63
CA ASP E 114 -29.56 -16.87 -13.51
C ASP E 114 -30.58 -16.94 -12.39
N LEU E 115 -31.87 -16.85 -12.78
CA LEU E 115 -32.93 -17.13 -11.82
C LEU E 115 -33.74 -18.29 -12.36
N ARG E 116 -34.04 -19.26 -11.49
CA ARG E 116 -34.69 -20.48 -11.96
C ARG E 116 -35.93 -20.77 -11.11
N LEU E 117 -37.03 -21.00 -11.81
CA LEU E 117 -38.30 -21.36 -11.20
C LEU E 117 -38.72 -22.71 -11.77
N ALA E 118 -39.27 -23.56 -10.89
CA ALA E 118 -39.87 -24.81 -11.34
C ALA E 118 -41.35 -24.87 -10.95
N ALA E 119 -42.12 -25.58 -11.77
CA ALA E 119 -43.49 -25.91 -11.46
C ALA E 119 -43.48 -27.02 -10.40
N VAL E 120 -44.46 -26.96 -9.48
CA VAL E 120 -44.83 -28.14 -8.72
C VAL E 120 -45.00 -29.23 -9.77
N GLY E 121 -44.34 -30.36 -9.57
CA GLY E 121 -44.52 -31.45 -10.52
C GLY E 121 -43.40 -31.54 -11.55
N ALA E 122 -42.59 -30.48 -11.69
CA ALA E 122 -41.36 -30.59 -12.48
C ALA E 122 -40.38 -31.53 -11.76
N SER E 123 -39.33 -31.96 -12.48
CA SER E 123 -38.37 -32.91 -11.95
C SER E 123 -37.04 -32.79 -12.67
N PHE E 124 -35.98 -33.31 -12.04
CA PHE E 124 -34.63 -33.16 -12.55
C PHE E 124 -33.88 -34.48 -12.45
N THR E 125 -33.27 -34.91 -13.56
CA THR E 125 -32.44 -36.08 -13.54
C THR E 125 -31.24 -35.86 -14.47
N THR E 126 -30.05 -36.19 -13.96
CA THR E 126 -28.83 -35.98 -14.73
C THR E 126 -28.85 -36.87 -15.97
N ALA E 127 -29.22 -38.15 -15.79
CA ALA E 127 -29.53 -39.06 -16.89
C ALA E 127 -28.29 -39.55 -17.64
N PHE E 128 -27.30 -38.69 -17.82
CA PHE E 128 -26.09 -39.06 -18.57
C PHE E 128 -25.58 -40.48 -18.31
N VAL E 129 -25.44 -40.84 -17.02
CA VAL E 129 -24.73 -42.06 -16.66
C VAL E 129 -25.55 -43.29 -17.06
N ARG E 130 -26.87 -43.14 -17.15
CA ARG E 130 -27.78 -44.22 -17.51
C ARG E 130 -27.53 -44.66 -18.95
N ILE E 131 -26.91 -43.80 -19.77
CA ILE E 131 -26.62 -44.07 -21.17
C ILE E 131 -25.12 -44.32 -21.32
N GLY E 132 -24.41 -44.47 -20.18
CA GLY E 132 -22.97 -44.67 -20.17
C GLY E 132 -22.16 -43.44 -20.63
N LEU E 133 -22.68 -42.23 -20.38
CA LEU E 133 -22.03 -40.98 -20.75
C LEU E 133 -21.67 -40.17 -19.52
N VAL E 134 -20.81 -39.16 -19.73
CA VAL E 134 -20.45 -38.18 -18.72
C VAL E 134 -21.32 -36.94 -18.90
N PRO E 135 -21.40 -36.02 -17.91
CA PRO E 135 -22.22 -34.81 -18.06
C PRO E 135 -21.61 -33.88 -19.11
N ASN E 136 -22.49 -33.19 -19.83
CA ASN E 136 -22.16 -32.38 -20.99
C ASN E 136 -22.85 -31.03 -20.87
N SER E 137 -22.61 -30.14 -21.84
CA SER E 137 -23.36 -28.89 -21.91
C SER E 137 -23.17 -28.08 -20.61
N GLY E 138 -22.03 -28.27 -19.96
CA GLY E 138 -21.58 -27.45 -18.86
C GLY E 138 -22.00 -27.97 -17.48
N LEU E 139 -22.62 -29.17 -17.44
CA LEU E 139 -23.20 -29.61 -16.19
C LEU E 139 -22.12 -29.92 -15.16
N SER E 140 -20.96 -30.43 -15.62
CA SER E 140 -19.86 -30.74 -14.72
C SER E 140 -19.34 -29.45 -14.09
N PHE E 141 -19.49 -28.34 -14.82
CA PHE E 141 -19.11 -27.01 -14.35
C PHE E 141 -20.17 -26.48 -13.37
N LEU E 142 -21.43 -26.44 -13.81
CA LEU E 142 -22.46 -25.72 -13.08
C LEU E 142 -22.87 -26.46 -11.81
N LEU E 143 -23.05 -27.78 -11.91
CA LEU E 143 -23.72 -28.52 -10.85
C LEU E 143 -22.97 -28.42 -9.51
N PRO E 144 -21.63 -28.70 -9.44
CA PRO E 144 -20.89 -28.62 -8.19
C PRO E 144 -20.93 -27.21 -7.62
N ARG E 145 -20.90 -26.19 -8.51
CA ARG E 145 -21.01 -24.81 -8.08
C ARG E 145 -22.38 -24.54 -7.46
N LEU E 146 -23.44 -25.09 -8.06
CA LEU E 146 -24.79 -24.75 -7.65
C LEU E 146 -25.17 -25.46 -6.34
N VAL E 147 -24.81 -26.74 -6.18
CA VAL E 147 -25.38 -27.52 -5.09
C VAL E 147 -24.28 -28.07 -4.19
N GLY E 148 -23.01 -27.83 -4.59
CA GLY E 148 -21.87 -28.32 -3.84
C GLY E 148 -21.45 -29.70 -4.34
N LEU E 149 -20.19 -30.06 -4.03
CA LEU E 149 -19.61 -31.27 -4.61
C LEU E 149 -20.34 -32.50 -4.09
N ALA E 150 -20.77 -32.50 -2.81
CA ALA E 150 -21.35 -33.68 -2.20
C ALA E 150 -22.60 -34.12 -2.94
N LYS E 151 -23.50 -33.17 -3.22
CA LYS E 151 -24.75 -33.46 -3.94
C LYS E 151 -24.48 -33.72 -5.39
N ALA E 152 -23.47 -33.05 -5.96
CA ALA E 152 -23.12 -33.25 -7.37
C ALA E 152 -22.74 -34.70 -7.60
N GLN E 153 -21.85 -35.25 -6.75
CA GLN E 153 -21.40 -36.64 -6.80
C GLN E 153 -22.59 -37.59 -6.86
N GLU E 154 -23.52 -37.42 -5.91
CA GLU E 154 -24.68 -38.29 -5.81
C GLU E 154 -25.58 -38.10 -7.03
N LEU E 155 -25.89 -36.85 -7.38
CA LEU E 155 -26.82 -36.59 -8.48
C LEU E 155 -26.27 -37.18 -9.79
N LEU E 156 -24.96 -37.03 -9.99
CA LEU E 156 -24.32 -37.45 -11.24
C LEU E 156 -24.13 -38.97 -11.29
N LEU E 157 -23.64 -39.57 -10.18
CA LEU E 157 -23.26 -40.97 -10.30
C LEU E 157 -24.46 -41.90 -10.20
N LEU E 158 -25.51 -41.48 -9.47
CA LEU E 158 -26.65 -42.37 -9.21
C LEU E 158 -27.85 -41.96 -10.05
N SER E 159 -27.80 -40.74 -10.61
CA SER E 159 -28.86 -40.22 -11.45
C SER E 159 -30.24 -40.42 -10.84
N PRO E 160 -30.51 -40.02 -9.57
CA PRO E 160 -31.90 -40.04 -9.07
C PRO E 160 -32.78 -39.03 -9.82
N ARG E 161 -34.09 -39.22 -9.76
CA ARG E 161 -35.01 -38.21 -10.24
C ARG E 161 -35.44 -37.37 -9.04
N LEU E 162 -35.08 -36.07 -9.06
CA LEU E 162 -35.42 -35.18 -7.97
C LEU E 162 -36.73 -34.46 -8.28
N SER E 163 -37.55 -34.28 -7.23
CA SER E 163 -38.78 -33.52 -7.34
C SER E 163 -38.47 -32.02 -7.28
N ALA E 164 -39.46 -31.19 -7.56
CA ALA E 164 -39.29 -29.74 -7.52
C ALA E 164 -38.89 -29.29 -6.12
N GLU E 165 -39.51 -29.85 -5.09
CA GLU E 165 -39.24 -29.40 -3.72
C GLU E 165 -37.83 -29.77 -3.30
N GLU E 166 -37.34 -30.94 -3.73
CA GLU E 166 -35.95 -31.32 -3.44
C GLU E 166 -34.99 -30.43 -4.21
N ALA E 167 -35.34 -30.11 -5.47
CA ALA E 167 -34.54 -29.23 -6.31
C ALA E 167 -34.39 -27.86 -5.64
N LEU E 168 -35.48 -27.37 -5.04
CA LEU E 168 -35.49 -26.09 -4.32
C LEU E 168 -34.51 -26.17 -3.14
N ALA E 169 -34.56 -27.27 -2.39
CA ALA E 169 -33.74 -27.42 -1.20
C ALA E 169 -32.26 -27.41 -1.57
N LEU E 170 -31.90 -28.02 -2.72
CA LEU E 170 -30.51 -28.12 -3.14
C LEU E 170 -30.00 -26.84 -3.80
N GLY E 171 -30.90 -25.92 -4.18
CA GLY E 171 -30.51 -24.75 -4.95
C GLY E 171 -30.58 -24.96 -6.46
N LEU E 172 -31.04 -26.13 -6.94
CA LEU E 172 -31.27 -26.31 -8.36
C LEU E 172 -32.26 -25.29 -8.92
N VAL E 173 -33.25 -24.90 -8.10
CA VAL E 173 -34.15 -23.81 -8.49
C VAL E 173 -34.27 -22.87 -7.31
N HIS E 174 -34.74 -21.65 -7.57
CA HIS E 174 -34.81 -20.62 -6.57
C HIS E 174 -36.23 -20.52 -6.02
N ARG E 175 -37.21 -21.04 -6.78
CA ARG E 175 -38.61 -20.87 -6.44
C ARG E 175 -39.41 -22.00 -7.08
N VAL E 176 -40.39 -22.53 -6.31
CA VAL E 176 -41.33 -23.51 -6.81
C VAL E 176 -42.72 -22.86 -6.82
N VAL E 177 -43.48 -23.08 -7.91
CA VAL E 177 -44.77 -22.45 -8.11
C VAL E 177 -45.72 -23.46 -8.75
N PRO E 178 -47.04 -23.42 -8.43
CA PRO E 178 -48.02 -24.30 -9.09
C PRO E 178 -47.95 -24.12 -10.60
N ALA E 179 -48.12 -25.23 -11.34
CA ALA E 179 -47.91 -25.31 -12.78
C ALA E 179 -48.60 -24.17 -13.54
N GLU E 180 -49.84 -23.88 -13.17
CA GLU E 180 -50.71 -22.97 -13.90
C GLU E 180 -50.26 -21.53 -13.64
N LYS E 181 -49.38 -21.32 -12.65
CA LYS E 181 -48.92 -19.97 -12.35
C LYS E 181 -47.46 -19.76 -12.76
N LEU E 182 -46.78 -20.81 -13.22
CA LEU E 182 -45.34 -20.76 -13.42
C LEU E 182 -44.98 -19.66 -14.42
N MET E 183 -45.66 -19.68 -15.59
CA MET E 183 -45.30 -18.73 -16.64
C MET E 183 -45.61 -17.30 -16.21
N GLU E 184 -46.70 -17.15 -15.43
CA GLU E 184 -47.10 -15.81 -15.00
C GLU E 184 -46.02 -15.24 -14.09
N GLU E 185 -45.49 -16.06 -13.16
CA GLU E 185 -44.47 -15.60 -12.24
C GLU E 185 -43.12 -15.43 -12.96
N ALA E 186 -42.76 -16.40 -13.83
CA ALA E 186 -41.50 -16.33 -14.54
C ALA E 186 -41.44 -15.07 -15.41
N LEU E 187 -42.52 -14.83 -16.18
CA LEU E 187 -42.58 -13.70 -17.09
C LEU E 187 -42.57 -12.38 -16.30
N SER E 188 -43.26 -12.40 -15.15
CA SER E 188 -43.35 -11.23 -14.30
C SER E 188 -41.96 -10.88 -13.76
N LEU E 189 -41.20 -11.91 -13.35
CA LEU E 189 -39.83 -11.71 -12.91
C LEU E 189 -38.97 -11.20 -14.06
N ALA E 190 -39.09 -11.83 -15.24
CA ALA E 190 -38.31 -11.43 -16.41
C ALA E 190 -38.57 -9.96 -16.77
N LYS E 191 -39.85 -9.53 -16.67
CA LYS E 191 -40.21 -8.17 -17.02
C LYS E 191 -39.55 -7.18 -16.05
N GLU E 192 -39.55 -7.53 -14.76
CA GLU E 192 -38.94 -6.70 -13.72
C GLU E 192 -37.43 -6.61 -13.95
N LEU E 193 -36.79 -7.74 -14.24
CA LEU E 193 -35.37 -7.73 -14.55
C LEU E 193 -35.10 -6.89 -15.80
N ALA E 194 -36.05 -6.88 -16.74
CA ALA E 194 -35.89 -6.16 -17.99
C ALA E 194 -35.90 -4.64 -17.74
N GLN E 195 -36.39 -4.20 -16.57
CA GLN E 195 -36.41 -2.80 -16.18
C GLN E 195 -35.17 -2.43 -15.37
N GLY E 196 -34.39 -3.43 -14.95
CA GLY E 196 -33.28 -3.20 -14.04
C GLY E 196 -31.98 -2.91 -14.79
N PRO E 197 -30.84 -2.78 -14.05
CA PRO E 197 -29.59 -2.31 -14.66
C PRO E 197 -28.88 -3.37 -15.47
N THR E 198 -29.24 -3.52 -16.75
CA THR E 198 -28.78 -4.61 -17.60
C THR E 198 -27.26 -4.75 -17.57
N ARG E 199 -26.52 -3.63 -17.61
CA ARG E 199 -25.07 -3.72 -17.61
C ARG E 199 -24.57 -4.29 -16.29
N ALA E 200 -25.14 -3.83 -15.18
CA ALA E 200 -24.74 -4.35 -13.87
C ALA E 200 -25.00 -5.86 -13.84
N TYR E 201 -26.15 -6.30 -14.35
CA TYR E 201 -26.47 -7.70 -14.42
C TYR E 201 -25.42 -8.44 -15.22
N ALA E 202 -25.12 -7.96 -16.45
CA ALA E 202 -24.20 -8.64 -17.33
C ALA E 202 -22.83 -8.82 -16.66
N LEU E 203 -22.34 -7.76 -16.02
CA LEU E 203 -20.97 -7.78 -15.50
C LEU E 203 -20.88 -8.59 -14.19
N THR E 204 -21.93 -8.54 -13.37
CA THR E 204 -22.05 -9.42 -12.22
C THR E 204 -21.99 -10.89 -12.67
N LYS E 205 -22.63 -11.22 -13.79
CA LYS E 205 -22.61 -12.59 -14.30
C LYS E 205 -21.22 -12.98 -14.78
N LYS E 206 -20.46 -12.03 -15.34
CA LYS E 206 -19.12 -12.31 -15.78
C LYS E 206 -18.27 -12.63 -14.56
N LEU E 207 -18.49 -11.93 -13.44
CA LEU E 207 -17.75 -12.19 -12.21
C LEU E 207 -18.10 -13.57 -11.66
N LEU E 208 -19.38 -13.94 -11.68
CA LEU E 208 -19.79 -15.22 -11.14
C LEU E 208 -19.26 -16.38 -11.96
N LEU E 209 -19.22 -16.20 -13.27
CA LEU E 209 -18.73 -17.22 -14.18
C LEU E 209 -17.26 -17.52 -13.90
N GLU E 210 -16.49 -16.53 -13.40
CA GLU E 210 -15.04 -16.67 -13.32
C GLU E 210 -14.59 -16.99 -11.90
N THR E 211 -15.46 -16.84 -10.92
CA THR E 211 -15.01 -16.60 -9.56
C THR E 211 -14.11 -17.72 -9.02
N TYR E 212 -14.48 -18.97 -9.30
CA TYR E 212 -13.87 -20.13 -8.63
C TYR E 212 -12.45 -20.38 -9.10
N ARG E 213 -12.12 -19.99 -10.33
CA ARG E 213 -10.80 -20.34 -10.86
C ARG E 213 -9.79 -19.21 -10.67
N LEU E 214 -10.25 -18.08 -10.06
CA LEU E 214 -9.39 -16.95 -9.82
C LEU E 214 -8.83 -17.00 -8.40
N SER E 215 -7.55 -16.58 -8.27
CA SER E 215 -6.98 -16.28 -6.97
C SER E 215 -7.67 -15.02 -6.43
N LEU E 216 -7.56 -14.79 -5.12
CA LEU E 216 -8.09 -13.55 -4.59
C LEU E 216 -7.55 -12.36 -5.39
N THR E 217 -6.22 -12.31 -5.60
CA THR E 217 -5.59 -11.19 -6.29
C THR E 217 -6.28 -10.93 -7.63
N GLU E 218 -6.44 -11.99 -8.45
CA GLU E 218 -7.05 -11.82 -9.75
C GLU E 218 -8.53 -11.44 -9.61
N ALA E 219 -9.20 -12.00 -8.58
CA ALA E 219 -10.61 -11.68 -8.40
C ALA E 219 -10.77 -10.19 -8.12
N LEU E 220 -9.90 -9.66 -7.24
CA LEU E 220 -9.93 -8.24 -6.92
C LEU E 220 -9.64 -7.39 -8.14
N ALA E 221 -8.71 -7.85 -9.00
CA ALA E 221 -8.38 -7.08 -10.20
C ALA E 221 -9.59 -7.02 -11.14
N LEU E 222 -10.26 -8.17 -11.34
CA LEU E 222 -11.37 -8.21 -12.27
C LEU E 222 -12.53 -7.36 -11.73
N GLU E 223 -12.78 -7.44 -10.42
CA GLU E 223 -13.82 -6.61 -9.80
C GLU E 223 -13.54 -5.13 -10.10
N ALA E 224 -12.27 -4.72 -9.93
CA ALA E 224 -11.88 -3.35 -10.21
C ALA E 224 -12.18 -2.99 -11.68
N VAL E 225 -11.75 -3.83 -12.61
CA VAL E 225 -11.92 -3.50 -14.01
C VAL E 225 -13.40 -3.37 -14.32
N LEU E 226 -14.20 -4.36 -13.89
CA LEU E 226 -15.61 -4.38 -14.27
C LEU E 226 -16.39 -3.33 -13.50
N GLN E 227 -15.98 -3.04 -12.25
CA GLN E 227 -16.62 -1.95 -11.52
C GLN E 227 -16.34 -0.62 -12.22
N GLY E 228 -15.11 -0.48 -12.75
CA GLY E 228 -14.71 0.65 -13.58
C GLY E 228 -15.71 0.91 -14.70
N GLN E 229 -16.08 -0.17 -15.40
CA GLN E 229 -17.00 -0.09 -16.54
C GLN E 229 -18.43 0.19 -16.04
N ALA E 230 -18.86 -0.49 -14.98
CA ALA E 230 -20.20 -0.26 -14.45
C ALA E 230 -20.32 1.21 -14.03
N GLY E 231 -19.22 1.75 -13.51
CA GLY E 231 -19.14 3.09 -12.97
C GLY E 231 -19.35 4.17 -14.04
N GLN E 232 -19.17 3.82 -15.33
CA GLN E 232 -19.25 4.79 -16.42
C GLN E 232 -20.56 4.62 -17.20
N THR E 233 -21.51 3.87 -16.64
CA THR E 233 -22.81 3.69 -17.25
C THR E 233 -23.74 4.82 -16.79
N GLN E 234 -24.75 5.12 -17.62
CA GLN E 234 -25.78 6.08 -17.20
C GLN E 234 -26.53 5.52 -16.00
N ASP E 235 -26.74 4.20 -16.00
CA ASP E 235 -27.51 3.53 -14.95
C ASP E 235 -26.89 3.75 -13.57
N HIS E 236 -25.55 3.86 -13.50
CA HIS E 236 -24.91 4.09 -12.22
C HIS E 236 -25.16 5.51 -11.75
N GLU E 237 -25.03 6.48 -12.66
CA GLU E 237 -25.37 7.87 -12.39
C GLU E 237 -26.79 7.92 -11.85
N GLU E 238 -27.73 7.31 -12.58
CA GLU E 238 -29.12 7.19 -12.20
C GLU E 238 -29.25 6.53 -10.81
N GLY E 239 -28.46 5.47 -10.58
CA GLY E 239 -28.52 4.73 -9.33
C GLY E 239 -28.18 5.61 -8.12
N VAL E 240 -27.10 6.39 -8.26
CA VAL E 240 -26.61 7.26 -7.19
C VAL E 240 -27.61 8.40 -6.99
N ARG E 241 -28.12 8.95 -8.10
CA ARG E 241 -29.07 10.04 -8.04
C ARG E 241 -30.31 9.56 -7.29
N ALA E 242 -30.78 8.36 -7.65
CA ALA E 242 -31.97 7.77 -7.04
C ALA E 242 -31.81 7.68 -5.53
N PHE E 243 -30.65 7.22 -5.07
CA PHE E 243 -30.45 7.04 -3.63
C PHE E 243 -30.50 8.40 -2.92
N ARG E 244 -29.86 9.42 -3.51
CA ARG E 244 -29.82 10.75 -2.93
C ARG E 244 -31.23 11.30 -2.76
N GLU E 245 -32.02 11.24 -3.84
CA GLU E 245 -33.38 11.76 -3.84
C GLU E 245 -34.36 10.63 -3.53
N LYS E 246 -34.41 10.22 -2.25
CA LYS E 246 -35.01 8.98 -1.77
C LYS E 246 -36.18 8.50 -2.64
N ARG E 247 -35.89 8.07 -3.87
CA ARG E 247 -36.88 7.54 -4.80
C ARG E 247 -36.32 6.29 -5.47
N PRO E 248 -37.17 5.40 -6.05
CA PRO E 248 -36.69 4.28 -6.84
C PRO E 248 -35.97 4.73 -8.11
N PRO E 249 -34.86 4.05 -8.51
CA PRO E 249 -34.20 4.35 -9.78
C PRO E 249 -35.00 3.87 -10.99
N ARG E 250 -34.76 4.49 -12.14
CA ARG E 250 -35.34 4.00 -13.37
C ARG E 250 -34.21 3.82 -14.37
N PHE E 251 -33.89 2.56 -14.66
CA PHE E 251 -32.68 2.15 -15.35
C PHE E 251 -32.99 1.95 -16.83
N GLN E 252 -31.98 2.11 -17.68
CA GLN E 252 -32.16 1.97 -19.12
C GLN E 252 -31.31 0.83 -19.68
N GLY E 253 -30.29 0.41 -18.91
CA GLY E 253 -29.40 -0.65 -19.32
C GLY E 253 -28.20 -0.16 -20.14
N ARG E 254 -27.68 1.04 -19.80
CA ARG E 254 -26.61 1.67 -20.57
C ARG E 254 -25.83 2.65 -19.67
N MET F 1 -3.51 -55.72 8.45
CA MET F 1 -3.48 -54.22 8.56
C MET F 1 -4.40 -53.52 7.54
N ILE F 2 -4.43 -54.03 6.31
CA ILE F 2 -5.49 -53.74 5.37
C ILE F 2 -6.08 -55.06 4.90
N LEU F 3 -7.31 -55.37 5.33
CA LEU F 3 -7.96 -56.60 4.92
C LEU F 3 -8.58 -56.37 3.53
N LYS F 4 -8.46 -57.39 2.67
CA LYS F 4 -8.98 -57.35 1.31
C LYS F 4 -9.99 -58.47 1.15
N GLU F 5 -10.89 -58.36 0.16
CA GLU F 5 -11.99 -59.30 0.00
C GLU F 5 -12.80 -58.88 -1.20
N ARG F 6 -13.04 -59.82 -2.14
CA ARG F 6 -13.82 -59.54 -3.34
C ARG F 6 -15.22 -60.10 -3.19
N GLN F 7 -16.17 -59.53 -3.94
CA GLN F 7 -17.54 -59.98 -3.95
C GLN F 7 -18.30 -59.31 -5.07
N ASP F 8 -18.61 -60.07 -6.13
CA ASP F 8 -19.45 -59.61 -7.23
C ASP F 8 -18.93 -58.30 -7.82
N GLY F 9 -17.62 -58.23 -8.03
CA GLY F 9 -17.02 -57.10 -8.70
C GLY F 9 -16.61 -55.96 -7.77
N VAL F 10 -16.79 -56.14 -6.45
CA VAL F 10 -16.49 -55.12 -5.44
C VAL F 10 -15.27 -55.57 -4.64
N LEU F 11 -14.27 -54.69 -4.53
CA LEU F 11 -13.15 -54.90 -3.64
C LEU F 11 -13.34 -54.14 -2.33
N VAL F 12 -13.46 -54.88 -1.22
CA VAL F 12 -13.74 -54.35 0.10
C VAL F 12 -12.43 -54.27 0.86
N LEU F 13 -12.06 -53.04 1.28
CA LEU F 13 -10.83 -52.80 2.01
C LEU F 13 -11.19 -52.35 3.42
N THR F 14 -10.57 -52.99 4.42
CA THR F 14 -10.82 -52.65 5.82
C THR F 14 -9.53 -52.20 6.49
N LEU F 15 -9.53 -50.98 7.05
CA LEU F 15 -8.44 -50.53 7.90
C LEU F 15 -8.52 -51.34 9.20
N ASN F 16 -7.38 -51.95 9.57
CA ASN F 16 -7.37 -52.95 10.62
C ASN F 16 -6.24 -52.70 11.61
N ARG F 17 -6.39 -51.63 12.41
CA ARG F 17 -5.65 -51.48 13.65
C ARG F 17 -6.66 -51.12 14.74
N PRO F 18 -7.71 -51.94 14.92
CA PRO F 18 -8.91 -51.53 15.66
C PRO F 18 -8.67 -51.14 17.11
N GLU F 19 -7.60 -51.69 17.71
CA GLU F 19 -7.26 -51.45 19.10
C GLU F 19 -6.74 -50.03 19.27
N LYS F 20 -6.20 -49.46 18.19
CA LYS F 20 -5.73 -48.07 18.18
C LYS F 20 -6.66 -47.21 17.33
N LEU F 21 -7.91 -47.67 17.15
CA LEU F 21 -8.96 -46.96 16.45
C LEU F 21 -8.55 -46.72 14.99
N ASN F 22 -7.83 -47.68 14.41
CA ASN F 22 -7.35 -47.63 13.04
C ASN F 22 -6.50 -46.37 12.82
N ALA F 23 -5.77 -45.94 13.84
CA ALA F 23 -4.86 -44.81 13.69
C ALA F 23 -3.82 -45.10 12.61
N ILE F 24 -3.44 -44.06 11.86
CA ILE F 24 -2.72 -44.24 10.61
C ILE F 24 -1.21 -44.18 10.86
N THR F 25 -0.50 -45.17 10.31
CA THR F 25 0.96 -45.22 10.32
C THR F 25 1.46 -45.36 8.89
N GLY F 26 2.75 -45.08 8.70
CA GLY F 26 3.42 -45.27 7.41
C GLY F 26 3.14 -46.65 6.81
N GLU F 27 3.19 -47.68 7.64
CA GLU F 27 2.98 -49.05 7.20
C GLU F 27 1.56 -49.17 6.64
N LEU F 28 0.57 -48.64 7.39
CA LEU F 28 -0.81 -48.76 6.96
C LEU F 28 -1.03 -48.03 5.63
N LEU F 29 -0.43 -46.84 5.51
CA LEU F 29 -0.45 -46.09 4.26
C LEU F 29 0.13 -46.93 3.11
N ASP F 30 1.27 -47.59 3.36
CA ASP F 30 1.92 -48.40 2.34
C ASP F 30 1.05 -49.59 1.95
N ALA F 31 0.41 -50.22 2.95
CA ALA F 31 -0.50 -51.33 2.68
C ALA F 31 -1.72 -50.84 1.91
N LEU F 32 -2.22 -49.64 2.28
CA LEU F 32 -3.41 -49.11 1.63
C LEU F 32 -3.09 -48.77 0.18
N TYR F 33 -1.95 -48.12 -0.06
CA TYR F 33 -1.50 -47.84 -1.41
C TYR F 33 -1.47 -49.10 -2.28
N ALA F 34 -0.94 -50.19 -1.74
CA ALA F 34 -0.81 -51.45 -2.49
C ALA F 34 -2.18 -52.00 -2.87
N ALA F 35 -3.08 -52.06 -1.89
CA ALA F 35 -4.44 -52.54 -2.13
C ALA F 35 -5.13 -51.71 -3.21
N LEU F 36 -4.88 -50.39 -3.19
CA LEU F 36 -5.56 -49.48 -4.10
C LEU F 36 -4.99 -49.65 -5.50
N LYS F 37 -3.68 -49.83 -5.60
CA LYS F 37 -3.06 -50.07 -6.90
C LYS F 37 -3.58 -51.39 -7.48
N GLU F 38 -3.66 -52.41 -6.64
CA GLU F 38 -4.22 -53.68 -7.07
C GLU F 38 -5.66 -53.49 -7.59
N GLY F 39 -6.49 -52.83 -6.78
CA GLY F 39 -7.88 -52.62 -7.11
C GLY F 39 -8.06 -51.84 -8.42
N GLU F 40 -7.18 -50.86 -8.63
CA GLU F 40 -7.20 -50.08 -9.85
C GLU F 40 -6.94 -50.96 -11.08
N GLU F 41 -5.93 -51.84 -10.98
CA GLU F 41 -5.42 -52.62 -12.11
C GLU F 41 -6.29 -53.84 -12.40
N ASP F 42 -7.02 -54.35 -11.40
CA ASP F 42 -7.87 -55.50 -11.58
C ASP F 42 -9.13 -55.10 -12.34
N ARG F 43 -9.31 -55.64 -13.55
CA ARG F 43 -10.40 -55.28 -14.43
C ARG F 43 -11.71 -55.89 -13.95
N GLU F 44 -11.62 -56.94 -13.11
CA GLU F 44 -12.80 -57.60 -12.59
C GLU F 44 -13.41 -56.77 -11.45
N VAL F 45 -12.64 -55.78 -10.96
CA VAL F 45 -13.04 -54.91 -9.87
C VAL F 45 -13.63 -53.64 -10.47
N ARG F 46 -14.90 -53.39 -10.16
CA ARG F 46 -15.66 -52.34 -10.80
C ARG F 46 -16.17 -51.35 -9.74
N ALA F 47 -15.83 -51.63 -8.47
CA ALA F 47 -16.19 -50.77 -7.35
C ALA F 47 -15.32 -51.14 -6.15
N LEU F 48 -15.00 -50.14 -5.31
CA LEU F 48 -14.30 -50.35 -4.05
C LEU F 48 -15.19 -49.87 -2.90
N LEU F 49 -14.97 -50.47 -1.73
CA LEU F 49 -15.69 -50.15 -0.51
C LEU F 49 -14.66 -50.11 0.61
N LEU F 50 -14.46 -48.93 1.21
CA LEU F 50 -13.48 -48.74 2.25
C LEU F 50 -14.19 -48.56 3.61
N THR F 51 -13.67 -49.24 4.65
CA THR F 51 -14.26 -49.16 5.96
C THR F 51 -13.20 -49.38 7.03
N GLY F 52 -13.62 -49.25 8.30
CA GLY F 52 -12.75 -49.49 9.44
C GLY F 52 -13.20 -50.73 10.22
N ALA F 53 -12.23 -51.41 10.83
CA ALA F 53 -12.51 -52.46 11.80
C ALA F 53 -12.75 -51.84 13.18
N GLY F 54 -13.70 -52.44 13.92
CA GLY F 54 -13.96 -52.08 15.31
C GLY F 54 -14.90 -50.90 15.43
N ARG F 55 -14.64 -50.05 16.44
CA ARG F 55 -15.53 -49.01 16.91
C ARG F 55 -15.39 -47.76 16.04
N ALA F 56 -14.24 -47.64 15.36
CA ALA F 56 -13.88 -46.40 14.69
C ALA F 56 -13.61 -46.63 13.21
N PHE F 57 -13.78 -45.56 12.41
CA PHE F 57 -13.33 -45.56 11.04
C PHE F 57 -11.81 -45.36 11.05
N SER F 58 -11.38 -44.18 11.49
CA SER F 58 -9.97 -43.94 11.79
C SER F 58 -9.82 -42.64 12.59
N ALA F 59 -9.02 -42.73 13.67
CA ALA F 59 -8.69 -41.60 14.53
C ALA F 59 -7.56 -40.76 13.94
N GLY F 60 -7.16 -41.03 12.70
CA GLY F 60 -6.14 -40.20 12.05
C GLY F 60 -4.74 -40.68 12.42
N GLN F 61 -3.75 -39.84 12.09
CA GLN F 61 -2.34 -40.11 12.31
C GLN F 61 -2.15 -40.63 13.73
N ASP F 62 -1.44 -41.77 13.85
CA ASP F 62 -1.02 -42.33 15.12
C ASP F 62 0.05 -41.43 15.76
N LEU F 63 -0.28 -40.83 16.91
CA LEU F 63 0.60 -39.83 17.48
C LEU F 63 1.67 -40.48 18.36
N THR F 64 1.86 -41.80 18.20
CA THR F 64 2.84 -42.58 18.94
C THR F 64 3.86 -43.20 17.98
N GLU F 65 3.88 -42.72 16.73
CA GLU F 65 4.96 -42.88 15.77
C GLU F 65 6.16 -43.60 16.39
N ALA F 75 7.92 -34.49 4.01
CA ALA F 75 8.82 -35.66 4.16
C ALA F 75 7.96 -36.92 4.11
N HIS F 76 7.28 -37.19 5.23
CA HIS F 76 6.33 -38.28 5.35
C HIS F 76 4.98 -37.85 4.75
N LEU F 77 4.82 -36.54 4.50
CA LEU F 77 3.65 -36.03 3.85
C LEU F 77 3.56 -36.57 2.43
N ARG F 78 4.69 -36.83 1.78
CA ARG F 78 4.70 -37.42 0.45
C ARG F 78 3.99 -38.79 0.46
N ARG F 79 4.07 -39.50 1.59
CA ARG F 79 3.44 -40.81 1.73
C ARG F 79 1.91 -40.68 1.72
N TYR F 80 1.36 -39.76 2.53
CA TYR F 80 -0.08 -39.50 2.51
C TYR F 80 -0.56 -39.15 1.10
N ASN F 81 0.19 -38.25 0.44
CA ASN F 81 -0.16 -37.69 -0.85
C ASN F 81 -0.25 -38.79 -1.90
N ARG F 82 0.67 -39.77 -1.84
CA ARG F 82 0.64 -40.86 -2.79
C ARG F 82 -0.65 -41.66 -2.64
N VAL F 83 -1.04 -41.95 -1.40
CA VAL F 83 -2.29 -42.64 -1.12
C VAL F 83 -3.48 -41.82 -1.63
N VAL F 84 -3.43 -40.49 -1.45
CA VAL F 84 -4.57 -39.69 -1.86
C VAL F 84 -4.67 -39.69 -3.39
N GLU F 85 -3.53 -39.56 -4.10
CA GLU F 85 -3.52 -39.62 -5.55
C GLU F 85 -4.13 -40.94 -6.01
N ALA F 86 -3.79 -42.00 -5.29
CA ALA F 86 -4.35 -43.31 -5.64
C ALA F 86 -5.85 -43.41 -5.33
N LEU F 87 -6.29 -42.92 -4.15
CA LEU F 87 -7.70 -42.92 -3.77
C LEU F 87 -8.52 -42.12 -4.79
N SER F 88 -8.08 -40.89 -5.07
CA SER F 88 -8.82 -39.90 -5.83
C SER F 88 -8.85 -40.29 -7.31
N GLY F 89 -7.81 -40.99 -7.79
CA GLY F 89 -7.64 -41.27 -9.21
C GLY F 89 -8.13 -42.65 -9.61
N LEU F 90 -8.81 -43.34 -8.67
CA LEU F 90 -9.45 -44.62 -8.89
C LEU F 90 -10.39 -44.46 -10.09
N GLU F 91 -10.26 -45.36 -11.08
CA GLU F 91 -11.08 -45.25 -12.26
C GLU F 91 -12.31 -46.15 -12.14
N LYS F 92 -13.00 -46.00 -11.01
CA LYS F 92 -13.96 -46.93 -10.45
C LYS F 92 -14.65 -46.23 -9.27
N PRO F 93 -15.98 -46.34 -9.12
CA PRO F 93 -16.64 -45.73 -7.97
C PRO F 93 -16.07 -46.28 -6.66
N LEU F 94 -15.89 -45.38 -5.68
CA LEU F 94 -15.46 -45.76 -4.34
C LEU F 94 -16.59 -45.46 -3.37
N VAL F 95 -17.03 -46.48 -2.63
CA VAL F 95 -17.99 -46.27 -1.56
C VAL F 95 -17.22 -46.29 -0.27
N VAL F 96 -17.59 -45.41 0.67
CA VAL F 96 -16.99 -45.40 1.98
C VAL F 96 -18.08 -45.61 3.04
N ALA F 97 -17.81 -46.55 3.95
CA ALA F 97 -18.70 -46.82 5.06
C ALA F 97 -18.02 -46.42 6.37
N VAL F 98 -18.46 -45.31 6.94
CA VAL F 98 -17.86 -44.73 8.14
C VAL F 98 -18.57 -45.31 9.35
N ASN F 99 -17.89 -46.25 10.02
CA ASN F 99 -18.52 -47.14 10.98
C ASN F 99 -18.35 -46.59 12.38
N GLY F 100 -17.53 -45.54 12.49
CA GLY F 100 -17.28 -44.91 13.78
C GLY F 100 -16.57 -43.58 13.57
N VAL F 101 -15.79 -43.16 14.56
CA VAL F 101 -15.18 -41.84 14.51
C VAL F 101 -14.19 -41.76 13.35
N ALA F 102 -14.26 -40.61 12.65
CA ALA F 102 -13.31 -40.21 11.63
C ALA F 102 -12.72 -38.86 12.03
N ALA F 103 -11.43 -38.87 12.40
CA ALA F 103 -10.72 -37.70 12.89
C ALA F 103 -9.45 -37.48 12.07
N GLY F 104 -9.02 -36.22 11.93
CA GLY F 104 -7.81 -35.89 11.19
C GLY F 104 -7.79 -36.52 9.79
N ALA F 105 -6.69 -37.17 9.43
CA ALA F 105 -6.55 -37.75 8.10
C ALA F 105 -7.54 -38.91 7.94
N GLY F 106 -8.05 -39.39 9.08
CA GLY F 106 -9.14 -40.35 9.07
C GLY F 106 -10.38 -39.77 8.40
N MET F 107 -10.71 -38.52 8.77
CA MET F 107 -11.77 -37.76 8.12
C MET F 107 -11.40 -37.52 6.66
N SER F 108 -10.14 -37.11 6.40
CA SER F 108 -9.69 -36.92 5.03
C SER F 108 -9.99 -38.15 4.18
N LEU F 109 -9.59 -39.33 4.66
CA LEU F 109 -9.76 -40.54 3.88
C LEU F 109 -11.23 -40.82 3.65
N ALA F 110 -12.05 -40.67 4.72
CA ALA F 110 -13.47 -40.97 4.60
C ALA F 110 -14.10 -40.14 3.48
N LEU F 111 -13.66 -38.87 3.36
CA LEU F 111 -14.34 -37.91 2.51
C LEU F 111 -14.01 -38.14 1.03
N TRP F 112 -13.06 -39.03 0.73
CA TRP F 112 -12.67 -39.33 -0.64
C TRP F 112 -13.63 -40.33 -1.28
N GLY F 113 -14.53 -40.90 -0.49
CA GLY F 113 -15.60 -41.70 -1.08
C GLY F 113 -16.38 -40.86 -2.09
N ASP F 114 -16.77 -41.48 -3.20
CA ASP F 114 -17.69 -40.83 -4.14
C ASP F 114 -19.10 -40.93 -3.55
N LEU F 115 -19.38 -42.08 -2.93
CA LEU F 115 -20.61 -42.22 -2.15
C LEU F 115 -20.23 -42.57 -0.72
N ARG F 116 -20.85 -41.90 0.25
CA ARG F 116 -20.41 -42.00 1.62
C ARG F 116 -21.61 -42.28 2.52
N LEU F 117 -21.48 -43.34 3.33
CA LEU F 117 -22.48 -43.77 4.28
C LEU F 117 -21.84 -43.76 5.66
N ALA F 118 -22.60 -43.32 6.66
CA ALA F 118 -22.13 -43.35 8.03
C ALA F 118 -23.14 -44.11 8.90
N ALA F 119 -22.60 -44.75 9.94
CA ALA F 119 -23.41 -45.37 10.98
C ALA F 119 -24.02 -44.27 11.85
N VAL F 120 -25.25 -44.49 12.33
CA VAL F 120 -25.83 -43.58 13.29
C VAL F 120 -24.84 -43.05 14.34
N GLY F 121 -24.00 -43.88 14.98
CA GLY F 121 -23.15 -43.38 16.05
C GLY F 121 -21.76 -42.96 15.59
N ALA F 122 -21.54 -42.91 14.28
CA ALA F 122 -20.29 -42.36 13.74
C ALA F 122 -20.22 -40.87 14.02
N SER F 123 -19.02 -40.30 13.83
CA SER F 123 -18.80 -38.89 14.13
C SER F 123 -17.55 -38.41 13.39
N PHE F 124 -17.38 -37.07 13.31
CA PHE F 124 -16.39 -36.47 12.44
C PHE F 124 -15.78 -35.29 13.16
N THR F 125 -14.45 -35.24 13.20
CA THR F 125 -13.75 -34.10 13.73
C THR F 125 -12.47 -33.88 12.91
N THR F 126 -12.23 -32.62 12.54
CA THR F 126 -11.06 -32.27 11.76
C THR F 126 -9.80 -32.57 12.55
N ALA F 127 -9.79 -32.16 13.84
CA ALA F 127 -8.77 -32.55 14.81
C ALA F 127 -7.46 -31.81 14.59
N PHE F 128 -7.02 -31.65 13.32
CA PHE F 128 -5.71 -31.09 13.03
C PHE F 128 -5.31 -29.93 13.95
N VAL F 129 -6.19 -28.94 14.09
CA VAL F 129 -5.83 -27.67 14.71
C VAL F 129 -5.55 -27.87 16.20
N ARG F 130 -6.17 -28.88 16.81
CA ARG F 130 -6.03 -29.18 18.22
C ARG F 130 -4.59 -29.57 18.54
N ILE F 131 -3.83 -30.06 17.53
CA ILE F 131 -2.44 -30.43 17.76
C ILE F 131 -1.53 -29.45 17.03
N GLY F 132 -2.08 -28.28 16.71
CA GLY F 132 -1.35 -27.19 16.11
C GLY F 132 -0.93 -27.45 14.66
N LEU F 133 -1.70 -28.28 13.93
CA LEU F 133 -1.43 -28.60 12.54
C LEU F 133 -2.50 -28.05 11.61
N VAL F 134 -2.19 -28.02 10.31
CA VAL F 134 -3.13 -27.66 9.26
C VAL F 134 -3.73 -28.94 8.67
N PRO F 135 -4.86 -28.87 7.91
CA PRO F 135 -5.44 -30.07 7.33
C PRO F 135 -4.54 -30.64 6.24
N ASN F 136 -4.54 -31.97 6.12
CA ASN F 136 -3.69 -32.67 5.16
C ASN F 136 -4.49 -33.80 4.50
N SER F 137 -3.82 -34.58 3.64
CA SER F 137 -4.47 -35.70 2.95
C SER F 137 -5.68 -35.21 2.15
N GLY F 138 -5.63 -33.94 1.71
CA GLY F 138 -6.57 -33.38 0.77
C GLY F 138 -7.77 -32.71 1.43
N LEU F 139 -7.76 -32.57 2.77
CA LEU F 139 -8.95 -32.08 3.44
C LEU F 139 -9.21 -30.61 3.11
N SER F 140 -8.13 -29.84 2.93
CA SER F 140 -8.27 -28.43 2.57
C SER F 140 -8.89 -28.30 1.18
N PHE F 141 -8.68 -29.33 0.35
CA PHE F 141 -9.26 -29.43 -0.99
C PHE F 141 -10.73 -29.85 -0.88
N LEU F 142 -10.98 -30.99 -0.23
CA LEU F 142 -12.28 -31.62 -0.28
C LEU F 142 -13.33 -30.83 0.52
N LEU F 143 -12.96 -30.40 1.72
CA LEU F 143 -13.94 -29.93 2.69
C LEU F 143 -14.73 -28.72 2.16
N PRO F 144 -14.06 -27.63 1.70
CA PRO F 144 -14.77 -26.45 1.21
C PRO F 144 -15.65 -26.81 0.02
N ARG F 145 -15.18 -27.74 -0.86
CA ARG F 145 -15.98 -28.20 -1.97
C ARG F 145 -17.24 -28.93 -1.46
N LEU F 146 -17.11 -29.76 -0.43
CA LEU F 146 -18.18 -30.63 0.01
C LEU F 146 -19.25 -29.85 0.80
N VAL F 147 -18.85 -28.92 1.67
CA VAL F 147 -19.83 -28.36 2.60
C VAL F 147 -19.87 -26.84 2.47
N GLY F 148 -18.99 -26.29 1.61
CA GLY F 148 -18.94 -24.85 1.37
C GLY F 148 -17.95 -24.18 2.30
N LEU F 149 -17.51 -22.97 1.92
CA LEU F 149 -16.45 -22.30 2.67
C LEU F 149 -16.87 -21.99 4.11
N ALA F 150 -18.15 -21.59 4.30
CA ALA F 150 -18.60 -21.13 5.62
C ALA F 150 -18.45 -22.24 6.65
N LYS F 151 -18.92 -23.47 6.31
CA LYS F 151 -18.85 -24.59 7.23
C LYS F 151 -17.42 -25.09 7.34
N ALA F 152 -16.66 -24.99 6.25
CA ALA F 152 -15.26 -25.42 6.27
C ALA F 152 -14.49 -24.65 7.33
N GLN F 153 -14.62 -23.31 7.32
CA GLN F 153 -13.97 -22.42 8.26
C GLN F 153 -14.26 -22.87 9.68
N GLU F 154 -15.54 -23.06 10.01
CA GLU F 154 -15.95 -23.43 11.36
C GLU F 154 -15.41 -24.81 11.71
N LEU F 155 -15.61 -25.80 10.81
CA LEU F 155 -15.20 -27.16 11.11
C LEU F 155 -13.69 -27.24 11.33
N LEU F 156 -12.94 -26.50 10.52
CA LEU F 156 -11.48 -26.55 10.58
C LEU F 156 -10.94 -25.75 11.76
N LEU F 157 -11.46 -24.52 11.97
CA LEU F 157 -10.80 -23.65 12.94
C LEU F 157 -11.20 -24.01 14.36
N LEU F 158 -12.42 -24.54 14.56
CA LEU F 158 -12.92 -24.80 15.90
C LEU F 158 -12.90 -26.29 16.21
N SER F 159 -12.74 -27.11 15.17
CA SER F 159 -12.69 -28.56 15.30
C SER F 159 -13.81 -29.11 16.20
N PRO F 160 -15.10 -28.79 15.98
CA PRO F 160 -16.17 -29.48 16.70
C PRO F 160 -16.28 -30.96 16.30
N ARG F 161 -16.93 -31.74 17.13
CA ARG F 161 -17.26 -33.12 16.79
C ARG F 161 -18.67 -33.14 16.21
N LEU F 162 -18.80 -33.52 14.95
CA LEU F 162 -20.10 -33.59 14.29
C LEU F 162 -20.64 -35.02 14.39
N SER F 163 -21.96 -35.12 14.59
CA SER F 163 -22.64 -36.41 14.62
C SER F 163 -22.93 -36.85 13.19
N ALA F 164 -23.39 -38.09 13.03
CA ALA F 164 -23.70 -38.60 11.70
C ALA F 164 -24.85 -37.81 11.07
N GLU F 165 -25.88 -37.44 11.86
CA GLU F 165 -27.03 -36.74 11.32
C GLU F 165 -26.64 -35.33 10.87
N GLU F 166 -25.74 -34.67 11.61
CA GLU F 166 -25.28 -33.36 11.17
C GLU F 166 -24.41 -33.49 9.93
N ALA F 167 -23.57 -34.54 9.89
CA ALA F 167 -22.73 -34.80 8.72
C ALA F 167 -23.59 -34.99 7.47
N LEU F 168 -24.73 -35.69 7.63
CA LEU F 168 -25.69 -35.89 6.54
C LEU F 168 -26.25 -34.54 6.05
N ALA F 169 -26.60 -33.66 7.00
CA ALA F 169 -27.18 -32.38 6.66
C ALA F 169 -26.18 -31.52 5.87
N LEU F 170 -24.89 -31.59 6.23
CA LEU F 170 -23.86 -30.78 5.60
C LEU F 170 -23.40 -31.36 4.27
N GLY F 171 -23.76 -32.63 3.97
CA GLY F 171 -23.26 -33.29 2.77
C GLY F 171 -21.98 -34.08 3.00
N LEU F 172 -21.45 -34.11 4.24
CA LEU F 172 -20.29 -34.94 4.54
C LEU F 172 -20.56 -36.41 4.22
N VAL F 173 -21.82 -36.86 4.43
CA VAL F 173 -22.17 -38.22 4.05
C VAL F 173 -23.50 -38.14 3.29
N HIS F 174 -23.82 -39.19 2.52
CA HIS F 174 -24.99 -39.19 1.66
C HIS F 174 -26.12 -39.97 2.30
N ARG F 175 -25.80 -40.82 3.29
CA ARG F 175 -26.80 -41.68 3.90
C ARG F 175 -26.32 -42.12 5.30
N VAL F 176 -27.27 -42.18 6.25
CA VAL F 176 -27.01 -42.58 7.61
C VAL F 176 -27.80 -43.87 7.89
N VAL F 177 -27.16 -44.85 8.55
CA VAL F 177 -27.73 -46.18 8.71
C VAL F 177 -27.31 -46.73 10.06
N PRO F 178 -28.15 -47.53 10.77
CA PRO F 178 -27.71 -48.16 12.03
C PRO F 178 -26.45 -48.99 11.81
N ALA F 179 -25.54 -48.96 12.81
CA ALA F 179 -24.22 -49.60 12.76
C ALA F 179 -24.27 -51.00 12.16
N GLU F 180 -25.23 -51.81 12.62
CA GLU F 180 -25.26 -53.23 12.32
C GLU F 180 -25.69 -53.46 10.89
N LYS F 181 -26.24 -52.41 10.25
CA LYS F 181 -26.71 -52.54 8.87
C LYS F 181 -25.80 -51.82 7.88
N LEU F 182 -24.79 -51.11 8.38
CA LEU F 182 -24.00 -50.20 7.55
C LEU F 182 -23.33 -50.97 6.43
N MET F 183 -22.63 -52.06 6.77
CA MET F 183 -21.90 -52.82 5.77
C MET F 183 -22.84 -53.43 4.74
N GLU F 184 -24.04 -53.86 5.19
CA GLU F 184 -24.98 -54.48 4.31
C GLU F 184 -25.43 -53.46 3.26
N GLU F 185 -25.72 -52.22 3.69
CA GLU F 185 -26.17 -51.17 2.78
C GLU F 185 -25.02 -50.68 1.89
N ALA F 186 -23.84 -50.49 2.50
CA ALA F 186 -22.70 -50.00 1.75
C ALA F 186 -22.32 -50.99 0.64
N LEU F 187 -22.23 -52.28 0.99
CA LEU F 187 -21.86 -53.33 0.06
C LEU F 187 -22.94 -53.47 -1.03
N SER F 188 -24.19 -53.30 -0.63
CA SER F 188 -25.30 -53.39 -1.57
C SER F 188 -25.21 -52.26 -2.61
N LEU F 189 -24.87 -51.05 -2.15
CA LEU F 189 -24.65 -49.93 -3.04
C LEU F 189 -23.45 -50.20 -3.96
N ALA F 190 -22.35 -50.68 -3.36
CA ALA F 190 -21.13 -50.96 -4.11
C ALA F 190 -21.40 -52.01 -5.20
N LYS F 191 -22.23 -53.02 -4.88
CA LYS F 191 -22.52 -54.10 -5.83
C LYS F 191 -23.30 -53.53 -7.02
N GLU F 192 -24.25 -52.63 -6.74
CA GLU F 192 -25.04 -52.00 -7.78
C GLU F 192 -24.14 -51.15 -8.69
N LEU F 193 -23.26 -50.35 -8.07
CA LEU F 193 -22.33 -49.55 -8.84
C LEU F 193 -21.40 -50.47 -9.66
N ALA F 194 -21.10 -51.66 -9.14
CA ALA F 194 -20.20 -52.59 -9.79
C ALA F 194 -20.83 -53.16 -11.07
N GLN F 195 -22.16 -53.01 -11.23
CA GLN F 195 -22.89 -53.44 -12.41
C GLN F 195 -23.03 -52.30 -13.41
N GLY F 196 -22.71 -51.08 -12.99
CA GLY F 196 -22.97 -49.90 -13.79
C GLY F 196 -21.82 -49.54 -14.71
N PRO F 197 -21.92 -48.41 -15.44
CA PRO F 197 -20.93 -48.08 -16.48
C PRO F 197 -19.63 -47.52 -15.92
N THR F 198 -18.71 -48.43 -15.58
CA THR F 198 -17.48 -48.08 -14.88
C THR F 198 -16.72 -46.93 -15.56
N ARG F 199 -16.67 -46.94 -16.90
CA ARG F 199 -15.96 -45.88 -17.61
C ARG F 199 -16.66 -44.54 -17.40
N ALA F 200 -17.99 -44.52 -17.48
CA ALA F 200 -18.72 -43.28 -17.27
C ALA F 200 -18.44 -42.77 -15.85
N TYR F 201 -18.42 -43.68 -14.87
CA TYR F 201 -18.09 -43.32 -13.49
C TYR F 201 -16.69 -42.68 -13.43
N ALA F 202 -15.68 -43.38 -13.99
CA ALA F 202 -14.30 -42.91 -13.93
C ALA F 202 -14.16 -41.51 -14.53
N LEU F 203 -14.81 -41.29 -15.69
CA LEU F 203 -14.59 -40.03 -16.41
C LEU F 203 -15.38 -38.87 -15.77
N THR F 204 -16.56 -39.18 -15.22
CA THR F 204 -17.31 -38.22 -14.42
C THR F 204 -16.45 -37.75 -13.24
N LYS F 205 -15.71 -38.67 -12.61
CA LYS F 205 -14.87 -38.30 -11.49
C LYS F 205 -13.72 -37.40 -11.91
N LYS F 206 -13.18 -37.63 -13.12
CA LYS F 206 -12.11 -36.79 -13.64
C LYS F 206 -12.64 -35.38 -13.83
N LEU F 207 -13.88 -35.25 -14.31
CA LEU F 207 -14.45 -33.90 -14.50
C LEU F 207 -14.69 -33.23 -13.14
N LEU F 208 -15.15 -33.98 -12.14
CA LEU F 208 -15.44 -33.39 -10.83
C LEU F 208 -14.16 -32.92 -10.17
N LEU F 209 -13.09 -33.69 -10.34
CA LEU F 209 -11.81 -33.36 -9.72
C LEU F 209 -11.28 -32.03 -10.27
N GLU F 210 -11.63 -31.67 -11.52
CA GLU F 210 -11.02 -30.51 -12.17
C GLU F 210 -11.93 -29.28 -12.14
N THR F 211 -13.21 -29.46 -11.82
CA THR F 211 -14.22 -28.50 -12.23
C THR F 211 -13.94 -27.08 -11.70
N TYR F 212 -13.50 -26.94 -10.44
CA TYR F 212 -13.49 -25.65 -9.78
C TYR F 212 -12.39 -24.73 -10.31
N ARG F 213 -11.31 -25.29 -10.88
CA ARG F 213 -10.23 -24.44 -11.32
C ARG F 213 -10.34 -24.09 -12.81
N LEU F 214 -11.38 -24.59 -13.48
CA LEU F 214 -11.52 -24.41 -14.92
C LEU F 214 -12.48 -23.26 -15.24
N SER F 215 -12.17 -22.52 -16.30
CA SER F 215 -13.13 -21.60 -16.90
C SER F 215 -14.22 -22.42 -17.59
N LEU F 216 -15.37 -21.81 -17.85
CA LEU F 216 -16.39 -22.49 -18.62
C LEU F 216 -15.80 -23.01 -19.92
N THR F 217 -15.06 -22.16 -20.65
CA THR F 217 -14.51 -22.56 -21.94
C THR F 217 -13.72 -23.87 -21.80
N GLU F 218 -12.79 -23.92 -20.82
CA GLU F 218 -12.00 -25.13 -20.68
C GLU F 218 -12.85 -26.29 -20.18
N ALA F 219 -13.86 -25.99 -19.35
CA ALA F 219 -14.74 -27.06 -18.88
C ALA F 219 -15.44 -27.73 -20.05
N LEU F 220 -15.95 -26.90 -20.99
CA LEU F 220 -16.62 -27.41 -22.17
C LEU F 220 -15.65 -28.22 -23.02
N ALA F 221 -14.39 -27.77 -23.13
CA ALA F 221 -13.43 -28.52 -23.93
C ALA F 221 -13.16 -29.90 -23.32
N LEU F 222 -12.97 -29.95 -21.99
CA LEU F 222 -12.67 -31.24 -21.35
C LEU F 222 -13.88 -32.18 -21.44
N GLU F 223 -15.09 -31.63 -21.26
CA GLU F 223 -16.30 -32.41 -21.40
C GLU F 223 -16.34 -33.04 -22.79
N ALA F 224 -16.00 -32.26 -23.83
CA ALA F 224 -15.99 -32.76 -25.20
C ALA F 224 -14.99 -33.90 -25.33
N VAL F 225 -13.76 -33.71 -24.83
CA VAL F 225 -12.77 -34.75 -24.98
C VAL F 225 -13.25 -36.04 -24.30
N LEU F 226 -13.73 -35.92 -23.05
CA LEU F 226 -14.06 -37.10 -22.28
C LEU F 226 -15.37 -37.72 -22.77
N GLN F 227 -16.29 -36.88 -23.27
CA GLN F 227 -17.53 -37.39 -23.85
C GLN F 227 -17.21 -38.18 -25.11
N GLY F 228 -16.22 -37.68 -25.88
CA GLY F 228 -15.68 -38.36 -27.05
C GLY F 228 -15.28 -39.79 -26.72
N GLN F 229 -14.56 -39.95 -25.59
CA GLN F 229 -14.09 -41.26 -25.15
C GLN F 229 -15.26 -42.11 -24.64
N ALA F 230 -16.15 -41.51 -23.83
CA ALA F 230 -17.29 -42.27 -23.32
C ALA F 230 -18.11 -42.80 -24.49
N GLY F 231 -18.19 -41.97 -25.55
CA GLY F 231 -18.99 -42.26 -26.74
C GLY F 231 -18.51 -43.51 -27.49
N GLN F 232 -17.26 -43.93 -27.28
CA GLN F 232 -16.67 -45.05 -28.02
C GLN F 232 -16.54 -46.28 -27.14
N THR F 233 -17.22 -46.28 -26.00
CA THR F 233 -17.25 -47.45 -25.12
C THR F 233 -18.37 -48.39 -25.58
N GLN F 234 -18.24 -49.69 -25.26
CA GLN F 234 -19.33 -50.62 -25.53
C GLN F 234 -20.55 -50.24 -24.70
N ASP F 235 -20.29 -49.78 -23.47
CA ASP F 235 -21.34 -49.46 -22.52
C ASP F 235 -22.28 -48.39 -23.07
N HIS F 236 -21.73 -47.45 -23.87
CA HIS F 236 -22.59 -46.41 -24.42
C HIS F 236 -23.51 -46.97 -25.50
N GLU F 237 -22.95 -47.81 -26.37
CA GLU F 237 -23.71 -48.53 -27.38
C GLU F 237 -24.86 -49.26 -26.68
N GLU F 238 -24.49 -50.06 -25.67
CA GLU F 238 -25.43 -50.79 -24.84
C GLU F 238 -26.47 -49.84 -24.22
N GLY F 239 -26.01 -48.68 -23.73
CA GLY F 239 -26.90 -47.75 -23.06
C GLY F 239 -28.00 -47.23 -23.99
N VAL F 240 -27.60 -46.87 -25.22
CA VAL F 240 -28.52 -46.33 -26.21
C VAL F 240 -29.47 -47.44 -26.65
N ARG F 241 -28.91 -48.64 -26.87
CA ARG F 241 -29.71 -49.77 -27.30
C ARG F 241 -30.78 -50.07 -26.26
N ALA F 242 -30.35 -50.08 -24.99
CA ALA F 242 -31.24 -50.37 -23.88
C ALA F 242 -32.43 -49.41 -23.89
N PHE F 243 -32.16 -48.11 -24.09
CA PHE F 243 -33.24 -47.14 -24.02
C PHE F 243 -34.25 -47.38 -25.15
N ARG F 244 -33.74 -47.65 -26.36
CA ARG F 244 -34.58 -47.91 -27.52
C ARG F 244 -35.49 -49.11 -27.28
N GLU F 245 -34.92 -50.22 -26.82
CA GLU F 245 -35.70 -51.44 -26.56
C GLU F 245 -36.11 -51.49 -25.08
N LYS F 246 -37.10 -50.68 -24.71
CA LYS F 246 -37.44 -50.31 -23.35
C LYS F 246 -37.11 -51.38 -22.31
N ARG F 247 -35.81 -51.65 -22.10
CA ARG F 247 -35.32 -52.63 -21.13
C ARG F 247 -34.14 -52.02 -20.37
N PRO F 248 -33.80 -52.54 -19.16
CA PRO F 248 -32.61 -52.09 -18.44
C PRO F 248 -31.32 -52.44 -19.19
N PRO F 249 -30.30 -51.55 -19.19
CA PRO F 249 -29.00 -51.86 -19.80
C PRO F 249 -28.20 -52.86 -18.98
N ARG F 250 -27.29 -53.58 -19.66
CA ARG F 250 -26.37 -54.45 -18.97
C ARG F 250 -24.96 -54.00 -19.35
N PHE F 251 -24.29 -53.37 -18.37
CA PHE F 251 -23.04 -52.69 -18.61
C PHE F 251 -21.89 -53.62 -18.24
N GLN F 252 -20.73 -53.44 -18.88
CA GLN F 252 -19.59 -54.29 -18.62
C GLN F 252 -18.41 -53.46 -18.07
N GLY F 253 -18.48 -52.13 -18.27
CA GLY F 253 -17.40 -51.26 -17.86
C GLY F 253 -16.30 -51.09 -18.90
N ARG F 254 -16.66 -51.09 -20.21
CA ARG F 254 -15.68 -50.88 -21.27
C ARG F 254 -16.33 -50.40 -22.56
#